data_1DI6
# 
_entry.id   1DI6 
# 
_audit_conform.dict_name       mmcif_pdbx.dic 
_audit_conform.dict_version    5.385 
_audit_conform.dict_location   http://mmcif.pdb.org/dictionaries/ascii/mmcif_pdbx.dic 
# 
loop_
_database_2.database_id 
_database_2.database_code 
_database_2.pdbx_database_accession 
_database_2.pdbx_DOI 
PDB   1DI6         pdb_00001di6 10.2210/pdb1di6/pdb 
RCSB  RCSB010106   ?            ?                   
WWPDB D_1000010106 ?            ?                   
# 
loop_
_pdbx_audit_revision_history.ordinal 
_pdbx_audit_revision_history.data_content_type 
_pdbx_audit_revision_history.major_revision 
_pdbx_audit_revision_history.minor_revision 
_pdbx_audit_revision_history.revision_date 
1 'Structure model' 1 0 2000-01-19 
2 'Structure model' 1 1 2008-04-27 
3 'Structure model' 1 2 2011-07-13 
4 'Structure model' 1 3 2021-11-03 
5 'Structure model' 1 4 2024-02-07 
# 
_pdbx_audit_revision_details.ordinal             1 
_pdbx_audit_revision_details.revision_ordinal    1 
_pdbx_audit_revision_details.data_content_type   'Structure model' 
_pdbx_audit_revision_details.provider            repository 
_pdbx_audit_revision_details.type                'Initial release' 
_pdbx_audit_revision_details.description         ? 
_pdbx_audit_revision_details.details             ? 
# 
loop_
_pdbx_audit_revision_group.ordinal 
_pdbx_audit_revision_group.revision_ordinal 
_pdbx_audit_revision_group.data_content_type 
_pdbx_audit_revision_group.group 
1 2 'Structure model' 'Version format compliance' 
2 3 'Structure model' 'Derived calculations'      
3 3 'Structure model' 'Version format compliance' 
4 4 'Structure model' 'Database references'       
5 4 'Structure model' 'Derived calculations'      
6 5 'Structure model' 'Data collection'           
# 
loop_
_pdbx_audit_revision_category.ordinal 
_pdbx_audit_revision_category.revision_ordinal 
_pdbx_audit_revision_category.data_content_type 
_pdbx_audit_revision_category.category 
1 4 'Structure model' database_2                   
2 4 'Structure model' pdbx_struct_special_symmetry 
3 4 'Structure model' struct_ref_seq_dif           
4 4 'Structure model' struct_site                  
5 5 'Structure model' chem_comp_atom               
6 5 'Structure model' chem_comp_bond               
# 
loop_
_pdbx_audit_revision_item.ordinal 
_pdbx_audit_revision_item.revision_ordinal 
_pdbx_audit_revision_item.data_content_type 
_pdbx_audit_revision_item.item 
1 4 'Structure model' '_database_2.pdbx_DOI'                
2 4 'Structure model' '_database_2.pdbx_database_accession' 
3 4 'Structure model' '_struct_ref_seq_dif.details'         
4 4 'Structure model' '_struct_site.pdbx_auth_asym_id'      
5 4 'Structure model' '_struct_site.pdbx_auth_comp_id'      
6 4 'Structure model' '_struct_site.pdbx_auth_seq_id'       
# 
_pdbx_database_status.status_code                     REL 
_pdbx_database_status.entry_id                        1DI6 
_pdbx_database_status.recvd_initial_deposition_date   1999-11-29 
_pdbx_database_status.deposit_site                    RCSB 
_pdbx_database_status.process_site                    RCSB 
_pdbx_database_status.SG_entry                        . 
_pdbx_database_status.pdb_format_compatible           Y 
_pdbx_database_status.status_code_mr                  ? 
_pdbx_database_status.status_code_sf                  ? 
_pdbx_database_status.status_code_cs                  ? 
_pdbx_database_status.status_code_nmr_data            ? 
_pdbx_database_status.methods_development_category    ? 
# 
loop_
_audit_author.name 
_audit_author.pdbx_ordinal 
'Liu, M.T.W.'       1 
'Wuebbens, M.M.'    2 
'Rajagopalan, K.V.' 3 
'Schindelin, H.'    4 
# 
_citation.id                        primary 
_citation.title                     
'Crystal structure of the gephyrin-related molybdenum cofactor biosynthesis protein MogA from Escherichia coli.' 
_citation.journal_abbrev            J.Biol.Chem. 
_citation.journal_volume            275 
_citation.page_first                1814 
_citation.page_last                 1822 
_citation.year                      2000 
_citation.journal_id_ASTM           JBCHA3 
_citation.country                   US 
_citation.journal_id_ISSN           0021-9258 
_citation.journal_id_CSD            0071 
_citation.book_publisher            ? 
_citation.pdbx_database_id_PubMed   10636880 
_citation.pdbx_database_id_DOI      10.1074/jbc.275.3.1814 
# 
loop_
_citation_author.citation_id 
_citation_author.name 
_citation_author.ordinal 
_citation_author.identifier_ORCID 
primary 'Liu, M.T.'         1 ? 
primary 'Wuebbens, M.M.'    2 ? 
primary 'Rajagopalan, K.V.' 3 ? 
primary 'Schindelin, H.'    4 ? 
# 
loop_
_entity.id 
_entity.type 
_entity.src_method 
_entity.pdbx_description 
_entity.formula_weight 
_entity.pdbx_number_of_molecules 
_entity.pdbx_ec 
_entity.pdbx_mutation 
_entity.pdbx_fragment 
_entity.details 
1 polymer     man 'MOLYBDENUM COFACTOR BIOSYNTHETIC ENZYME' 21200.273 1   ? N2A ? ? 
2 non-polymer syn 'SULFATE ION'                             96.063    3   ? ?   ? ? 
3 water       nat water                                     18.015    128 ? ?   ? ? 
# 
_entity_name_com.entity_id   1 
_entity_name_com.name        MOGA 
# 
_entity_poly.entity_id                      1 
_entity_poly.type                           'polypeptide(L)' 
_entity_poly.nstd_linkage                   no 
_entity_poly.nstd_monomer                   no 
_entity_poly.pdbx_seq_one_letter_code       
;MATLRIGLVSISDRASSGVYQDKGIPALEEWLTSALTTPFELETRLIPDEQAIIEQTLCELVDEMSCHLVLTTGGTGPAR
RDVTPDATLAVADREMPGFGEQMRQISLHFVPTAILSRQVGVIRKQALILNLPGQPKSIKETLEGVKDAEGNVVVHGIFA
SVPYCIQLLEGPYVETAPEVVAAFRPKSARRDVSE
;
_entity_poly.pdbx_seq_one_letter_code_can   
;MATLRIGLVSISDRASSGVYQDKGIPALEEWLTSALTTPFELETRLIPDEQAIIEQTLCELVDEMSCHLVLTTGGTGPAR
RDVTPDATLAVADREMPGFGEQMRQISLHFVPTAILSRQVGVIRKQALILNLPGQPKSIKETLEGVKDAEGNVVVHGIFA
SVPYCIQLLEGPYVETAPEVVAAFRPKSARRDVSE
;
_entity_poly.pdbx_strand_id                 A 
_entity_poly.pdbx_target_identifier         ? 
# 
loop_
_pdbx_entity_nonpoly.entity_id 
_pdbx_entity_nonpoly.name 
_pdbx_entity_nonpoly.comp_id 
2 'SULFATE ION' SO4 
3 water         HOH 
# 
loop_
_entity_poly_seq.entity_id 
_entity_poly_seq.num 
_entity_poly_seq.mon_id 
_entity_poly_seq.hetero 
1 1   MET n 
1 2   ALA n 
1 3   THR n 
1 4   LEU n 
1 5   ARG n 
1 6   ILE n 
1 7   GLY n 
1 8   LEU n 
1 9   VAL n 
1 10  SER n 
1 11  ILE n 
1 12  SER n 
1 13  ASP n 
1 14  ARG n 
1 15  ALA n 
1 16  SER n 
1 17  SER n 
1 18  GLY n 
1 19  VAL n 
1 20  TYR n 
1 21  GLN n 
1 22  ASP n 
1 23  LYS n 
1 24  GLY n 
1 25  ILE n 
1 26  PRO n 
1 27  ALA n 
1 28  LEU n 
1 29  GLU n 
1 30  GLU n 
1 31  TRP n 
1 32  LEU n 
1 33  THR n 
1 34  SER n 
1 35  ALA n 
1 36  LEU n 
1 37  THR n 
1 38  THR n 
1 39  PRO n 
1 40  PHE n 
1 41  GLU n 
1 42  LEU n 
1 43  GLU n 
1 44  THR n 
1 45  ARG n 
1 46  LEU n 
1 47  ILE n 
1 48  PRO n 
1 49  ASP n 
1 50  GLU n 
1 51  GLN n 
1 52  ALA n 
1 53  ILE n 
1 54  ILE n 
1 55  GLU n 
1 56  GLN n 
1 57  THR n 
1 58  LEU n 
1 59  CYS n 
1 60  GLU n 
1 61  LEU n 
1 62  VAL n 
1 63  ASP n 
1 64  GLU n 
1 65  MET n 
1 66  SER n 
1 67  CYS n 
1 68  HIS n 
1 69  LEU n 
1 70  VAL n 
1 71  LEU n 
1 72  THR n 
1 73  THR n 
1 74  GLY n 
1 75  GLY n 
1 76  THR n 
1 77  GLY n 
1 78  PRO n 
1 79  ALA n 
1 80  ARG n 
1 81  ARG n 
1 82  ASP n 
1 83  VAL n 
1 84  THR n 
1 85  PRO n 
1 86  ASP n 
1 87  ALA n 
1 88  THR n 
1 89  LEU n 
1 90  ALA n 
1 91  VAL n 
1 92  ALA n 
1 93  ASP n 
1 94  ARG n 
1 95  GLU n 
1 96  MET n 
1 97  PRO n 
1 98  GLY n 
1 99  PHE n 
1 100 GLY n 
1 101 GLU n 
1 102 GLN n 
1 103 MET n 
1 104 ARG n 
1 105 GLN n 
1 106 ILE n 
1 107 SER n 
1 108 LEU n 
1 109 HIS n 
1 110 PHE n 
1 111 VAL n 
1 112 PRO n 
1 113 THR n 
1 114 ALA n 
1 115 ILE n 
1 116 LEU n 
1 117 SER n 
1 118 ARG n 
1 119 GLN n 
1 120 VAL n 
1 121 GLY n 
1 122 VAL n 
1 123 ILE n 
1 124 ARG n 
1 125 LYS n 
1 126 GLN n 
1 127 ALA n 
1 128 LEU n 
1 129 ILE n 
1 130 LEU n 
1 131 ASN n 
1 132 LEU n 
1 133 PRO n 
1 134 GLY n 
1 135 GLN n 
1 136 PRO n 
1 137 LYS n 
1 138 SER n 
1 139 ILE n 
1 140 LYS n 
1 141 GLU n 
1 142 THR n 
1 143 LEU n 
1 144 GLU n 
1 145 GLY n 
1 146 VAL n 
1 147 LYS n 
1 148 ASP n 
1 149 ALA n 
1 150 GLU n 
1 151 GLY n 
1 152 ASN n 
1 153 VAL n 
1 154 VAL n 
1 155 VAL n 
1 156 HIS n 
1 157 GLY n 
1 158 ILE n 
1 159 PHE n 
1 160 ALA n 
1 161 SER n 
1 162 VAL n 
1 163 PRO n 
1 164 TYR n 
1 165 CYS n 
1 166 ILE n 
1 167 GLN n 
1 168 LEU n 
1 169 LEU n 
1 170 GLU n 
1 171 GLY n 
1 172 PRO n 
1 173 TYR n 
1 174 VAL n 
1 175 GLU n 
1 176 THR n 
1 177 ALA n 
1 178 PRO n 
1 179 GLU n 
1 180 VAL n 
1 181 VAL n 
1 182 ALA n 
1 183 ALA n 
1 184 PHE n 
1 185 ARG n 
1 186 PRO n 
1 187 LYS n 
1 188 SER n 
1 189 ALA n 
1 190 ARG n 
1 191 ARG n 
1 192 ASP n 
1 193 VAL n 
1 194 SER n 
1 195 GLU n 
# 
_entity_src_gen.entity_id                          1 
_entity_src_gen.pdbx_src_id                        1 
_entity_src_gen.pdbx_alt_source_flag               sample 
_entity_src_gen.pdbx_seq_type                      ? 
_entity_src_gen.pdbx_beg_seq_num                   ? 
_entity_src_gen.pdbx_end_seq_num                   ? 
_entity_src_gen.gene_src_common_name               ? 
_entity_src_gen.gene_src_genus                     Escherichia 
_entity_src_gen.pdbx_gene_src_gene                 ? 
_entity_src_gen.gene_src_species                   ? 
_entity_src_gen.gene_src_strain                    ? 
_entity_src_gen.gene_src_tissue                    ? 
_entity_src_gen.gene_src_tissue_fraction           ? 
_entity_src_gen.gene_src_details                   ? 
_entity_src_gen.pdbx_gene_src_fragment             ? 
_entity_src_gen.pdbx_gene_src_scientific_name      'Escherichia coli' 
_entity_src_gen.pdbx_gene_src_ncbi_taxonomy_id     562 
_entity_src_gen.pdbx_gene_src_variant              ? 
_entity_src_gen.pdbx_gene_src_cell_line            ? 
_entity_src_gen.pdbx_gene_src_atcc                 ? 
_entity_src_gen.pdbx_gene_src_organ                ? 
_entity_src_gen.pdbx_gene_src_organelle            ? 
_entity_src_gen.pdbx_gene_src_cell                 ? 
_entity_src_gen.pdbx_gene_src_cellular_location    ? 
_entity_src_gen.host_org_common_name               ? 
_entity_src_gen.pdbx_host_org_scientific_name      'Escherichia coli' 
_entity_src_gen.pdbx_host_org_ncbi_taxonomy_id     562 
_entity_src_gen.host_org_genus                     Escherichia 
_entity_src_gen.pdbx_host_org_gene                 ? 
_entity_src_gen.pdbx_host_org_organ                ? 
_entity_src_gen.host_org_species                   ? 
_entity_src_gen.pdbx_host_org_tissue               ? 
_entity_src_gen.pdbx_host_org_tissue_fraction      ? 
_entity_src_gen.pdbx_host_org_strain               ? 
_entity_src_gen.pdbx_host_org_variant              ? 
_entity_src_gen.pdbx_host_org_cell_line            ? 
_entity_src_gen.pdbx_host_org_atcc                 ? 
_entity_src_gen.pdbx_host_org_culture_collection   ? 
_entity_src_gen.pdbx_host_org_cell                 ? 
_entity_src_gen.pdbx_host_org_organelle            ? 
_entity_src_gen.pdbx_host_org_cellular_location    ? 
_entity_src_gen.pdbx_host_org_vector_type          ? 
_entity_src_gen.pdbx_host_org_vector               ? 
_entity_src_gen.host_org_details                   ? 
_entity_src_gen.expression_system_id               ? 
_entity_src_gen.plasmid_name                       PMGA15 
_entity_src_gen.plasmid_details                    ? 
_entity_src_gen.pdbx_description                   ? 
# 
loop_
_chem_comp.id 
_chem_comp.type 
_chem_comp.mon_nstd_flag 
_chem_comp.name 
_chem_comp.pdbx_synonyms 
_chem_comp.formula 
_chem_comp.formula_weight 
ALA 'L-peptide linking' y ALANINE         ? 'C3 H7 N O2'     89.093  
ARG 'L-peptide linking' y ARGININE        ? 'C6 H15 N4 O2 1' 175.209 
ASN 'L-peptide linking' y ASPARAGINE      ? 'C4 H8 N2 O3'    132.118 
ASP 'L-peptide linking' y 'ASPARTIC ACID' ? 'C4 H7 N O4'     133.103 
CYS 'L-peptide linking' y CYSTEINE        ? 'C3 H7 N O2 S'   121.158 
GLN 'L-peptide linking' y GLUTAMINE       ? 'C5 H10 N2 O3'   146.144 
GLU 'L-peptide linking' y 'GLUTAMIC ACID' ? 'C5 H9 N O4'     147.129 
GLY 'peptide linking'   y GLYCINE         ? 'C2 H5 N O2'     75.067  
HIS 'L-peptide linking' y HISTIDINE       ? 'C6 H10 N3 O2 1' 156.162 
HOH non-polymer         . WATER           ? 'H2 O'           18.015  
ILE 'L-peptide linking' y ISOLEUCINE      ? 'C6 H13 N O2'    131.173 
LEU 'L-peptide linking' y LEUCINE         ? 'C6 H13 N O2'    131.173 
LYS 'L-peptide linking' y LYSINE          ? 'C6 H15 N2 O2 1' 147.195 
MET 'L-peptide linking' y METHIONINE      ? 'C5 H11 N O2 S'  149.211 
PHE 'L-peptide linking' y PHENYLALANINE   ? 'C9 H11 N O2'    165.189 
PRO 'L-peptide linking' y PROLINE         ? 'C5 H9 N O2'     115.130 
SER 'L-peptide linking' y SERINE          ? 'C3 H7 N O3'     105.093 
SO4 non-polymer         . 'SULFATE ION'   ? 'O4 S -2'        96.063  
THR 'L-peptide linking' y THREONINE       ? 'C4 H9 N O3'     119.119 
TRP 'L-peptide linking' y TRYPTOPHAN      ? 'C11 H12 N2 O2'  204.225 
TYR 'L-peptide linking' y TYROSINE        ? 'C9 H11 N O3'    181.189 
VAL 'L-peptide linking' y VALINE          ? 'C5 H11 N O2'    117.146 
# 
loop_
_pdbx_poly_seq_scheme.asym_id 
_pdbx_poly_seq_scheme.entity_id 
_pdbx_poly_seq_scheme.seq_id 
_pdbx_poly_seq_scheme.mon_id 
_pdbx_poly_seq_scheme.ndb_seq_num 
_pdbx_poly_seq_scheme.pdb_seq_num 
_pdbx_poly_seq_scheme.auth_seq_num 
_pdbx_poly_seq_scheme.pdb_mon_id 
_pdbx_poly_seq_scheme.auth_mon_id 
_pdbx_poly_seq_scheme.pdb_strand_id 
_pdbx_poly_seq_scheme.pdb_ins_code 
_pdbx_poly_seq_scheme.hetero 
A 1 1   MET 1   1   ?   ?   ?   A . n 
A 1 2   ALA 2   2   2   ALA ALA A . n 
A 1 3   THR 3   3   3   THR THR A . n 
A 1 4   LEU 4   4   4   LEU LEU A . n 
A 1 5   ARG 5   5   5   ARG ARG A . n 
A 1 6   ILE 6   6   6   ILE ILE A . n 
A 1 7   GLY 7   7   7   GLY GLY A . n 
A 1 8   LEU 8   8   8   LEU LEU A . n 
A 1 9   VAL 9   9   9   VAL VAL A . n 
A 1 10  SER 10  10  10  SER SER A . n 
A 1 11  ILE 11  11  11  ILE ILE A . n 
A 1 12  SER 12  12  12  SER SER A . n 
A 1 13  ASP 13  13  13  ASP ASP A . n 
A 1 14  ARG 14  14  14  ARG ALA A . n 
A 1 15  ALA 15  15  ?   ?   ?   A . n 
A 1 16  SER 16  16  ?   ?   ?   A . n 
A 1 17  SER 17  17  ?   ?   ?   A . n 
A 1 18  GLY 18  18  ?   ?   ?   A . n 
A 1 19  VAL 19  19  ?   ?   ?   A . n 
A 1 20  TYR 20  20  ?   ?   ?   A . n 
A 1 21  GLN 21  21  ?   ?   ?   A . n 
A 1 22  ASP 22  22  22  ASP ASP A . n 
A 1 23  LYS 23  23  23  LYS LYS A . n 
A 1 24  GLY 24  24  24  GLY GLY A . n 
A 1 25  ILE 25  25  25  ILE ILE A . n 
A 1 26  PRO 26  26  26  PRO PRO A . n 
A 1 27  ALA 27  27  27  ALA ALA A . n 
A 1 28  LEU 28  28  28  LEU LEU A . n 
A 1 29  GLU 29  29  29  GLU GLU A . n 
A 1 30  GLU 30  30  30  GLU GLU A . n 
A 1 31  TRP 31  31  31  TRP TRP A . n 
A 1 32  LEU 32  32  32  LEU LEU A . n 
A 1 33  THR 33  33  33  THR THR A . n 
A 1 34  SER 34  34  34  SER SER A . n 
A 1 35  ALA 35  35  35  ALA ALA A . n 
A 1 36  LEU 36  36  36  LEU LEU A . n 
A 1 37  THR 37  37  37  THR THR A . n 
A 1 38  THR 38  38  38  THR THR A . n 
A 1 39  PRO 39  39  39  PRO PRO A . n 
A 1 40  PHE 40  40  40  PHE PHE A . n 
A 1 41  GLU 41  41  41  GLU GLU A . n 
A 1 42  LEU 42  42  42  LEU LEU A . n 
A 1 43  GLU 43  43  43  GLU GLU A . n 
A 1 44  THR 44  44  44  THR THR A . n 
A 1 45  ARG 45  45  45  ARG ARG A . n 
A 1 46  LEU 46  46  46  LEU LEU A . n 
A 1 47  ILE 47  47  47  ILE ILE A . n 
A 1 48  PRO 48  48  48  PRO PRO A . n 
A 1 49  ASP 49  49  49  ASP ASP A . n 
A 1 50  GLU 50  50  50  GLU GLU A . n 
A 1 51  GLN 51  51  51  GLN GLN A . n 
A 1 52  ALA 52  52  52  ALA ALA A . n 
A 1 53  ILE 53  53  53  ILE ILE A . n 
A 1 54  ILE 54  54  54  ILE ILE A . n 
A 1 55  GLU 55  55  55  GLU GLU A . n 
A 1 56  GLN 56  56  56  GLN GLN A . n 
A 1 57  THR 57  57  57  THR THR A . n 
A 1 58  LEU 58  58  58  LEU LEU A . n 
A 1 59  CYS 59  59  59  CYS CYS A . n 
A 1 60  GLU 60  60  60  GLU GLU A . n 
A 1 61  LEU 61  61  61  LEU LEU A . n 
A 1 62  VAL 62  62  62  VAL VAL A . n 
A 1 63  ASP 63  63  63  ASP ASP A . n 
A 1 64  GLU 64  64  64  GLU GLU A . n 
A 1 65  MET 65  65  65  MET MET A . n 
A 1 66  SER 66  66  66  SER SER A . n 
A 1 67  CYS 67  67  67  CYS CYS A . n 
A 1 68  HIS 68  68  68  HIS HIS A . n 
A 1 69  LEU 69  69  69  LEU LEU A . n 
A 1 70  VAL 70  70  70  VAL VAL A . n 
A 1 71  LEU 71  71  71  LEU LEU A . n 
A 1 72  THR 72  72  72  THR THR A . n 
A 1 73  THR 73  73  73  THR THR A . n 
A 1 74  GLY 74  74  74  GLY GLY A . n 
A 1 75  GLY 75  75  75  GLY GLY A . n 
A 1 76  THR 76  76  76  THR THR A . n 
A 1 77  GLY 77  77  77  GLY GLY A . n 
A 1 78  PRO 78  78  78  PRO PRO A . n 
A 1 79  ALA 79  79  79  ALA ALA A . n 
A 1 80  ARG 80  80  80  ARG ALA A . n 
A 1 81  ARG 81  81  81  ARG ARG A . n 
A 1 82  ASP 82  82  82  ASP ASP A . n 
A 1 83  VAL 83  83  83  VAL VAL A . n 
A 1 84  THR 84  84  84  THR THR A . n 
A 1 85  PRO 85  85  85  PRO PRO A . n 
A 1 86  ASP 86  86  86  ASP ASP A . n 
A 1 87  ALA 87  87  87  ALA ALA A . n 
A 1 88  THR 88  88  88  THR THR A . n 
A 1 89  LEU 89  89  89  LEU LEU A . n 
A 1 90  ALA 90  90  90  ALA ALA A . n 
A 1 91  VAL 91  91  91  VAL VAL A . n 
A 1 92  ALA 92  92  92  ALA ALA A . n 
A 1 93  ASP 93  93  93  ASP ASP A . n 
A 1 94  ARG 94  94  94  ARG ARG A . n 
A 1 95  GLU 95  95  95  GLU GLU A . n 
A 1 96  MET 96  96  96  MET MET A . n 
A 1 97  PRO 97  97  97  PRO PRO A . n 
A 1 98  GLY 98  98  98  GLY GLY A . n 
A 1 99  PHE 99  99  99  PHE PHE A . n 
A 1 100 GLY 100 100 100 GLY GLY A . n 
A 1 101 GLU 101 101 101 GLU GLU A . n 
A 1 102 GLN 102 102 102 GLN GLN A . n 
A 1 103 MET 103 103 103 MET MET A . n 
A 1 104 ARG 104 104 104 ARG ARG A . n 
A 1 105 GLN 105 105 105 GLN GLN A . n 
A 1 106 ILE 106 106 106 ILE ILE A . n 
A 1 107 SER 107 107 107 SER SER A . n 
A 1 108 LEU 108 108 108 LEU LEU A . n 
A 1 109 HIS 109 109 109 HIS HIS A . n 
A 1 110 PHE 110 110 110 PHE PHE A . n 
A 1 111 VAL 111 111 111 VAL VAL A . n 
A 1 112 PRO 112 112 112 PRO PRO A . n 
A 1 113 THR 113 113 113 THR THR A . n 
A 1 114 ALA 114 114 114 ALA ALA A . n 
A 1 115 ILE 115 115 115 ILE ILE A . n 
A 1 116 LEU 116 116 116 LEU LEU A . n 
A 1 117 SER 117 117 117 SER SER A . n 
A 1 118 ARG 118 118 118 ARG ARG A . n 
A 1 119 GLN 119 119 119 GLN GLN A . n 
A 1 120 VAL 120 120 120 VAL VAL A . n 
A 1 121 GLY 121 121 121 GLY GLY A . n 
A 1 122 VAL 122 122 122 VAL VAL A . n 
A 1 123 ILE 123 123 123 ILE ILE A . n 
A 1 124 ARG 124 124 124 ARG ARG A . n 
A 1 125 LYS 125 125 125 LYS LYS A . n 
A 1 126 GLN 126 126 126 GLN GLN A . n 
A 1 127 ALA 127 127 127 ALA ALA A . n 
A 1 128 LEU 128 128 128 LEU LEU A . n 
A 1 129 ILE 129 129 129 ILE ILE A . n 
A 1 130 LEU 130 130 130 LEU LEU A . n 
A 1 131 ASN 131 131 131 ASN ASN A . n 
A 1 132 LEU 132 132 132 LEU LEU A . n 
A 1 133 PRO 133 133 133 PRO PRO A . n 
A 1 134 GLY 134 134 134 GLY GLY A . n 
A 1 135 GLN 135 135 135 GLN ALA A . n 
A 1 136 PRO 136 136 136 PRO PRO A . n 
A 1 137 LYS 137 137 137 LYS LYS A . n 
A 1 138 SER 138 138 138 SER SER A . n 
A 1 139 ILE 139 139 139 ILE ILE A . n 
A 1 140 LYS 140 140 140 LYS LYS A . n 
A 1 141 GLU 141 141 141 GLU GLU A . n 
A 1 142 THR 142 142 142 THR THR A . n 
A 1 143 LEU 143 143 143 LEU LEU A . n 
A 1 144 GLU 144 144 144 GLU GLU A . n 
A 1 145 GLY 145 145 145 GLY GLY A . n 
A 1 146 VAL 146 146 146 VAL VAL A . n 
A 1 147 LYS 147 147 147 LYS LYS A . n 
A 1 148 ASP 148 148 148 ASP ASP A . n 
A 1 149 ALA 149 149 149 ALA ALA A . n 
A 1 150 GLU 150 150 150 GLU GLU A . n 
A 1 151 GLY 151 151 151 GLY GLY A . n 
A 1 152 ASN 152 152 152 ASN ASN A . n 
A 1 153 VAL 153 153 153 VAL VAL A . n 
A 1 154 VAL 154 154 154 VAL VAL A . n 
A 1 155 VAL 155 155 155 VAL VAL A . n 
A 1 156 HIS 156 156 156 HIS HIS A . n 
A 1 157 GLY 157 157 157 GLY GLY A . n 
A 1 158 ILE 158 158 158 ILE ILE A . n 
A 1 159 PHE 159 159 159 PHE PHE A . n 
A 1 160 ALA 160 160 160 ALA ALA A . n 
A 1 161 SER 161 161 161 SER SER A . n 
A 1 162 VAL 162 162 162 VAL VAL A . n 
A 1 163 PRO 163 163 163 PRO PRO A . n 
A 1 164 TYR 164 164 164 TYR TYR A . n 
A 1 165 CYS 165 165 165 CYS CYS A . n 
A 1 166 ILE 166 166 166 ILE ILE A . n 
A 1 167 GLN 167 167 167 GLN GLU A . n 
A 1 168 LEU 168 168 168 LEU LEU A . n 
A 1 169 LEU 169 169 169 LEU LEU A . n 
A 1 170 GLU 170 170 170 GLU GLU A . n 
A 1 171 GLY 171 171 171 GLY GLY A . n 
A 1 172 PRO 172 172 172 PRO PRO A . n 
A 1 173 TYR 173 173 173 TYR TYR A . n 
A 1 174 VAL 174 174 174 VAL VAL A . n 
A 1 175 GLU 175 175 175 GLU GLU A . n 
A 1 176 THR 176 176 176 THR THR A . n 
A 1 177 ALA 177 177 177 ALA ALA A . n 
A 1 178 PRO 178 178 178 PRO PRO A . n 
A 1 179 GLU 179 179 179 GLU GLU A . n 
A 1 180 VAL 180 180 180 VAL VAL A . n 
A 1 181 VAL 181 181 181 VAL VAL A . n 
A 1 182 ALA 182 182 182 ALA ALA A . n 
A 1 183 ALA 183 183 183 ALA ALA A . n 
A 1 184 PHE 184 184 184 PHE PHE A . n 
A 1 185 ARG 185 185 185 ARG ARG A . n 
A 1 186 PRO 186 186 186 PRO PRO A . n 
A 1 187 LYS 187 187 187 LYS ALA A . n 
A 1 188 SER 188 188 188 SER ALA A . n 
A 1 189 ALA 189 189 189 ALA ALA A . n 
A 1 190 ARG 190 190 190 ARG ARG A . n 
A 1 191 ARG 191 191 191 ARG ARG A . n 
A 1 192 ASP 192 192 ?   ?   ?   A . n 
A 1 193 VAL 193 193 ?   ?   ?   A . n 
A 1 194 SER 194 194 ?   ?   ?   A . n 
A 1 195 GLU 195 195 ?   ?   ?   A . n 
# 
loop_
_pdbx_nonpoly_scheme.asym_id 
_pdbx_nonpoly_scheme.entity_id 
_pdbx_nonpoly_scheme.mon_id 
_pdbx_nonpoly_scheme.ndb_seq_num 
_pdbx_nonpoly_scheme.pdb_seq_num 
_pdbx_nonpoly_scheme.auth_seq_num 
_pdbx_nonpoly_scheme.pdb_mon_id 
_pdbx_nonpoly_scheme.auth_mon_id 
_pdbx_nonpoly_scheme.pdb_strand_id 
_pdbx_nonpoly_scheme.pdb_ins_code 
B 2 SO4 1   201 201 SO4 SUL A . 
C 2 SO4 1   202 202 SO4 SUL A . 
D 2 SO4 1   203 203 SO4 SUL A . 
E 3 HOH 1   204 1   HOH WAT A . 
E 3 HOH 2   205 2   HOH WAT A . 
E 3 HOH 3   206 3   HOH WAT A . 
E 3 HOH 4   207 4   HOH WAT A . 
E 3 HOH 5   208 5   HOH WAT A . 
E 3 HOH 6   209 6   HOH WAT A . 
E 3 HOH 7   210 7   HOH WAT A . 
E 3 HOH 8   211 8   HOH WAT A . 
E 3 HOH 9   212 9   HOH WAT A . 
E 3 HOH 10  213 10  HOH WAT A . 
E 3 HOH 11  214 11  HOH WAT A . 
E 3 HOH 12  215 12  HOH WAT A . 
E 3 HOH 13  216 13  HOH WAT A . 
E 3 HOH 14  217 14  HOH WAT A . 
E 3 HOH 15  218 15  HOH WAT A . 
E 3 HOH 16  219 16  HOH WAT A . 
E 3 HOH 17  220 17  HOH WAT A . 
E 3 HOH 18  221 18  HOH WAT A . 
E 3 HOH 19  222 19  HOH WAT A . 
E 3 HOH 20  223 20  HOH WAT A . 
E 3 HOH 21  224 21  HOH WAT A . 
E 3 HOH 22  225 22  HOH WAT A . 
E 3 HOH 23  226 23  HOH WAT A . 
E 3 HOH 24  227 24  HOH WAT A . 
E 3 HOH 25  228 25  HOH WAT A . 
E 3 HOH 26  229 26  HOH WAT A . 
E 3 HOH 27  230 27  HOH WAT A . 
E 3 HOH 28  231 28  HOH WAT A . 
E 3 HOH 29  232 29  HOH WAT A . 
E 3 HOH 30  233 30  HOH WAT A . 
E 3 HOH 31  234 31  HOH WAT A . 
E 3 HOH 32  235 32  HOH WAT A . 
E 3 HOH 33  236 33  HOH WAT A . 
E 3 HOH 34  237 34  HOH WAT A . 
E 3 HOH 35  238 35  HOH WAT A . 
E 3 HOH 36  239 36  HOH WAT A . 
E 3 HOH 37  240 37  HOH WAT A . 
E 3 HOH 38  241 38  HOH WAT A . 
E 3 HOH 39  242 39  HOH WAT A . 
E 3 HOH 40  243 40  HOH WAT A . 
E 3 HOH 41  244 41  HOH WAT A . 
E 3 HOH 42  245 42  HOH WAT A . 
E 3 HOH 43  246 43  HOH WAT A . 
E 3 HOH 44  247 44  HOH WAT A . 
E 3 HOH 45  248 45  HOH WAT A . 
E 3 HOH 46  249 46  HOH WAT A . 
E 3 HOH 47  250 47  HOH WAT A . 
E 3 HOH 48  251 48  HOH WAT A . 
E 3 HOH 49  252 49  HOH WAT A . 
E 3 HOH 50  253 50  HOH WAT A . 
E 3 HOH 51  254 51  HOH WAT A . 
E 3 HOH 52  255 52  HOH WAT A . 
E 3 HOH 53  256 53  HOH WAT A . 
E 3 HOH 54  257 54  HOH WAT A . 
E 3 HOH 55  258 55  HOH WAT A . 
E 3 HOH 56  259 56  HOH WAT A . 
E 3 HOH 57  260 57  HOH WAT A . 
E 3 HOH 58  261 58  HOH WAT A . 
E 3 HOH 59  262 59  HOH WAT A . 
E 3 HOH 60  263 60  HOH WAT A . 
E 3 HOH 61  264 61  HOH WAT A . 
E 3 HOH 62  265 62  HOH WAT A . 
E 3 HOH 63  266 63  HOH WAT A . 
E 3 HOH 64  267 64  HOH WAT A . 
E 3 HOH 65  268 65  HOH WAT A . 
E 3 HOH 66  269 66  HOH WAT A . 
E 3 HOH 67  270 67  HOH WAT A . 
E 3 HOH 68  271 68  HOH WAT A . 
E 3 HOH 69  272 69  HOH WAT A . 
E 3 HOH 70  273 70  HOH WAT A . 
E 3 HOH 71  274 71  HOH WAT A . 
E 3 HOH 72  275 72  HOH WAT A . 
E 3 HOH 73  276 73  HOH WAT A . 
E 3 HOH 74  277 74  HOH WAT A . 
E 3 HOH 75  278 75  HOH WAT A . 
E 3 HOH 76  279 76  HOH WAT A . 
E 3 HOH 77  280 77  HOH WAT A . 
E 3 HOH 78  281 78  HOH WAT A . 
E 3 HOH 79  282 79  HOH WAT A . 
E 3 HOH 80  283 80  HOH WAT A . 
E 3 HOH 81  284 81  HOH WAT A . 
E 3 HOH 82  285 82  HOH WAT A . 
E 3 HOH 83  286 83  HOH WAT A . 
E 3 HOH 84  287 84  HOH WAT A . 
E 3 HOH 85  288 85  HOH WAT A . 
E 3 HOH 86  289 86  HOH WAT A . 
E 3 HOH 87  290 87  HOH WAT A . 
E 3 HOH 88  291 88  HOH WAT A . 
E 3 HOH 89  292 89  HOH WAT A . 
E 3 HOH 90  293 90  HOH WAT A . 
E 3 HOH 91  294 91  HOH WAT A . 
E 3 HOH 92  295 92  HOH WAT A . 
E 3 HOH 93  296 93  HOH WAT A . 
E 3 HOH 94  297 94  HOH WAT A . 
E 3 HOH 95  298 95  HOH WAT A . 
E 3 HOH 96  299 96  HOH WAT A . 
E 3 HOH 97  300 97  HOH WAT A . 
E 3 HOH 98  301 98  HOH WAT A . 
E 3 HOH 99  302 99  HOH WAT A . 
E 3 HOH 100 303 100 HOH WAT A . 
E 3 HOH 101 304 101 HOH WAT A . 
E 3 HOH 102 305 102 HOH WAT A . 
E 3 HOH 103 306 103 HOH WAT A . 
E 3 HOH 104 307 104 HOH WAT A . 
E 3 HOH 105 308 105 HOH WAT A . 
E 3 HOH 106 309 106 HOH WAT A . 
E 3 HOH 107 310 107 HOH WAT A . 
E 3 HOH 108 311 108 HOH WAT A . 
E 3 HOH 109 312 109 HOH WAT A . 
E 3 HOH 110 313 110 HOH WAT A . 
E 3 HOH 111 314 111 HOH WAT A . 
E 3 HOH 112 315 112 HOH WAT A . 
E 3 HOH 113 316 113 HOH WAT A . 
E 3 HOH 114 317 114 HOH WAT A . 
E 3 HOH 115 318 115 HOH WAT A . 
E 3 HOH 116 319 116 HOH WAT A . 
E 3 HOH 117 320 117 HOH WAT A . 
E 3 HOH 118 321 118 HOH WAT A . 
E 3 HOH 119 322 119 HOH WAT A . 
E 3 HOH 120 323 120 HOH WAT A . 
E 3 HOH 121 324 121 HOH WAT A . 
E 3 HOH 122 325 122 HOH WAT A . 
E 3 HOH 123 326 123 HOH WAT A . 
E 3 HOH 124 327 124 HOH WAT A . 
E 3 HOH 125 328 125 HOH WAT A . 
E 3 HOH 126 329 126 HOH WAT A . 
E 3 HOH 127 330 127 HOH WAT A . 
E 3 HOH 128 331 128 HOH WAT A . 
# 
loop_
_pdbx_unobs_or_zero_occ_atoms.id 
_pdbx_unobs_or_zero_occ_atoms.PDB_model_num 
_pdbx_unobs_or_zero_occ_atoms.polymer_flag 
_pdbx_unobs_or_zero_occ_atoms.occupancy_flag 
_pdbx_unobs_or_zero_occ_atoms.auth_asym_id 
_pdbx_unobs_or_zero_occ_atoms.auth_comp_id 
_pdbx_unobs_or_zero_occ_atoms.auth_seq_id 
_pdbx_unobs_or_zero_occ_atoms.PDB_ins_code 
_pdbx_unobs_or_zero_occ_atoms.auth_atom_id 
_pdbx_unobs_or_zero_occ_atoms.label_alt_id 
_pdbx_unobs_or_zero_occ_atoms.label_asym_id 
_pdbx_unobs_or_zero_occ_atoms.label_comp_id 
_pdbx_unobs_or_zero_occ_atoms.label_seq_id 
_pdbx_unobs_or_zero_occ_atoms.label_atom_id 
1  1 Y 0 A ASP 13  ? CG  ? A ASP 13  CG  
2  1 Y 0 A ASP 13  ? OD1 ? A ASP 13  OD1 
3  1 Y 0 A ASP 13  ? OD2 ? A ASP 13  OD2 
4  1 Y 1 A ARG 14  ? CG  ? A ARG 14  CG  
5  1 Y 1 A ARG 14  ? CD  ? A ARG 14  CD  
6  1 Y 1 A ARG 14  ? NE  ? A ARG 14  NE  
7  1 Y 1 A ARG 14  ? CZ  ? A ARG 14  CZ  
8  1 Y 1 A ARG 14  ? NH1 ? A ARG 14  NH1 
9  1 Y 1 A ARG 14  ? NH2 ? A ARG 14  NH2 
10 1 Y 1 A ARG 80  ? CG  ? A ARG 80  CG  
11 1 Y 1 A ARG 80  ? CD  ? A ARG 80  CD  
12 1 Y 1 A ARG 80  ? NE  ? A ARG 80  NE  
13 1 Y 1 A ARG 80  ? CZ  ? A ARG 80  CZ  
14 1 Y 1 A ARG 80  ? NH1 ? A ARG 80  NH1 
15 1 Y 1 A ARG 80  ? NH2 ? A ARG 80  NH2 
16 1 Y 1 A GLN 135 ? CG  ? A GLN 135 CG  
17 1 Y 1 A GLN 135 ? CD  ? A GLN 135 CD  
18 1 Y 1 A GLN 135 ? OE1 ? A GLN 135 OE1 
19 1 Y 1 A GLN 135 ? NE2 ? A GLN 135 NE2 
20 1 Y 0 A GLU 150 ? CG  ? A GLU 150 CG  
21 1 Y 0 A GLU 150 ? CD  ? A GLU 150 CD  
22 1 Y 0 A GLU 150 ? OE1 ? A GLU 150 OE1 
23 1 Y 0 A GLU 150 ? OE2 ? A GLU 150 OE2 
24 1 Y 1 A LYS 187 ? CG  ? A LYS 187 CG  
25 1 Y 1 A LYS 187 ? CD  ? A LYS 187 CD  
26 1 Y 1 A LYS 187 ? CE  ? A LYS 187 CE  
27 1 Y 1 A LYS 187 ? NZ  ? A LYS 187 NZ  
28 1 Y 1 A SER 188 ? OG  ? A SER 188 OG  
# 
loop_
_software.name 
_software.classification 
_software.version 
_software.citation_id 
_software.pdbx_ordinal 
SHARP     phasing          . ? 1 
REFMAC    refinement       . ? 2 
X-PLOR    refinement       . ? 3 
DENZO     'data reduction' . ? 4 
SCALEPACK 'data scaling'   . ? 5 
# 
_cell.entry_id           1DI6 
_cell.length_a           65.3 
_cell.length_b           65.3 
_cell.length_c           65.3 
_cell.angle_alpha        90.00 
_cell.angle_beta         90.00 
_cell.angle_gamma        120.00 
_cell.Z_PDB              6 
_cell.pdbx_unique_axis   ? 
# 
_symmetry.entry_id                         1DI6 
_symmetry.space_group_name_H-M             'P 63' 
_symmetry.pdbx_full_space_group_name_H-M   ? 
_symmetry.cell_setting                     ? 
_symmetry.Int_Tables_number                173 
# 
_exptl.entry_id          1DI6 
_exptl.method            'X-RAY DIFFRACTION' 
_exptl.crystals_number   1 
# 
_exptl_crystal.id                    1 
_exptl_crystal.density_meas          ? 
_exptl_crystal.density_Matthews      1.9 
_exptl_crystal.density_percent_sol   35 
_exptl_crystal.description           ? 
# 
_exptl_crystal_grow.crystal_id      1 
_exptl_crystal_grow.method          'VAPOR DIFFUSION' 
_exptl_crystal_grow.temp            295 
_exptl_crystal_grow.temp_details    ? 
_exptl_crystal_grow.pH              9 
_exptl_crystal_grow.pdbx_details    '2.0 - 2.1 M AMMONIUM SULFATE, 0.1 M BICINE pH 9.0, VAPOR DIFFUSION, temperature 295K' 
_exptl_crystal_grow.pdbx_pH_range   . 
# 
_diffrn.id                     1 
_diffrn.ambient_temp           95 
_diffrn.ambient_temp_details   ? 
_diffrn.crystal_id             1 
# 
_diffrn_detector.diffrn_id              1 
_diffrn_detector.detector               'IMAGE PLATE' 
_diffrn_detector.type                   MARRESEARCH 
_diffrn_detector.pdbx_collection_date   1998-10-17 
_diffrn_detector.details                ? 
# 
_diffrn_radiation.diffrn_id                        1 
_diffrn_radiation.wavelength_id                    1 
_diffrn_radiation.pdbx_monochromatic_or_laue_m_l   M 
_diffrn_radiation.monochromator                    ? 
_diffrn_radiation.pdbx_diffrn_protocol             'SINGLE WAVELENGTH' 
_diffrn_radiation.pdbx_scattering_type             x-ray 
# 
_diffrn_radiation_wavelength.id           1 
_diffrn_radiation_wavelength.wavelength   1.1 
_diffrn_radiation_wavelength.wt           1.0 
# 
_diffrn_source.diffrn_id                   1 
_diffrn_source.source                      SYNCHROTRON 
_diffrn_source.type                        'NSLS BEAMLINE X26C' 
_diffrn_source.pdbx_synchrotron_site       NSLS 
_diffrn_source.pdbx_synchrotron_beamline   X26C 
_diffrn_source.pdbx_wavelength             1.1 
_diffrn_source.pdbx_wavelength_list        ? 
# 
_reflns.entry_id                     1DI6 
_reflns.observed_criterion_sigma_I   0 
_reflns.observed_criterion_sigma_F   0 
_reflns.d_resolution_low             50.0 
_reflns.d_resolution_high            1.45 
_reflns.number_obs                   28109 
_reflns.number_all                   28109 
_reflns.percent_possible_obs         99.8 
_reflns.pdbx_Rmerge_I_obs            0.0650000 
_reflns.pdbx_Rsym_value              ? 
_reflns.pdbx_netI_over_sigmaI        19.40 
_reflns.B_iso_Wilson_estimate        19.50 
_reflns.pdbx_redundancy              7.35 
_reflns.R_free_details               ? 
_reflns.limit_h_max                  ? 
_reflns.limit_h_min                  ? 
_reflns.limit_k_max                  ? 
_reflns.limit_k_min                  ? 
_reflns.limit_l_max                  ? 
_reflns.limit_l_min                  ? 
_reflns.observed_criterion_F_max     ? 
_reflns.observed_criterion_F_min     ? 
_reflns.pdbx_ordinal                 1 
_reflns.pdbx_diffrn_id               1 
# 
_reflns_shell.d_res_high             1.45 
_reflns_shell.d_res_low              1.50 
_reflns_shell.percent_possible_all   100 
_reflns_shell.Rmerge_I_obs           0.4770000 
_reflns_shell.pdbx_Rsym_value        ? 
_reflns_shell.meanI_over_sigI_obs    3.30 
_reflns_shell.pdbx_redundancy        7.22 
_reflns_shell.percent_possible_obs   ? 
_reflns_shell.number_unique_all      ? 
_reflns_shell.pdbx_ordinal           1 
_reflns_shell.pdbx_diffrn_id         1 
# 
_refine.entry_id                                 1DI6 
_refine.ls_number_reflns_obs                     26654 
_refine.ls_number_reflns_all                     26654 
_refine.pdbx_ls_sigma_I                          0 
_refine.pdbx_ls_sigma_F                          0 
_refine.pdbx_data_cutoff_high_absF               ? 
_refine.pdbx_data_cutoff_low_absF                ? 
_refine.pdbx_data_cutoff_high_rms_absF           ? 
_refine.ls_d_res_low                             20.0 
_refine.ls_d_res_high                            1.45 
_refine.ls_percent_reflns_obs                    99.8 
_refine.ls_R_factor_obs                          ? 
_refine.ls_R_factor_all                          ? 
_refine.ls_R_factor_R_work                       0.1870000 
_refine.ls_R_factor_R_free                       0.2130000 
_refine.ls_R_factor_R_free_error                 ? 
_refine.ls_R_factor_R_free_error_details         ? 
_refine.ls_percent_reflns_R_free                 5.0 
_refine.ls_number_reflns_R_free                  1409 
_refine.ls_number_parameters                     ? 
_refine.ls_number_restraints                     ? 
_refine.occupancy_min                            ? 
_refine.occupancy_max                            ? 
_refine.B_iso_mean                               24.0 
_refine.aniso_B[1][1]                            ? 
_refine.aniso_B[2][2]                            ? 
_refine.aniso_B[3][3]                            ? 
_refine.aniso_B[1][2]                            ? 
_refine.aniso_B[1][3]                            ? 
_refine.aniso_B[2][3]                            ? 
_refine.solvent_model_details                    ? 
_refine.solvent_model_param_ksol                 ? 
_refine.solvent_model_param_bsol                 ? 
_refine.pdbx_ls_cross_valid_method               THROUGHOUT 
_refine.details                                  
;PARTIAL STRUCTURE FACTORS FOR BULK SOLVENT SCATTERING WERE   
CALCULATED IN X-PLOR AND INCORPORATED INTO REFMAC
;
_refine.pdbx_starting_model                      ? 
_refine.pdbx_method_to_determine_struct          MIR 
_refine.pdbx_isotropic_thermal_model             ? 
_refine.pdbx_stereochemistry_target_values       'ENGH AND HUBER' 
_refine.pdbx_stereochem_target_val_spec_case     ? 
_refine.pdbx_R_Free_selection_details            RANDOM 
_refine.pdbx_overall_ESU_R                       0.08 
_refine.pdbx_overall_ESU_R_Free                  0.08 
_refine.overall_SU_ML                            0.06 
_refine.overall_SU_B                             1.44 
_refine.ls_redundancy_reflns_obs                 ? 
_refine.B_iso_min                                ? 
_refine.B_iso_max                                ? 
_refine.pdbx_refine_id                           'X-RAY DIFFRACTION' 
_refine.pdbx_diffrn_id                           1 
_refine.pdbx_TLS_residual_ADP_flag               ? 
_refine.correlation_coeff_Fo_to_Fc               ? 
_refine.correlation_coeff_Fo_to_Fc_free          ? 
_refine.pdbx_solvent_vdw_probe_radii             ? 
_refine.pdbx_solvent_ion_probe_radii             ? 
_refine.pdbx_solvent_shrinkage_radii             ? 
_refine.pdbx_overall_phase_error                 ? 
_refine.overall_SU_R_Cruickshank_DPI             ? 
_refine.pdbx_overall_SU_R_free_Cruickshank_DPI   ? 
_refine.pdbx_overall_SU_R_Blow_DPI               ? 
_refine.pdbx_overall_SU_R_free_Blow_DPI          ? 
# 
_refine_hist.pdbx_refine_id                   'X-RAY DIFFRACTION' 
_refine_hist.cycle_id                         LAST 
_refine_hist.pdbx_number_atoms_protein        1377 
_refine_hist.pdbx_number_atoms_nucleic_acid   0 
_refine_hist.pdbx_number_atoms_ligand         15 
_refine_hist.number_atoms_solvent             128 
_refine_hist.number_atoms_total               1520 
_refine_hist.d_res_high                       1.45 
_refine_hist.d_res_low                        20.0 
# 
loop_
_refine_ls_restr.type 
_refine_ls_restr.dev_ideal 
_refine_ls_restr.dev_ideal_target 
_refine_ls_restr.weight 
_refine_ls_restr.number 
_refine_ls_restr.pdbx_refine_id 
_refine_ls_restr.pdbx_restraint_function 
p_bond_d         0.012 ? ? ? 'X-RAY DIFFRACTION' ? 
p_angle_d        0.028 ? ? ? 'X-RAY DIFFRACTION' ? 
p_planar_d       0.040 ? ? ? 'X-RAY DIFFRACTION' ? 
p_plane_restr    0.021 ? ? ? 'X-RAY DIFFRACTION' ? 
p_chiral_restr   0.105 ? ? ? 'X-RAY DIFFRACTION' ? 
p_singtor_nbd    0.170 ? ? ? 'X-RAY DIFFRACTION' ? 
p_multtor_nbd    0.256 ? ? ? 'X-RAY DIFFRACTION' ? 
p_xyhbond_nbd    0.154 ? ? ? 'X-RAY DIFFRACTION' ? 
p_planar_tor     4.1   ? ? ? 'X-RAY DIFFRACTION' ? 
p_staggered_tor  13.3  ? ? ? 'X-RAY DIFFRACTION' ? 
p_transverse_tor 17.4  ? ? ? 'X-RAY DIFFRACTION' ? 
p_mcbond_it      2.755 ? ? ? 'X-RAY DIFFRACTION' ? 
p_mcangle_it     3.767 ? ? ? 'X-RAY DIFFRACTION' ? 
p_scbond_it      4.161 ? ? ? 'X-RAY DIFFRACTION' ? 
p_scangle_it     5.638 ? ? ? 'X-RAY DIFFRACTION' ? 
# 
_refine_ls_shell.pdbx_total_number_of_bins_used   20 
_refine_ls_shell.d_res_high                       1.45 
_refine_ls_shell.d_res_low                        1.52 
_refine_ls_shell.number_reflns_R_work             3546 
_refine_ls_shell.R_factor_R_work                  0.2500000 
_refine_ls_shell.percent_reflns_obs               ? 
_refine_ls_shell.R_factor_R_free                  0.2970000 
_refine_ls_shell.R_factor_R_free_error            ? 
_refine_ls_shell.percent_reflns_R_free            5.0 
_refine_ls_shell.number_reflns_R_free             185 
_refine_ls_shell.redundancy_reflns_obs            ? 
_refine_ls_shell.number_reflns_all                ? 
_refine_ls_shell.number_reflns_obs                ? 
_refine_ls_shell.pdbx_refine_id                   'X-RAY DIFFRACTION' 
_refine_ls_shell.R_factor_all                     ? 
# 
_struct.entry_id                  1DI6 
_struct.title                     
'1.45 A CRYSTAL STRUCTURE OF THE MOLYBDENUMM COFACTOR BIOSYNTHESIS PROTEIN MOGA FROM ESCHERICHIA COLI' 
_struct.pdbx_model_details        ? 
_struct.pdbx_CASP_flag            ? 
_struct.pdbx_model_type_details   ? 
# 
_struct_keywords.entry_id        1DI6 
_struct_keywords.pdbx_keywords   'UNKNOWN FUNCTION' 
_struct_keywords.text            'MOLYBDENUM COFACTOR, MOCO, MOCO BIOSYNTHESIS, MOGA, GEPHYRIN, UNKNOWN FUNCTION' 
# 
loop_
_struct_asym.id 
_struct_asym.pdbx_blank_PDB_chainid_flag 
_struct_asym.pdbx_modified 
_struct_asym.entity_id 
_struct_asym.details 
A N N 1 ? 
B N N 2 ? 
C N N 2 ? 
D N N 2 ? 
E N N 3 ? 
# 
_struct_ref.id                         1 
_struct_ref.db_name                    UNP 
_struct_ref.db_code                    MOG_ECOLI 
_struct_ref.entity_id                  1 
_struct_ref.pdbx_db_accession          P28694 
_struct_ref.pdbx_align_begin           ? 
_struct_ref.pdbx_seq_one_letter_code   ? 
_struct_ref.pdbx_db_isoform            ? 
# 
_struct_ref_seq.align_id                      1 
_struct_ref_seq.ref_id                        1 
_struct_ref_seq.pdbx_PDB_id_code              1DI6 
_struct_ref_seq.pdbx_strand_id                A 
_struct_ref_seq.seq_align_beg                 1 
_struct_ref_seq.pdbx_seq_align_beg_ins_code   ? 
_struct_ref_seq.seq_align_end                 195 
_struct_ref_seq.pdbx_seq_align_end_ins_code   ? 
_struct_ref_seq.pdbx_db_accession             P28694 
_struct_ref_seq.db_align_beg                  1 
_struct_ref_seq.pdbx_db_align_beg_ins_code    ? 
_struct_ref_seq.db_align_end                  195 
_struct_ref_seq.pdbx_db_align_end_ins_code    ? 
_struct_ref_seq.pdbx_auth_seq_align_beg       1 
_struct_ref_seq.pdbx_auth_seq_align_end       195 
# 
_struct_ref_seq_dif.align_id                     1 
_struct_ref_seq_dif.pdbx_pdb_id_code             1DI6 
_struct_ref_seq_dif.mon_id                       ALA 
_struct_ref_seq_dif.pdbx_pdb_strand_id           A 
_struct_ref_seq_dif.seq_num                      2 
_struct_ref_seq_dif.pdbx_pdb_ins_code            ? 
_struct_ref_seq_dif.pdbx_seq_db_name             UNP 
_struct_ref_seq_dif.pdbx_seq_db_accession_code   P28694 
_struct_ref_seq_dif.db_mon_id                    ASN 
_struct_ref_seq_dif.pdbx_seq_db_seq_num          2 
_struct_ref_seq_dif.details                      'engineered mutation' 
_struct_ref_seq_dif.pdbx_auth_seq_num            2 
_struct_ref_seq_dif.pdbx_ordinal                 1 
# 
_pdbx_struct_assembly.id                   1 
_pdbx_struct_assembly.details              author_and_software_defined_assembly 
_pdbx_struct_assembly.method_details       PISA,PQS 
_pdbx_struct_assembly.oligomeric_details   trimeric 
_pdbx_struct_assembly.oligomeric_count     3 
# 
loop_
_pdbx_struct_assembly_prop.biol_id 
_pdbx_struct_assembly_prop.type 
_pdbx_struct_assembly_prop.value 
_pdbx_struct_assembly_prop.details 
1 'ABSA (A^2)' 5580  ? 
1 MORE         -107  ? 
1 'SSA (A^2)'  21780 ? 
# 
_pdbx_struct_assembly_gen.assembly_id       1 
_pdbx_struct_assembly_gen.oper_expression   1,2,3 
_pdbx_struct_assembly_gen.asym_id_list      A,B,C,D,E 
# 
loop_
_pdbx_struct_oper_list.id 
_pdbx_struct_oper_list.type 
_pdbx_struct_oper_list.name 
_pdbx_struct_oper_list.symmetry_operation 
_pdbx_struct_oper_list.matrix[1][1] 
_pdbx_struct_oper_list.matrix[1][2] 
_pdbx_struct_oper_list.matrix[1][3] 
_pdbx_struct_oper_list.vector[1] 
_pdbx_struct_oper_list.matrix[2][1] 
_pdbx_struct_oper_list.matrix[2][2] 
_pdbx_struct_oper_list.matrix[2][3] 
_pdbx_struct_oper_list.vector[2] 
_pdbx_struct_oper_list.matrix[3][1] 
_pdbx_struct_oper_list.matrix[3][2] 
_pdbx_struct_oper_list.matrix[3][3] 
_pdbx_struct_oper_list.vector[3] 
1 'identity operation'         1_555 x,y,z        1.0000000000  0.0000000000 0.0000000000  0.0000000000  0.0000000000 1.0000000000 0.0000000000  0.0000000000  0.0000000000  0.0000000000  1.0000000000  0.0000000000  
2 'crystal symmetry operation' 2_665 -y+1,x-y+1,z -0.3921398848 0.6261151842 0.6739481337  9.3450467837  0.1110372869 0.7594872647 -0.6409756748 6.4167628743  -0.9131796273 -0.1765187550 -0.3673473799 28.1988301482 
3 'crystal symmetry operation' 3_565 -x+y,-x+1,z  -0.3921398848 0.1110372869 -0.9131796273 28.7026628319 0.6261151842 0.7594872647 -0.1765187550 -5.7469029821 0.6739481337  -0.6409756748 -0.3673473799 8.1736784442 
# 
_struct_biol.id   1 
# 
loop_
_struct_conf.conf_type_id 
_struct_conf.id 
_struct_conf.pdbx_PDB_helix_id 
_struct_conf.beg_label_comp_id 
_struct_conf.beg_label_asym_id 
_struct_conf.beg_label_seq_id 
_struct_conf.pdbx_beg_PDB_ins_code 
_struct_conf.end_label_comp_id 
_struct_conf.end_label_asym_id 
_struct_conf.end_label_seq_id 
_struct_conf.pdbx_end_PDB_ins_code 
_struct_conf.beg_auth_comp_id 
_struct_conf.beg_auth_asym_id 
_struct_conf.beg_auth_seq_id 
_struct_conf.end_auth_comp_id 
_struct_conf.end_auth_asym_id 
_struct_conf.end_auth_seq_id 
_struct_conf.pdbx_PDB_helix_class 
_struct_conf.details 
_struct_conf.pdbx_PDB_helix_length 
HELX_P HELX_P1  1  LYS A 23  ? LEU A 36  ? LYS A 23  LEU A 36  1 ? 14 
HELX_P HELX_P2  2  GLU A 50  ? GLU A 64  ? GLU A 50  GLU A 64  1 ? 15 
HELX_P HELX_P3  3  VAL A 83  ? VAL A 91  ? VAL A 83  VAL A 91  1 ? 9  
HELX_P HELX_P4  4  MET A 96  ? HIS A 109 ? MET A 96  HIS A 109 1 ? 14 
HELX_P HELX_P5  5  PHE A 110 ? PHE A 110 ? PHE A 110 PHE A 110 5 ? 1  
HELX_P HELX_P6  6  VAL A 111 ? SER A 117 ? VAL A 111 SER A 117 5 ? 7  
HELX_P HELX_P7  7  GLN A 135 ? GLU A 144 ? GLN A 135 GLU A 144 1 ? 10 
HELX_P HELX_P8  8  ILE A 158 ? ALA A 160 ? ILE A 158 ALA A 160 5 ? 3  
HELX_P HELX_P9  9  SER A 161 ? LEU A 169 ? SER A 161 LEU A 169 1 ? 9  
HELX_P HELX_P10 10 PRO A 186 ? ARG A 190 ? PRO A 186 ARG A 190 5 ? 5  
# 
_struct_conf_type.id          HELX_P 
_struct_conf_type.criteria    ? 
_struct_conf_type.reference   ? 
# 
loop_
_struct_sheet.id 
_struct_sheet.type 
_struct_sheet.number_strands 
_struct_sheet.details 
A ? 6 ? 
B ? 2 ? 
# 
loop_
_struct_sheet_order.sheet_id 
_struct_sheet_order.range_id_1 
_struct_sheet_order.range_id_2 
_struct_sheet_order.offset 
_struct_sheet_order.sense 
A 1 2 ? parallel      
A 2 3 ? parallel      
A 3 4 ? parallel      
A 4 5 ? anti-parallel 
A 5 6 ? anti-parallel 
B 1 2 ? anti-parallel 
# 
loop_
_struct_sheet_range.sheet_id 
_struct_sheet_range.id 
_struct_sheet_range.beg_label_comp_id 
_struct_sheet_range.beg_label_asym_id 
_struct_sheet_range.beg_label_seq_id 
_struct_sheet_range.pdbx_beg_PDB_ins_code 
_struct_sheet_range.end_label_comp_id 
_struct_sheet_range.end_label_asym_id 
_struct_sheet_range.end_label_seq_id 
_struct_sheet_range.pdbx_end_PDB_ins_code 
_struct_sheet_range.beg_auth_comp_id 
_struct_sheet_range.beg_auth_asym_id 
_struct_sheet_range.beg_auth_seq_id 
_struct_sheet_range.end_auth_comp_id 
_struct_sheet_range.end_auth_asym_id 
_struct_sheet_range.end_auth_seq_id 
A 1 PHE A 40  ? PRO A 48  ? PHE A 40  PRO A 48  
A 2 LEU A 4   ? SER A 12  ? LEU A 4   SER A 12  
A 3 LEU A 69  ? THR A 73  ? LEU A 69  THR A 73  
A 4 ALA A 127 ? LEU A 132 ? ALA A 127 LEU A 132 
A 5 GLY A 121 ? ARG A 124 ? GLY A 121 ARG A 124 
A 6 ARG A 94  ? GLU A 95  ? ARG A 94  GLU A 95  
B 1 GLY A 145 ? LYS A 147 ? GLY A 145 LYS A 147 
B 2 VAL A 153 ? HIS A 156 ? VAL A 153 HIS A 156 
# 
loop_
_pdbx_struct_sheet_hbond.sheet_id 
_pdbx_struct_sheet_hbond.range_id_1 
_pdbx_struct_sheet_hbond.range_id_2 
_pdbx_struct_sheet_hbond.range_1_label_atom_id 
_pdbx_struct_sheet_hbond.range_1_label_comp_id 
_pdbx_struct_sheet_hbond.range_1_label_asym_id 
_pdbx_struct_sheet_hbond.range_1_label_seq_id 
_pdbx_struct_sheet_hbond.range_1_PDB_ins_code 
_pdbx_struct_sheet_hbond.range_1_auth_atom_id 
_pdbx_struct_sheet_hbond.range_1_auth_comp_id 
_pdbx_struct_sheet_hbond.range_1_auth_asym_id 
_pdbx_struct_sheet_hbond.range_1_auth_seq_id 
_pdbx_struct_sheet_hbond.range_2_label_atom_id 
_pdbx_struct_sheet_hbond.range_2_label_comp_id 
_pdbx_struct_sheet_hbond.range_2_label_asym_id 
_pdbx_struct_sheet_hbond.range_2_label_seq_id 
_pdbx_struct_sheet_hbond.range_2_PDB_ins_code 
_pdbx_struct_sheet_hbond.range_2_auth_atom_id 
_pdbx_struct_sheet_hbond.range_2_auth_comp_id 
_pdbx_struct_sheet_hbond.range_2_auth_asym_id 
_pdbx_struct_sheet_hbond.range_2_auth_seq_id 
A 1 2 N GLU A 41  ? N GLU A 41  O LEU A 4   ? O LEU A 4   
A 2 3 N GLY A 7   ? N GLY A 7   O LEU A 69  ? O LEU A 69  
A 3 4 N VAL A 70  ? N VAL A 70  O LEU A 128 ? O LEU A 128 
A 4 5 N ILE A 129 ? N ILE A 129 O VAL A 122 ? O VAL A 122 
A 5 6 N ILE A 123 ? N ILE A 123 O ARG A 94  ? O ARG A 94  
B 1 2 O VAL A 146 ? O VAL A 146 N VAL A 154 ? N VAL A 154 
# 
loop_
_struct_site.id 
_struct_site.pdbx_evidence_code 
_struct_site.pdbx_auth_asym_id 
_struct_site.pdbx_auth_comp_id 
_struct_site.pdbx_auth_seq_id 
_struct_site.pdbx_auth_ins_code 
_struct_site.pdbx_num_residues 
_struct_site.details 
AC1 Software A SO4 201 ? 8  'BINDING SITE FOR RESIDUE SO4 A 201' 
AC2 Software A SO4 202 ? 10 'BINDING SITE FOR RESIDUE SO4 A 202' 
AC3 Software A SO4 203 ? 6  'BINDING SITE FOR RESIDUE SO4 A 203' 
# 
loop_
_struct_site_gen.id 
_struct_site_gen.site_id 
_struct_site_gen.pdbx_num_res 
_struct_site_gen.label_comp_id 
_struct_site_gen.label_asym_id 
_struct_site_gen.label_seq_id 
_struct_site_gen.pdbx_auth_ins_code 
_struct_site_gen.auth_comp_id 
_struct_site_gen.auth_asym_id 
_struct_site_gen.auth_seq_id 
_struct_site_gen.label_atom_id 
_struct_site_gen.label_alt_id 
_struct_site_gen.symmetry 
_struct_site_gen.details 
1  AC1 8  GLY A 74  ? GLY A 74  . ? 1_555 ? 
2  AC1 8  GLY A 75  ? GLY A 75  . ? 1_555 ? 
3  AC1 8  THR A 76  ? THR A 76  . ? 1_555 ? 
4  AC1 8  GLY A 77  ? GLY A 77  . ? 1_555 ? 
5  AC1 8  ASP A 82  ? ASP A 82  . ? 1_555 ? 
6  AC1 8  GLY A 134 ? GLY A 134 . ? 1_555 ? 
7  AC1 8  HOH E .   ? HOH A 317 . ? 1_555 ? 
8  AC1 8  HOH E .   ? HOH A 324 . ? 1_555 ? 
9  AC2 10 ALA A 2   ? ALA A 2   . ? 1_555 ? 
10 AC2 10 GLU A 41  ? GLU A 41  . ? 3_675 ? 
11 AC2 10 LEU A 42  ? LEU A 42  . ? 3_675 ? 
12 AC2 10 PRO A 172 ? PRO A 172 . ? 1_555 ? 
13 AC2 10 TYR A 173 ? TYR A 173 . ? 1_555 ? 
14 AC2 10 ARG A 191 ? ARG A 191 . ? 1_555 ? 
15 AC2 10 HOH E .   ? HOH A 250 . ? 3_675 ? 
16 AC2 10 HOH E .   ? HOH A 264 . ? 1_555 ? 
17 AC2 10 HOH E .   ? HOH A 269 . ? 3_675 ? 
18 AC2 10 HOH E .   ? HOH A 327 . ? 1_555 ? 
19 AC3 6  THR A 3   ? THR A 3   . ? 2_765 ? 
20 AC3 6  THR A 3   ? THR A 3   . ? 3_675 ? 
21 AC3 6  THR A 3   ? THR A 3   . ? 1_555 ? 
22 AC3 6  HOH E .   ? HOH A 247 . ? 3_675 ? 
23 AC3 6  HOH E .   ? HOH A 247 . ? 1_555 ? 
24 AC3 6  HOH E .   ? HOH A 247 . ? 2_765 ? 
# 
_pdbx_validate_symm_contact.id                1 
_pdbx_validate_symm_contact.PDB_model_num     1 
_pdbx_validate_symm_contact.auth_atom_id_1    ND2 
_pdbx_validate_symm_contact.auth_asym_id_1    A 
_pdbx_validate_symm_contact.auth_comp_id_1    ASN 
_pdbx_validate_symm_contact.auth_seq_id_1     152 
_pdbx_validate_symm_contact.PDB_ins_code_1    ? 
_pdbx_validate_symm_contact.label_alt_id_1    ? 
_pdbx_validate_symm_contact.site_symmetry_1   1_555 
_pdbx_validate_symm_contact.auth_atom_id_2    O 
_pdbx_validate_symm_contact.auth_asym_id_2    A 
_pdbx_validate_symm_contact.auth_comp_id_2    HOH 
_pdbx_validate_symm_contact.auth_seq_id_2     240 
_pdbx_validate_symm_contact.PDB_ins_code_2    ? 
_pdbx_validate_symm_contact.label_alt_id_2    ? 
_pdbx_validate_symm_contact.site_symmetry_2   5_564 
_pdbx_validate_symm_contact.dist              1.91 
# 
_pdbx_validate_rmsd_bond.id                        1 
_pdbx_validate_rmsd_bond.PDB_model_num             1 
_pdbx_validate_rmsd_bond.auth_atom_id_1            CB 
_pdbx_validate_rmsd_bond.auth_asym_id_1            A 
_pdbx_validate_rmsd_bond.auth_comp_id_1            ASP 
_pdbx_validate_rmsd_bond.auth_seq_id_1             13 
_pdbx_validate_rmsd_bond.PDB_ins_code_1            ? 
_pdbx_validate_rmsd_bond.label_alt_id_1            ? 
_pdbx_validate_rmsd_bond.auth_atom_id_2            CG 
_pdbx_validate_rmsd_bond.auth_asym_id_2            A 
_pdbx_validate_rmsd_bond.auth_comp_id_2            ASP 
_pdbx_validate_rmsd_bond.auth_seq_id_2             13 
_pdbx_validate_rmsd_bond.PDB_ins_code_2            ? 
_pdbx_validate_rmsd_bond.label_alt_id_2            ? 
_pdbx_validate_rmsd_bond.bond_value                1.883 
_pdbx_validate_rmsd_bond.bond_target_value         1.513 
_pdbx_validate_rmsd_bond.bond_deviation            0.370 
_pdbx_validate_rmsd_bond.bond_standard_deviation   0.021 
_pdbx_validate_rmsd_bond.linker_flag               N 
# 
loop_
_pdbx_validate_rmsd_angle.id 
_pdbx_validate_rmsd_angle.PDB_model_num 
_pdbx_validate_rmsd_angle.auth_atom_id_1 
_pdbx_validate_rmsd_angle.auth_asym_id_1 
_pdbx_validate_rmsd_angle.auth_comp_id_1 
_pdbx_validate_rmsd_angle.auth_seq_id_1 
_pdbx_validate_rmsd_angle.PDB_ins_code_1 
_pdbx_validate_rmsd_angle.label_alt_id_1 
_pdbx_validate_rmsd_angle.auth_atom_id_2 
_pdbx_validate_rmsd_angle.auth_asym_id_2 
_pdbx_validate_rmsd_angle.auth_comp_id_2 
_pdbx_validate_rmsd_angle.auth_seq_id_2 
_pdbx_validate_rmsd_angle.PDB_ins_code_2 
_pdbx_validate_rmsd_angle.label_alt_id_2 
_pdbx_validate_rmsd_angle.auth_atom_id_3 
_pdbx_validate_rmsd_angle.auth_asym_id_3 
_pdbx_validate_rmsd_angle.auth_comp_id_3 
_pdbx_validate_rmsd_angle.auth_seq_id_3 
_pdbx_validate_rmsd_angle.PDB_ins_code_3 
_pdbx_validate_rmsd_angle.label_alt_id_3 
_pdbx_validate_rmsd_angle.angle_value 
_pdbx_validate_rmsd_angle.angle_target_value 
_pdbx_validate_rmsd_angle.angle_deviation 
_pdbx_validate_rmsd_angle.angle_standard_deviation 
_pdbx_validate_rmsd_angle.linker_flag 
1 1 CA A ASP 13  ? ? CB  A ASP 13  ? ? CG  A ASP 13  ? ? 96.62  113.40 -16.78 2.20 N 
2 1 NE A ARG 45  ? ? CZ  A ARG 45  ? ? NH2 A ARG 45  ? ? 117.29 120.30 -3.01  0.50 N 
3 1 CB A ASP 63  ? ? CG  A ASP 63  ? ? OD1 A ASP 63  ? ? 123.76 118.30 5.46   0.90 N 
4 1 NE A ARG 124 ? ? CZ  A ARG 124 ? ? NH1 A ARG 124 ? ? 124.56 120.30 4.26   0.50 N 
5 1 CZ A PHE 184 ? B CE2 A PHE 184 ? B CD2 A PHE 184 ? B 128.02 120.10 7.92   1.20 N 
6 1 NE A ARG 185 ? ? CZ  A ARG 185 ? ? NH1 A ARG 185 ? ? 115.40 120.30 -4.90  0.50 N 
# 
_pdbx_validate_torsion.id              1 
_pdbx_validate_torsion.PDB_model_num   1 
_pdbx_validate_torsion.auth_comp_id    LYS 
_pdbx_validate_torsion.auth_asym_id    A 
_pdbx_validate_torsion.auth_seq_id     125 
_pdbx_validate_torsion.PDB_ins_code    ? 
_pdbx_validate_torsion.label_alt_id    ? 
_pdbx_validate_torsion.phi             59.22 
_pdbx_validate_torsion.psi             -117.69 
# 
loop_
_pdbx_struct_special_symmetry.id 
_pdbx_struct_special_symmetry.PDB_model_num 
_pdbx_struct_special_symmetry.auth_asym_id 
_pdbx_struct_special_symmetry.auth_comp_id 
_pdbx_struct_special_symmetry.auth_seq_id 
_pdbx_struct_special_symmetry.PDB_ins_code 
_pdbx_struct_special_symmetry.label_asym_id 
_pdbx_struct_special_symmetry.label_comp_id 
_pdbx_struct_special_symmetry.label_seq_id 
1 1 A SO4 203 ? D SO4 . 
2 1 A HOH 328 ? E HOH . 
3 1 A HOH 329 ? E HOH . 
4 1 A HOH 330 ? E HOH . 
5 1 A HOH 331 ? E HOH . 
# 
loop_
_pdbx_unobs_or_zero_occ_residues.id 
_pdbx_unobs_or_zero_occ_residues.PDB_model_num 
_pdbx_unobs_or_zero_occ_residues.polymer_flag 
_pdbx_unobs_or_zero_occ_residues.occupancy_flag 
_pdbx_unobs_or_zero_occ_residues.auth_asym_id 
_pdbx_unobs_or_zero_occ_residues.auth_comp_id 
_pdbx_unobs_or_zero_occ_residues.auth_seq_id 
_pdbx_unobs_or_zero_occ_residues.PDB_ins_code 
_pdbx_unobs_or_zero_occ_residues.label_asym_id 
_pdbx_unobs_or_zero_occ_residues.label_comp_id 
_pdbx_unobs_or_zero_occ_residues.label_seq_id 
1  1 Y 1 A MET 1   ? A MET 1   
2  1 Y 1 A ALA 15  ? A ALA 15  
3  1 Y 1 A SER 16  ? A SER 16  
4  1 Y 1 A SER 17  ? A SER 17  
5  1 Y 1 A GLY 18  ? A GLY 18  
6  1 Y 1 A VAL 19  ? A VAL 19  
7  1 Y 1 A TYR 20  ? A TYR 20  
8  1 Y 1 A GLN 21  ? A GLN 21  
9  1 Y 1 A ASP 192 ? A ASP 192 
10 1 Y 1 A VAL 193 ? A VAL 193 
11 1 Y 1 A SER 194 ? A SER 194 
12 1 Y 1 A GLU 195 ? A GLU 195 
# 
loop_
_chem_comp_atom.comp_id 
_chem_comp_atom.atom_id 
_chem_comp_atom.type_symbol 
_chem_comp_atom.pdbx_aromatic_flag 
_chem_comp_atom.pdbx_stereo_config 
_chem_comp_atom.pdbx_ordinal 
ALA N    N N N 1   
ALA CA   C N S 2   
ALA C    C N N 3   
ALA O    O N N 4   
ALA CB   C N N 5   
ALA OXT  O N N 6   
ALA H    H N N 7   
ALA H2   H N N 8   
ALA HA   H N N 9   
ALA HB1  H N N 10  
ALA HB2  H N N 11  
ALA HB3  H N N 12  
ALA HXT  H N N 13  
ARG N    N N N 14  
ARG CA   C N S 15  
ARG C    C N N 16  
ARG O    O N N 17  
ARG CB   C N N 18  
ARG CG   C N N 19  
ARG CD   C N N 20  
ARG NE   N N N 21  
ARG CZ   C N N 22  
ARG NH1  N N N 23  
ARG NH2  N N N 24  
ARG OXT  O N N 25  
ARG H    H N N 26  
ARG H2   H N N 27  
ARG HA   H N N 28  
ARG HB2  H N N 29  
ARG HB3  H N N 30  
ARG HG2  H N N 31  
ARG HG3  H N N 32  
ARG HD2  H N N 33  
ARG HD3  H N N 34  
ARG HE   H N N 35  
ARG HH11 H N N 36  
ARG HH12 H N N 37  
ARG HH21 H N N 38  
ARG HH22 H N N 39  
ARG HXT  H N N 40  
ASN N    N N N 41  
ASN CA   C N S 42  
ASN C    C N N 43  
ASN O    O N N 44  
ASN CB   C N N 45  
ASN CG   C N N 46  
ASN OD1  O N N 47  
ASN ND2  N N N 48  
ASN OXT  O N N 49  
ASN H    H N N 50  
ASN H2   H N N 51  
ASN HA   H N N 52  
ASN HB2  H N N 53  
ASN HB3  H N N 54  
ASN HD21 H N N 55  
ASN HD22 H N N 56  
ASN HXT  H N N 57  
ASP N    N N N 58  
ASP CA   C N S 59  
ASP C    C N N 60  
ASP O    O N N 61  
ASP CB   C N N 62  
ASP CG   C N N 63  
ASP OD1  O N N 64  
ASP OD2  O N N 65  
ASP OXT  O N N 66  
ASP H    H N N 67  
ASP H2   H N N 68  
ASP HA   H N N 69  
ASP HB2  H N N 70  
ASP HB3  H N N 71  
ASP HD2  H N N 72  
ASP HXT  H N N 73  
CYS N    N N N 74  
CYS CA   C N R 75  
CYS C    C N N 76  
CYS O    O N N 77  
CYS CB   C N N 78  
CYS SG   S N N 79  
CYS OXT  O N N 80  
CYS H    H N N 81  
CYS H2   H N N 82  
CYS HA   H N N 83  
CYS HB2  H N N 84  
CYS HB3  H N N 85  
CYS HG   H N N 86  
CYS HXT  H N N 87  
GLN N    N N N 88  
GLN CA   C N S 89  
GLN C    C N N 90  
GLN O    O N N 91  
GLN CB   C N N 92  
GLN CG   C N N 93  
GLN CD   C N N 94  
GLN OE1  O N N 95  
GLN NE2  N N N 96  
GLN OXT  O N N 97  
GLN H    H N N 98  
GLN H2   H N N 99  
GLN HA   H N N 100 
GLN HB2  H N N 101 
GLN HB3  H N N 102 
GLN HG2  H N N 103 
GLN HG3  H N N 104 
GLN HE21 H N N 105 
GLN HE22 H N N 106 
GLN HXT  H N N 107 
GLU N    N N N 108 
GLU CA   C N S 109 
GLU C    C N N 110 
GLU O    O N N 111 
GLU CB   C N N 112 
GLU CG   C N N 113 
GLU CD   C N N 114 
GLU OE1  O N N 115 
GLU OE2  O N N 116 
GLU OXT  O N N 117 
GLU H    H N N 118 
GLU H2   H N N 119 
GLU HA   H N N 120 
GLU HB2  H N N 121 
GLU HB3  H N N 122 
GLU HG2  H N N 123 
GLU HG3  H N N 124 
GLU HE2  H N N 125 
GLU HXT  H N N 126 
GLY N    N N N 127 
GLY CA   C N N 128 
GLY C    C N N 129 
GLY O    O N N 130 
GLY OXT  O N N 131 
GLY H    H N N 132 
GLY H2   H N N 133 
GLY HA2  H N N 134 
GLY HA3  H N N 135 
GLY HXT  H N N 136 
HIS N    N N N 137 
HIS CA   C N S 138 
HIS C    C N N 139 
HIS O    O N N 140 
HIS CB   C N N 141 
HIS CG   C Y N 142 
HIS ND1  N Y N 143 
HIS CD2  C Y N 144 
HIS CE1  C Y N 145 
HIS NE2  N Y N 146 
HIS OXT  O N N 147 
HIS H    H N N 148 
HIS H2   H N N 149 
HIS HA   H N N 150 
HIS HB2  H N N 151 
HIS HB3  H N N 152 
HIS HD1  H N N 153 
HIS HD2  H N N 154 
HIS HE1  H N N 155 
HIS HE2  H N N 156 
HIS HXT  H N N 157 
HOH O    O N N 158 
HOH H1   H N N 159 
HOH H2   H N N 160 
ILE N    N N N 161 
ILE CA   C N S 162 
ILE C    C N N 163 
ILE O    O N N 164 
ILE CB   C N S 165 
ILE CG1  C N N 166 
ILE CG2  C N N 167 
ILE CD1  C N N 168 
ILE OXT  O N N 169 
ILE H    H N N 170 
ILE H2   H N N 171 
ILE HA   H N N 172 
ILE HB   H N N 173 
ILE HG12 H N N 174 
ILE HG13 H N N 175 
ILE HG21 H N N 176 
ILE HG22 H N N 177 
ILE HG23 H N N 178 
ILE HD11 H N N 179 
ILE HD12 H N N 180 
ILE HD13 H N N 181 
ILE HXT  H N N 182 
LEU N    N N N 183 
LEU CA   C N S 184 
LEU C    C N N 185 
LEU O    O N N 186 
LEU CB   C N N 187 
LEU CG   C N N 188 
LEU CD1  C N N 189 
LEU CD2  C N N 190 
LEU OXT  O N N 191 
LEU H    H N N 192 
LEU H2   H N N 193 
LEU HA   H N N 194 
LEU HB2  H N N 195 
LEU HB3  H N N 196 
LEU HG   H N N 197 
LEU HD11 H N N 198 
LEU HD12 H N N 199 
LEU HD13 H N N 200 
LEU HD21 H N N 201 
LEU HD22 H N N 202 
LEU HD23 H N N 203 
LEU HXT  H N N 204 
LYS N    N N N 205 
LYS CA   C N S 206 
LYS C    C N N 207 
LYS O    O N N 208 
LYS CB   C N N 209 
LYS CG   C N N 210 
LYS CD   C N N 211 
LYS CE   C N N 212 
LYS NZ   N N N 213 
LYS OXT  O N N 214 
LYS H    H N N 215 
LYS H2   H N N 216 
LYS HA   H N N 217 
LYS HB2  H N N 218 
LYS HB3  H N N 219 
LYS HG2  H N N 220 
LYS HG3  H N N 221 
LYS HD2  H N N 222 
LYS HD3  H N N 223 
LYS HE2  H N N 224 
LYS HE3  H N N 225 
LYS HZ1  H N N 226 
LYS HZ2  H N N 227 
LYS HZ3  H N N 228 
LYS HXT  H N N 229 
MET N    N N N 230 
MET CA   C N S 231 
MET C    C N N 232 
MET O    O N N 233 
MET CB   C N N 234 
MET CG   C N N 235 
MET SD   S N N 236 
MET CE   C N N 237 
MET OXT  O N N 238 
MET H    H N N 239 
MET H2   H N N 240 
MET HA   H N N 241 
MET HB2  H N N 242 
MET HB3  H N N 243 
MET HG2  H N N 244 
MET HG3  H N N 245 
MET HE1  H N N 246 
MET HE2  H N N 247 
MET HE3  H N N 248 
MET HXT  H N N 249 
PHE N    N N N 250 
PHE CA   C N S 251 
PHE C    C N N 252 
PHE O    O N N 253 
PHE CB   C N N 254 
PHE CG   C Y N 255 
PHE CD1  C Y N 256 
PHE CD2  C Y N 257 
PHE CE1  C Y N 258 
PHE CE2  C Y N 259 
PHE CZ   C Y N 260 
PHE OXT  O N N 261 
PHE H    H N N 262 
PHE H2   H N N 263 
PHE HA   H N N 264 
PHE HB2  H N N 265 
PHE HB3  H N N 266 
PHE HD1  H N N 267 
PHE HD2  H N N 268 
PHE HE1  H N N 269 
PHE HE2  H N N 270 
PHE HZ   H N N 271 
PHE HXT  H N N 272 
PRO N    N N N 273 
PRO CA   C N S 274 
PRO C    C N N 275 
PRO O    O N N 276 
PRO CB   C N N 277 
PRO CG   C N N 278 
PRO CD   C N N 279 
PRO OXT  O N N 280 
PRO H    H N N 281 
PRO HA   H N N 282 
PRO HB2  H N N 283 
PRO HB3  H N N 284 
PRO HG2  H N N 285 
PRO HG3  H N N 286 
PRO HD2  H N N 287 
PRO HD3  H N N 288 
PRO HXT  H N N 289 
SER N    N N N 290 
SER CA   C N S 291 
SER C    C N N 292 
SER O    O N N 293 
SER CB   C N N 294 
SER OG   O N N 295 
SER OXT  O N N 296 
SER H    H N N 297 
SER H2   H N N 298 
SER HA   H N N 299 
SER HB2  H N N 300 
SER HB3  H N N 301 
SER HG   H N N 302 
SER HXT  H N N 303 
SO4 S    S N N 304 
SO4 O1   O N N 305 
SO4 O2   O N N 306 
SO4 O3   O N N 307 
SO4 O4   O N N 308 
THR N    N N N 309 
THR CA   C N S 310 
THR C    C N N 311 
THR O    O N N 312 
THR CB   C N R 313 
THR OG1  O N N 314 
THR CG2  C N N 315 
THR OXT  O N N 316 
THR H    H N N 317 
THR H2   H N N 318 
THR HA   H N N 319 
THR HB   H N N 320 
THR HG1  H N N 321 
THR HG21 H N N 322 
THR HG22 H N N 323 
THR HG23 H N N 324 
THR HXT  H N N 325 
TRP N    N N N 326 
TRP CA   C N S 327 
TRP C    C N N 328 
TRP O    O N N 329 
TRP CB   C N N 330 
TRP CG   C Y N 331 
TRP CD1  C Y N 332 
TRP CD2  C Y N 333 
TRP NE1  N Y N 334 
TRP CE2  C Y N 335 
TRP CE3  C Y N 336 
TRP CZ2  C Y N 337 
TRP CZ3  C Y N 338 
TRP CH2  C Y N 339 
TRP OXT  O N N 340 
TRP H    H N N 341 
TRP H2   H N N 342 
TRP HA   H N N 343 
TRP HB2  H N N 344 
TRP HB3  H N N 345 
TRP HD1  H N N 346 
TRP HE1  H N N 347 
TRP HE3  H N N 348 
TRP HZ2  H N N 349 
TRP HZ3  H N N 350 
TRP HH2  H N N 351 
TRP HXT  H N N 352 
TYR N    N N N 353 
TYR CA   C N S 354 
TYR C    C N N 355 
TYR O    O N N 356 
TYR CB   C N N 357 
TYR CG   C Y N 358 
TYR CD1  C Y N 359 
TYR CD2  C Y N 360 
TYR CE1  C Y N 361 
TYR CE2  C Y N 362 
TYR CZ   C Y N 363 
TYR OH   O N N 364 
TYR OXT  O N N 365 
TYR H    H N N 366 
TYR H2   H N N 367 
TYR HA   H N N 368 
TYR HB2  H N N 369 
TYR HB3  H N N 370 
TYR HD1  H N N 371 
TYR HD2  H N N 372 
TYR HE1  H N N 373 
TYR HE2  H N N 374 
TYR HH   H N N 375 
TYR HXT  H N N 376 
VAL N    N N N 377 
VAL CA   C N S 378 
VAL C    C N N 379 
VAL O    O N N 380 
VAL CB   C N N 381 
VAL CG1  C N N 382 
VAL CG2  C N N 383 
VAL OXT  O N N 384 
VAL H    H N N 385 
VAL H2   H N N 386 
VAL HA   H N N 387 
VAL HB   H N N 388 
VAL HG11 H N N 389 
VAL HG12 H N N 390 
VAL HG13 H N N 391 
VAL HG21 H N N 392 
VAL HG22 H N N 393 
VAL HG23 H N N 394 
VAL HXT  H N N 395 
# 
loop_
_chem_comp_bond.comp_id 
_chem_comp_bond.atom_id_1 
_chem_comp_bond.atom_id_2 
_chem_comp_bond.value_order 
_chem_comp_bond.pdbx_aromatic_flag 
_chem_comp_bond.pdbx_stereo_config 
_chem_comp_bond.pdbx_ordinal 
ALA N   CA   sing N N 1   
ALA N   H    sing N N 2   
ALA N   H2   sing N N 3   
ALA CA  C    sing N N 4   
ALA CA  CB   sing N N 5   
ALA CA  HA   sing N N 6   
ALA C   O    doub N N 7   
ALA C   OXT  sing N N 8   
ALA CB  HB1  sing N N 9   
ALA CB  HB2  sing N N 10  
ALA CB  HB3  sing N N 11  
ALA OXT HXT  sing N N 12  
ARG N   CA   sing N N 13  
ARG N   H    sing N N 14  
ARG N   H2   sing N N 15  
ARG CA  C    sing N N 16  
ARG CA  CB   sing N N 17  
ARG CA  HA   sing N N 18  
ARG C   O    doub N N 19  
ARG C   OXT  sing N N 20  
ARG CB  CG   sing N N 21  
ARG CB  HB2  sing N N 22  
ARG CB  HB3  sing N N 23  
ARG CG  CD   sing N N 24  
ARG CG  HG2  sing N N 25  
ARG CG  HG3  sing N N 26  
ARG CD  NE   sing N N 27  
ARG CD  HD2  sing N N 28  
ARG CD  HD3  sing N N 29  
ARG NE  CZ   sing N N 30  
ARG NE  HE   sing N N 31  
ARG CZ  NH1  sing N N 32  
ARG CZ  NH2  doub N N 33  
ARG NH1 HH11 sing N N 34  
ARG NH1 HH12 sing N N 35  
ARG NH2 HH21 sing N N 36  
ARG NH2 HH22 sing N N 37  
ARG OXT HXT  sing N N 38  
ASN N   CA   sing N N 39  
ASN N   H    sing N N 40  
ASN N   H2   sing N N 41  
ASN CA  C    sing N N 42  
ASN CA  CB   sing N N 43  
ASN CA  HA   sing N N 44  
ASN C   O    doub N N 45  
ASN C   OXT  sing N N 46  
ASN CB  CG   sing N N 47  
ASN CB  HB2  sing N N 48  
ASN CB  HB3  sing N N 49  
ASN CG  OD1  doub N N 50  
ASN CG  ND2  sing N N 51  
ASN ND2 HD21 sing N N 52  
ASN ND2 HD22 sing N N 53  
ASN OXT HXT  sing N N 54  
ASP N   CA   sing N N 55  
ASP N   H    sing N N 56  
ASP N   H2   sing N N 57  
ASP CA  C    sing N N 58  
ASP CA  CB   sing N N 59  
ASP CA  HA   sing N N 60  
ASP C   O    doub N N 61  
ASP C   OXT  sing N N 62  
ASP CB  CG   sing N N 63  
ASP CB  HB2  sing N N 64  
ASP CB  HB3  sing N N 65  
ASP CG  OD1  doub N N 66  
ASP CG  OD2  sing N N 67  
ASP OD2 HD2  sing N N 68  
ASP OXT HXT  sing N N 69  
CYS N   CA   sing N N 70  
CYS N   H    sing N N 71  
CYS N   H2   sing N N 72  
CYS CA  C    sing N N 73  
CYS CA  CB   sing N N 74  
CYS CA  HA   sing N N 75  
CYS C   O    doub N N 76  
CYS C   OXT  sing N N 77  
CYS CB  SG   sing N N 78  
CYS CB  HB2  sing N N 79  
CYS CB  HB3  sing N N 80  
CYS SG  HG   sing N N 81  
CYS OXT HXT  sing N N 82  
GLN N   CA   sing N N 83  
GLN N   H    sing N N 84  
GLN N   H2   sing N N 85  
GLN CA  C    sing N N 86  
GLN CA  CB   sing N N 87  
GLN CA  HA   sing N N 88  
GLN C   O    doub N N 89  
GLN C   OXT  sing N N 90  
GLN CB  CG   sing N N 91  
GLN CB  HB2  sing N N 92  
GLN CB  HB3  sing N N 93  
GLN CG  CD   sing N N 94  
GLN CG  HG2  sing N N 95  
GLN CG  HG3  sing N N 96  
GLN CD  OE1  doub N N 97  
GLN CD  NE2  sing N N 98  
GLN NE2 HE21 sing N N 99  
GLN NE2 HE22 sing N N 100 
GLN OXT HXT  sing N N 101 
GLU N   CA   sing N N 102 
GLU N   H    sing N N 103 
GLU N   H2   sing N N 104 
GLU CA  C    sing N N 105 
GLU CA  CB   sing N N 106 
GLU CA  HA   sing N N 107 
GLU C   O    doub N N 108 
GLU C   OXT  sing N N 109 
GLU CB  CG   sing N N 110 
GLU CB  HB2  sing N N 111 
GLU CB  HB3  sing N N 112 
GLU CG  CD   sing N N 113 
GLU CG  HG2  sing N N 114 
GLU CG  HG3  sing N N 115 
GLU CD  OE1  doub N N 116 
GLU CD  OE2  sing N N 117 
GLU OE2 HE2  sing N N 118 
GLU OXT HXT  sing N N 119 
GLY N   CA   sing N N 120 
GLY N   H    sing N N 121 
GLY N   H2   sing N N 122 
GLY CA  C    sing N N 123 
GLY CA  HA2  sing N N 124 
GLY CA  HA3  sing N N 125 
GLY C   O    doub N N 126 
GLY C   OXT  sing N N 127 
GLY OXT HXT  sing N N 128 
HIS N   CA   sing N N 129 
HIS N   H    sing N N 130 
HIS N   H2   sing N N 131 
HIS CA  C    sing N N 132 
HIS CA  CB   sing N N 133 
HIS CA  HA   sing N N 134 
HIS C   O    doub N N 135 
HIS C   OXT  sing N N 136 
HIS CB  CG   sing N N 137 
HIS CB  HB2  sing N N 138 
HIS CB  HB3  sing N N 139 
HIS CG  ND1  sing Y N 140 
HIS CG  CD2  doub Y N 141 
HIS ND1 CE1  doub Y N 142 
HIS ND1 HD1  sing N N 143 
HIS CD2 NE2  sing Y N 144 
HIS CD2 HD2  sing N N 145 
HIS CE1 NE2  sing Y N 146 
HIS CE1 HE1  sing N N 147 
HIS NE2 HE2  sing N N 148 
HIS OXT HXT  sing N N 149 
HOH O   H1   sing N N 150 
HOH O   H2   sing N N 151 
ILE N   CA   sing N N 152 
ILE N   H    sing N N 153 
ILE N   H2   sing N N 154 
ILE CA  C    sing N N 155 
ILE CA  CB   sing N N 156 
ILE CA  HA   sing N N 157 
ILE C   O    doub N N 158 
ILE C   OXT  sing N N 159 
ILE CB  CG1  sing N N 160 
ILE CB  CG2  sing N N 161 
ILE CB  HB   sing N N 162 
ILE CG1 CD1  sing N N 163 
ILE CG1 HG12 sing N N 164 
ILE CG1 HG13 sing N N 165 
ILE CG2 HG21 sing N N 166 
ILE CG2 HG22 sing N N 167 
ILE CG2 HG23 sing N N 168 
ILE CD1 HD11 sing N N 169 
ILE CD1 HD12 sing N N 170 
ILE CD1 HD13 sing N N 171 
ILE OXT HXT  sing N N 172 
LEU N   CA   sing N N 173 
LEU N   H    sing N N 174 
LEU N   H2   sing N N 175 
LEU CA  C    sing N N 176 
LEU CA  CB   sing N N 177 
LEU CA  HA   sing N N 178 
LEU C   O    doub N N 179 
LEU C   OXT  sing N N 180 
LEU CB  CG   sing N N 181 
LEU CB  HB2  sing N N 182 
LEU CB  HB3  sing N N 183 
LEU CG  CD1  sing N N 184 
LEU CG  CD2  sing N N 185 
LEU CG  HG   sing N N 186 
LEU CD1 HD11 sing N N 187 
LEU CD1 HD12 sing N N 188 
LEU CD1 HD13 sing N N 189 
LEU CD2 HD21 sing N N 190 
LEU CD2 HD22 sing N N 191 
LEU CD2 HD23 sing N N 192 
LEU OXT HXT  sing N N 193 
LYS N   CA   sing N N 194 
LYS N   H    sing N N 195 
LYS N   H2   sing N N 196 
LYS CA  C    sing N N 197 
LYS CA  CB   sing N N 198 
LYS CA  HA   sing N N 199 
LYS C   O    doub N N 200 
LYS C   OXT  sing N N 201 
LYS CB  CG   sing N N 202 
LYS CB  HB2  sing N N 203 
LYS CB  HB3  sing N N 204 
LYS CG  CD   sing N N 205 
LYS CG  HG2  sing N N 206 
LYS CG  HG3  sing N N 207 
LYS CD  CE   sing N N 208 
LYS CD  HD2  sing N N 209 
LYS CD  HD3  sing N N 210 
LYS CE  NZ   sing N N 211 
LYS CE  HE2  sing N N 212 
LYS CE  HE3  sing N N 213 
LYS NZ  HZ1  sing N N 214 
LYS NZ  HZ2  sing N N 215 
LYS NZ  HZ3  sing N N 216 
LYS OXT HXT  sing N N 217 
MET N   CA   sing N N 218 
MET N   H    sing N N 219 
MET N   H2   sing N N 220 
MET CA  C    sing N N 221 
MET CA  CB   sing N N 222 
MET CA  HA   sing N N 223 
MET C   O    doub N N 224 
MET C   OXT  sing N N 225 
MET CB  CG   sing N N 226 
MET CB  HB2  sing N N 227 
MET CB  HB3  sing N N 228 
MET CG  SD   sing N N 229 
MET CG  HG2  sing N N 230 
MET CG  HG3  sing N N 231 
MET SD  CE   sing N N 232 
MET CE  HE1  sing N N 233 
MET CE  HE2  sing N N 234 
MET CE  HE3  sing N N 235 
MET OXT HXT  sing N N 236 
PHE N   CA   sing N N 237 
PHE N   H    sing N N 238 
PHE N   H2   sing N N 239 
PHE CA  C    sing N N 240 
PHE CA  CB   sing N N 241 
PHE CA  HA   sing N N 242 
PHE C   O    doub N N 243 
PHE C   OXT  sing N N 244 
PHE CB  CG   sing N N 245 
PHE CB  HB2  sing N N 246 
PHE CB  HB3  sing N N 247 
PHE CG  CD1  doub Y N 248 
PHE CG  CD2  sing Y N 249 
PHE CD1 CE1  sing Y N 250 
PHE CD1 HD1  sing N N 251 
PHE CD2 CE2  doub Y N 252 
PHE CD2 HD2  sing N N 253 
PHE CE1 CZ   doub Y N 254 
PHE CE1 HE1  sing N N 255 
PHE CE2 CZ   sing Y N 256 
PHE CE2 HE2  sing N N 257 
PHE CZ  HZ   sing N N 258 
PHE OXT HXT  sing N N 259 
PRO N   CA   sing N N 260 
PRO N   CD   sing N N 261 
PRO N   H    sing N N 262 
PRO CA  C    sing N N 263 
PRO CA  CB   sing N N 264 
PRO CA  HA   sing N N 265 
PRO C   O    doub N N 266 
PRO C   OXT  sing N N 267 
PRO CB  CG   sing N N 268 
PRO CB  HB2  sing N N 269 
PRO CB  HB3  sing N N 270 
PRO CG  CD   sing N N 271 
PRO CG  HG2  sing N N 272 
PRO CG  HG3  sing N N 273 
PRO CD  HD2  sing N N 274 
PRO CD  HD3  sing N N 275 
PRO OXT HXT  sing N N 276 
SER N   CA   sing N N 277 
SER N   H    sing N N 278 
SER N   H2   sing N N 279 
SER CA  C    sing N N 280 
SER CA  CB   sing N N 281 
SER CA  HA   sing N N 282 
SER C   O    doub N N 283 
SER C   OXT  sing N N 284 
SER CB  OG   sing N N 285 
SER CB  HB2  sing N N 286 
SER CB  HB3  sing N N 287 
SER OG  HG   sing N N 288 
SER OXT HXT  sing N N 289 
SO4 S   O1   doub N N 290 
SO4 S   O2   doub N N 291 
SO4 S   O3   sing N N 292 
SO4 S   O4   sing N N 293 
THR N   CA   sing N N 294 
THR N   H    sing N N 295 
THR N   H2   sing N N 296 
THR CA  C    sing N N 297 
THR CA  CB   sing N N 298 
THR CA  HA   sing N N 299 
THR C   O    doub N N 300 
THR C   OXT  sing N N 301 
THR CB  OG1  sing N N 302 
THR CB  CG2  sing N N 303 
THR CB  HB   sing N N 304 
THR OG1 HG1  sing N N 305 
THR CG2 HG21 sing N N 306 
THR CG2 HG22 sing N N 307 
THR CG2 HG23 sing N N 308 
THR OXT HXT  sing N N 309 
TRP N   CA   sing N N 310 
TRP N   H    sing N N 311 
TRP N   H2   sing N N 312 
TRP CA  C    sing N N 313 
TRP CA  CB   sing N N 314 
TRP CA  HA   sing N N 315 
TRP C   O    doub N N 316 
TRP C   OXT  sing N N 317 
TRP CB  CG   sing N N 318 
TRP CB  HB2  sing N N 319 
TRP CB  HB3  sing N N 320 
TRP CG  CD1  doub Y N 321 
TRP CG  CD2  sing Y N 322 
TRP CD1 NE1  sing Y N 323 
TRP CD1 HD1  sing N N 324 
TRP CD2 CE2  doub Y N 325 
TRP CD2 CE3  sing Y N 326 
TRP NE1 CE2  sing Y N 327 
TRP NE1 HE1  sing N N 328 
TRP CE2 CZ2  sing Y N 329 
TRP CE3 CZ3  doub Y N 330 
TRP CE3 HE3  sing N N 331 
TRP CZ2 CH2  doub Y N 332 
TRP CZ2 HZ2  sing N N 333 
TRP CZ3 CH2  sing Y N 334 
TRP CZ3 HZ3  sing N N 335 
TRP CH2 HH2  sing N N 336 
TRP OXT HXT  sing N N 337 
TYR N   CA   sing N N 338 
TYR N   H    sing N N 339 
TYR N   H2   sing N N 340 
TYR CA  C    sing N N 341 
TYR CA  CB   sing N N 342 
TYR CA  HA   sing N N 343 
TYR C   O    doub N N 344 
TYR C   OXT  sing N N 345 
TYR CB  CG   sing N N 346 
TYR CB  HB2  sing N N 347 
TYR CB  HB3  sing N N 348 
TYR CG  CD1  doub Y N 349 
TYR CG  CD2  sing Y N 350 
TYR CD1 CE1  sing Y N 351 
TYR CD1 HD1  sing N N 352 
TYR CD2 CE2  doub Y N 353 
TYR CD2 HD2  sing N N 354 
TYR CE1 CZ   doub Y N 355 
TYR CE1 HE1  sing N N 356 
TYR CE2 CZ   sing Y N 357 
TYR CE2 HE2  sing N N 358 
TYR CZ  OH   sing N N 359 
TYR OH  HH   sing N N 360 
TYR OXT HXT  sing N N 361 
VAL N   CA   sing N N 362 
VAL N   H    sing N N 363 
VAL N   H2   sing N N 364 
VAL CA  C    sing N N 365 
VAL CA  CB   sing N N 366 
VAL CA  HA   sing N N 367 
VAL C   O    doub N N 368 
VAL C   OXT  sing N N 369 
VAL CB  CG1  sing N N 370 
VAL CB  CG2  sing N N 371 
VAL CB  HB   sing N N 372 
VAL CG1 HG11 sing N N 373 
VAL CG1 HG12 sing N N 374 
VAL CG1 HG13 sing N N 375 
VAL CG2 HG21 sing N N 376 
VAL CG2 HG22 sing N N 377 
VAL CG2 HG23 sing N N 378 
VAL OXT HXT  sing N N 379 
# 
_atom_sites.entry_id                    1DI6 
_atom_sites.fract_transf_matrix[1][1]   -0.01572557 
_atom_sites.fract_transf_matrix[1][2]   0.00206781 
_atom_sites.fract_transf_matrix[1][3]   -0.00780847 
_atom_sites.fract_transf_matrix[2][1]   -0.01352038 
_atom_sites.fract_transf_matrix[2][2]   0.00689369 
_atom_sites.fract_transf_matrix[2][3]   0.00905015 
_atom_sites.fract_transf_matrix[3][1]   0.00410812 
_atom_sites.fract_transf_matrix[3][2]   0.01403815 
_atom_sites.fract_transf_matrix[3][3]   -0.00455587 
_atom_sites.fract_transf_vector[1]      0.626927 
_atom_sites.fract_transf_vector[2]      0.726385 
_atom_sites.fract_transf_vector[3]      0.260709 
# 
loop_
_atom_type.symbol 
C 
N 
O 
S 
# 
loop_
_atom_site.group_PDB 
_atom_site.id 
_atom_site.type_symbol 
_atom_site.label_atom_id 
_atom_site.label_alt_id 
_atom_site.label_comp_id 
_atom_site.label_asym_id 
_atom_site.label_entity_id 
_atom_site.label_seq_id 
_atom_site.pdbx_PDB_ins_code 
_atom_site.Cartn_x 
_atom_site.Cartn_y 
_atom_site.Cartn_z 
_atom_site.occupancy 
_atom_site.B_iso_or_equiv 
_atom_site.pdbx_formal_charge 
_atom_site.auth_seq_id 
_atom_site.auth_comp_id 
_atom_site.auth_asym_id 
_atom_site.auth_atom_id 
_atom_site.pdbx_PDB_model_num 
ATOM   1    N N   . ALA A 1 2   ? -18.934 6.145   2.211   1.00 24.51 ? 2   ALA A N   1 
ATOM   2    C CA  . ALA A 1 2   ? -18.568 6.744   0.894   1.00 25.88 ? 2   ALA A CA  1 
ATOM   3    C C   . ALA A 1 2   ? -17.662 5.854   0.044   1.00 23.87 ? 2   ALA A C   1 
ATOM   4    O O   . ALA A 1 2   ? -17.191 4.825   0.532   1.00 28.58 ? 2   ALA A O   1 
ATOM   5    C CB  . ALA A 1 2   ? -17.886 8.095   1.149   1.00 27.69 ? 2   ALA A CB  1 
ATOM   6    N N   . THR A 1 3   ? -17.440 6.304   -1.191  1.00 17.70 ? 3   THR A N   1 
ATOM   7    C CA  . THR A 1 3   ? -16.498 5.589   -2.074  1.00 18.25 ? 3   THR A CA  1 
ATOM   8    C C   . THR A 1 3   ? -15.059 5.953   -1.715  1.00 18.06 ? 3   THR A C   1 
ATOM   9    O O   . THR A 1 3   ? -14.682 7.121   -1.758  1.00 19.24 ? 3   THR A O   1 
ATOM   10   C CB  . THR A 1 3   ? -16.770 5.970   -3.540  1.00 19.91 ? 3   THR A CB  1 
ATOM   11   O OG1 . THR A 1 3   ? -18.150 5.609   -3.812  1.00 20.58 ? 3   THR A OG1 1 
ATOM   12   C CG2 . THR A 1 3   ? -15.889 5.204   -4.517  1.00 20.20 ? 3   THR A CG2 1 
ATOM   13   N N   . LEU A 1 4   ? -14.222 4.924   -1.525  1.00 15.80 ? 4   LEU A N   1 
ATOM   14   C CA  . LEU A 1 4   ? -12.788 5.101   -1.355  1.00 14.71 ? 4   LEU A CA  1 
ATOM   15   C C   . LEU A 1 4   ? -12.078 5.281   -2.715  1.00 16.27 ? 4   LEU A C   1 
ATOM   16   O O   . LEU A 1 4   ? -12.257 4.418   -3.594  1.00 18.67 ? 4   LEU A O   1 
ATOM   17   C CB  . LEU A 1 4   ? -12.168 3.918   -0.628  1.00 17.88 ? 4   LEU A CB  1 
ATOM   18   C CG  . LEU A 1 4   ? -10.690 4.064   -0.233  1.00 17.67 ? 4   LEU A CG  1 
ATOM   19   C CD1 . LEU A 1 4   ? -10.547 5.135   0.838   1.00 21.49 ? 4   LEU A CD1 1 
ATOM   20   C CD2 . LEU A 1 4   ? -10.160 2.696   0.193   1.00 17.43 ? 4   LEU A CD2 1 
ATOM   21   N N   . ARG A 1 5   ? -11.335 6.342   -2.932  1.00 15.33 ? 5   ARG A N   1 
ATOM   22   C CA  . ARG A 1 5   ? -10.612 6.580   -4.169  1.00 17.62 ? 5   ARG A CA  1 
ATOM   23   C C   . ARG A 1 5   ? -9.154  6.151   -3.990  1.00 17.03 ? 5   ARG A C   1 
ATOM   24   O O   . ARG A 1 5   ? -8.402  6.693   -3.158  1.00 17.16 ? 5   ARG A O   1 
ATOM   25   C CB  A ARG A 1 5   ? -10.665 8.039   -4.612  0.60 16.97 ? 5   ARG A CB  1 
ATOM   26   C CB  B ARG A 1 5   ? -10.637 8.060   -4.558  0.40 17.49 ? 5   ARG A CB  1 
ATOM   27   C CG  A ARG A 1 5   ? -10.016 8.257   -5.968  0.60 20.95 ? 5   ARG A CG  1 
ATOM   28   C CG  B ARG A 1 5   ? -12.033 8.636   -4.627  0.40 20.49 ? 5   ARG A CG  1 
ATOM   29   C CD  A ARG A 1 5   ? -10.271 9.650   -6.521  0.60 25.62 ? 5   ARG A CD  1 
ATOM   30   C CD  B ARG A 1 5   ? -12.073 10.056  -5.150  0.40 23.11 ? 5   ARG A CD  1 
ATOM   31   N NE  A ARG A 1 5   ? -11.673 9.814   -6.879  0.60 32.26 ? 5   ARG A NE  1 
ATOM   32   N NE  B ARG A 1 5   ? -12.037 11.019  -4.059  0.40 23.08 ? 5   ARG A NE  1 
ATOM   33   C CZ  A ARG A 1 5   ? -12.137 10.684  -7.768  0.60 38.71 ? 5   ARG A CZ  1 
ATOM   34   C CZ  B ARG A 1 5   ? -12.431 12.282  -4.170  0.40 40.91 ? 5   ARG A CZ  1 
ATOM   35   N NH1 A ARG A 1 5   ? -11.289 11.466  -8.422  0.60 37.09 ? 5   ARG A NH1 1 
ATOM   36   N NH1 B ARG A 1 5   ? -12.894 12.760  -5.316  0.40 46.76 ? 5   ARG A NH1 1 
ATOM   37   N NH2 A ARG A 1 5   ? -13.442 10.753  -7.995  0.60 35.67 ? 5   ARG A NH2 1 
ATOM   38   N NH2 B ARG A 1 5   ? -12.351 13.052  -3.094  0.40 42.47 ? 5   ARG A NH2 1 
ATOM   39   N N   . ILE A 1 6   ? -8.766  5.119   -4.735  1.00 16.44 ? 6   ILE A N   1 
ATOM   40   C CA  . ILE A 1 6   ? -7.429  4.525   -4.555  1.00 14.57 ? 6   ILE A CA  1 
ATOM   41   C C   . ILE A 1 6   ? -6.574  4.724   -5.792  1.00 16.24 ? 6   ILE A C   1 
ATOM   42   O O   . ILE A 1 6   ? -7.031  4.362   -6.897  1.00 17.47 ? 6   ILE A O   1 
ATOM   43   C CB  . ILE A 1 6   ? -7.498  3.009   -4.289  1.00 16.58 ? 6   ILE A CB  1 
ATOM   44   C CG1 . ILE A 1 6   ? -8.499  2.696   -3.171  1.00 16.10 ? 6   ILE A CG1 1 
ATOM   45   C CG2 . ILE A 1 6   ? -6.106  2.439   -3.985  1.00 15.82 ? 6   ILE A CG2 1 
ATOM   46   C CD1 . ILE A 1 6   ? -8.793  1.208   -3.024  1.00 17.73 ? 6   ILE A CD1 1 
ATOM   47   N N   . GLY A 1 7   ? -5.371  5.237   -5.712  1.00 15.34 ? 7   GLY A N   1 
ATOM   48   C CA  . GLY A 1 7   ? -4.456  5.309   -6.830  1.00 16.10 ? 7   GLY A CA  1 
ATOM   49   C C   . GLY A 1 7   ? -3.523  4.120   -6.812  1.00 17.28 ? 7   GLY A C   1 
ATOM   50   O O   . GLY A 1 7   ? -3.058  3.695   -5.729  1.00 16.31 ? 7   GLY A O   1 
ATOM   51   N N   . LEU A 1 8   ? -3.257  3.476   -7.942  1.00 14.97 ? 8   LEU A N   1 
ATOM   52   C CA  . LEU A 1 8   ? -2.407  2.340   -8.106  1.00 15.84 ? 8   LEU A CA  1 
ATOM   53   C C   . LEU A 1 8   ? -1.292  2.703   -9.084  1.00 18.19 ? 8   LEU A C   1 
ATOM   54   O O   . LEU A 1 8   ? -1.626  3.120   -10.220 1.00 17.91 ? 8   LEU A O   1 
ATOM   55   C CB  . LEU A 1 8   ? -3.120  1.086   -8.644  1.00 15.65 ? 8   LEU A CB  1 
ATOM   56   C CG  . LEU A 1 8   ? -4.361  0.682   -7.852  1.00 17.23 ? 8   LEU A CG  1 
ATOM   57   C CD1 . LEU A 1 8   ? -5.017  -0.530  -8.491  1.00 16.67 ? 8   LEU A CD1 1 
ATOM   58   C CD2 . LEU A 1 8   ? -4.058  0.416   -6.372  1.00 18.11 ? 8   LEU A CD2 1 
ATOM   59   N N   . VAL A 1 9   ? -0.056  2.630   -8.678  1.00 16.38 ? 9   VAL A N   1 
ATOM   60   C CA  . VAL A 1 9   ? 1.073   3.049   -9.513  1.00 15.83 ? 9   VAL A CA  1 
ATOM   61   C C   . VAL A 1 9   ? 2.059   1.904   -9.686  1.00 19.86 ? 9   VAL A C   1 
ATOM   62   O O   . VAL A 1 9   ? 2.621   1.411   -8.687  1.00 17.08 ? 9   VAL A O   1 
ATOM   63   C CB  . VAL A 1 9   ? 1.842   4.218   -8.908  1.00 16.83 ? 9   VAL A CB  1 
ATOM   64   C CG1 . VAL A 1 9   ? 2.905   4.685   -9.929  1.00 16.24 ? 9   VAL A CG1 1 
ATOM   65   C CG2 . VAL A 1 9   ? 0.963   5.389   -8.525  1.00 17.27 ? 9   VAL A CG2 1 
ATOM   66   N N   . SER A 1 10  ? 2.266   1.440   -10.911 1.00 17.33 ? 10  SER A N   1 
ATOM   67   C CA  . SER A 1 10  ? 3.236   0.386   -11.211 1.00 17.77 ? 10  SER A CA  1 
ATOM   68   C C   . SER A 1 10  ? 4.474   1.010   -11.855 1.00 18.02 ? 10  SER A C   1 
ATOM   69   O O   . SER A 1 10  ? 4.341   1.810   -12.796 1.00 19.98 ? 10  SER A O   1 
ATOM   70   C CB  . SER A 1 10  ? 2.660   -0.744  -12.061 1.00 20.11 ? 10  SER A CB  1 
ATOM   71   O OG  . SER A 1 10  ? 3.703   -1.705  -12.269 1.00 24.07 ? 10  SER A OG  1 
ATOM   72   N N   . ILE A 1 11  ? 5.614   0.831   -11.202 1.00 19.68 ? 11  ILE A N   1 
ATOM   73   C CA  . ILE A 1 11  ? 6.841   1.548   -11.579 1.00 18.88 ? 11  ILE A CA  1 
ATOM   74   C C   . ILE A 1 11  ? 7.717   0.494   -12.219 1.00 28.01 ? 11  ILE A C   1 
ATOM   75   O O   . ILE A 1 11  ? 8.135   -0.473  -11.578 1.00 23.91 ? 11  ILE A O   1 
ATOM   76   C CB  . ILE A 1 11  ? 7.511   2.225   -10.366 1.00 19.67 ? 11  ILE A CB  1 
ATOM   77   C CG1 . ILE A 1 11  ? 6.596   3.329   -9.861  1.00 22.04 ? 11  ILE A CG1 1 
ATOM   78   C CG2 . ILE A 1 11  ? 8.869   2.794   -10.766 1.00 22.68 ? 11  ILE A CG2 1 
ATOM   79   C CD1 . ILE A 1 11  ? 6.369   3.715   -8.438  1.00 26.86 ? 11  ILE A CD1 1 
ATOM   80   N N   . SER A 1 12  ? 7.841   0.676   -13.536 1.00 29.43 ? 12  SER A N   1 
ATOM   81   C CA  . SER A 1 12  ? 8.518   -0.278  -14.375 1.00 46.22 ? 12  SER A CA  1 
ATOM   82   C C   . SER A 1 12  ? 9.841   0.289   -14.865 1.00 48.33 ? 12  SER A C   1 
ATOM   83   O O   . SER A 1 12  ? 9.968   1.287   -15.560 1.00 43.66 ? 12  SER A O   1 
ATOM   84   C CB  . SER A 1 12  ? 7.657   -0.662  -15.587 1.00 40.99 ? 12  SER A CB  1 
ATOM   85   O OG  . SER A 1 12  ? 8.144   -1.913  -16.053 1.00 56.77 ? 12  SER A OG  1 
ATOM   86   N N   . ASP A 1 13  ? 10.829  -0.565  -14.612 1.00 57.80 ? 13  ASP A N   1 
ATOM   87   C CA  . ASP A 1 13  ? 12.208  -0.314  -14.998 1.00 65.99 ? 13  ASP A CA  1 
ATOM   88   C C   . ASP A 1 13  ? 12.370  -0.502  -16.501 1.00 68.81 ? 13  ASP A C   1 
ATOM   89   O O   . ASP A 1 13  ? 13.318  -0.037  -17.124 1.00 71.00 ? 13  ASP A O   1 
ATOM   90   C CB  . ASP A 1 13  ? 13.125  -1.272  -14.232 1.00 69.88 ? 13  ASP A CB  1 
ATOM   91   C CG  . ASP A 1 13  ? 12.107  -1.327  -12.649 0.00 70.00 ? 13  ASP A CG  1 
ATOM   92   O OD1 . ASP A 1 13  ? 11.741  -0.193  -12.263 0.00 70.00 ? 13  ASP A OD1 1 
ATOM   93   O OD2 . ASP A 1 13  ? 12.118  -2.327  -11.905 0.00 70.00 ? 13  ASP A OD2 1 
ATOM   94   N N   . ARG A 1 14  ? 11.421  -1.212  -17.085 1.00 73.41 ? 14  ARG A N   1 
ATOM   95   C CA  . ARG A 1 14  ? 11.323  -1.536  -18.486 1.00 77.28 ? 14  ARG A CA  1 
ATOM   96   C C   . ARG A 1 14  ? 10.886  -0.352  -19.342 1.00 80.82 ? 14  ARG A C   1 
ATOM   97   O O   . ARG A 1 14  ? 9.717   0.072   -19.215 1.00 83.58 ? 14  ARG A O   1 
ATOM   98   C CB  . ARG A 1 14  ? 10.325  -2.686  -18.650 1.00 76.58 ? 14  ARG A CB  1 
ATOM   99   N N   . ASP A 1 22  ? 2.653   -5.734  -17.763 1.00 34.82 ? 22  ASP A N   1 
ATOM   100  C CA  . ASP A 1 22  ? 2.673   -5.353  -16.311 1.00 29.65 ? 22  ASP A CA  1 
ATOM   101  C C   . ASP A 1 22  ? 1.812   -6.304  -15.478 1.00 27.88 ? 22  ASP A C   1 
ATOM   102  O O   . ASP A 1 22  ? 0.658   -6.541  -15.820 1.00 30.30 ? 22  ASP A O   1 
ATOM   103  C CB  . ASP A 1 22  ? 2.202   -3.914  -16.098 1.00 29.48 ? 22  ASP A CB  1 
ATOM   104  C CG  . ASP A 1 22  ? 2.060   -3.545  -14.628 1.00 22.02 ? 22  ASP A CG  1 
ATOM   105  O OD1 . ASP A 1 22  ? 0.999   -3.044  -14.199 1.00 27.52 ? 22  ASP A OD1 1 
ATOM   106  O OD2 . ASP A 1 22  ? 3.037   -3.786  -13.898 1.00 26.62 ? 22  ASP A OD2 1 
ATOM   107  N N   . LYS A 1 23  ? 2.379   -6.751  -14.351 1.00 28.09 ? 23  LYS A N   1 
ATOM   108  C CA  . LYS A 1 23  ? 1.656   -7.619  -13.440 1.00 26.08 ? 23  LYS A CA  1 
ATOM   109  C C   . LYS A 1 23  ? 1.236   -6.893  -12.159 1.00 24.56 ? 23  LYS A C   1 
ATOM   110  O O   . LYS A 1 23  ? 0.380   -7.403  -11.424 1.00 24.22 ? 23  LYS A O   1 
ATOM   111  C CB  . LYS A 1 23  ? 2.559   -8.806  -13.062 1.00 29.31 ? 23  LYS A CB  1 
ATOM   112  C CG  . LYS A 1 23  ? 2.950   -9.681  -14.233 1.00 37.47 ? 23  LYS A CG  1 
ATOM   113  C CD  . LYS A 1 23  ? 3.792   -10.852 -13.741 1.00 45.68 ? 23  LYS A CD  1 
ATOM   114  C CE  . LYS A 1 23  ? 3.611   -12.058 -14.651 1.00 47.74 ? 23  LYS A CE  1 
ATOM   115  N NZ  . LYS A 1 23  ? 4.790   -12.973 -14.577 1.00 55.51 ? 23  LYS A NZ  1 
ATOM   116  N N   . GLY A 1 24  ? 1.760   -5.705  -11.928 1.00 23.55 ? 24  GLY A N   1 
ATOM   117  C CA  . GLY A 1 24  ? 1.553   -4.940  -10.716 1.00 23.16 ? 24  GLY A CA  1 
ATOM   118  C C   . GLY A 1 24  ? 0.168   -4.371  -10.531 1.00 19.88 ? 24  GLY A C   1 
ATOM   119  O O   . GLY A 1 24  ? -0.443  -4.653  -9.487  1.00 20.47 ? 24  GLY A O   1 
ATOM   120  N N   . ILE A 1 25  ? -0.316  -3.606  -11.500 1.00 23.90 ? 25  ILE A N   1 
ATOM   121  C CA  . ILE A 1 25  ? -1.683  -3.074  -11.457 1.00 22.53 ? 25  ILE A CA  1 
ATOM   122  C C   . ILE A 1 25  ? -2.705  -4.193  -11.339 1.00 22.22 ? 25  ILE A C   1 
ATOM   123  O O   . ILE A 1 25  ? -3.562  -4.212  -10.450 1.00 22.17 ? 25  ILE A O   1 
ATOM   124  C CB  . ILE A 1 25  ? -1.993  -2.143  -12.625 1.00 23.18 ? 25  ILE A CB  1 
ATOM   125  C CG1 . ILE A 1 25  ? -1.147  -0.872  -12.592 1.00 27.50 ? 25  ILE A CG1 1 
ATOM   126  C CG2 . ILE A 1 25  ? -3.475  -1.756  -12.706 1.00 21.68 ? 25  ILE A CG2 1 
ATOM   127  C CD1 . ILE A 1 25  ? -1.192  -0.069  -11.329 1.00 32.13 ? 25  ILE A CD1 1 
ATOM   128  N N   . PRO A 1 26  ? -2.654  -5.190  -12.206 1.00 23.27 ? 26  PRO A N   1 
ATOM   129  C CA  . PRO A 1 26  ? -3.564  -6.320  -12.120 1.00 21.07 ? 26  PRO A CA  1 
ATOM   130  C C   . PRO A 1 26  ? -3.569  -7.067  -10.793 1.00 23.19 ? 26  PRO A C   1 
ATOM   131  O O   . PRO A 1 26  ? -4.650  -7.391  -10.262 1.00 25.11 ? 26  PRO A O   1 
ATOM   132  C CB  . PRO A 1 26  ? -3.206  -7.259  -13.294 1.00 25.15 ? 26  PRO A CB  1 
ATOM   133  C CG  . PRO A 1 26  ? -2.520  -6.280  -14.224 1.00 24.81 ? 26  PRO A CG  1 
ATOM   134  C CD  . PRO A 1 26  ? -1.784  -5.249  -13.388 1.00 25.46 ? 26  PRO A CD  1 
ATOM   135  N N   . ALA A 1 27  ? -2.429  -7.274  -10.136 1.00 23.01 ? 27  ALA A N   1 
ATOM   136  C CA  . ALA A 1 27  ? -2.396  -7.914  -8.819  1.00 23.08 ? 27  ALA A CA  1 
ATOM   137  C C   . ALA A 1 27  ? -3.112  -7.067  -7.753  1.00 21.36 ? 27  ALA A C   1 
ATOM   138  O O   . ALA A 1 27  ? -3.825  -7.624  -6.899  1.00 21.71 ? 27  ALA A O   1 
ATOM   139  C CB  . ALA A 1 27  ? -0.943  -8.154  -8.440  1.00 26.35 ? 27  ALA A CB  1 
ATOM   140  N N   . LEU A 1 28  ? -2.908  -5.760  -7.828  1.00 22.36 ? 28  LEU A N   1 
ATOM   141  C CA  . LEU A 1 28  ? -3.623  -4.884  -6.878  1.00 21.25 ? 28  LEU A CA  1 
ATOM   142  C C   . LEU A 1 28  ? -5.110  -4.845  -7.140  1.00 23.20 ? 28  LEU A C   1 
ATOM   143  O O   . LEU A 1 28  ? -5.948  -4.864  -6.215  1.00 22.58 ? 28  LEU A O   1 
ATOM   144  C CB  . LEU A 1 28  ? -2.961  -3.510  -6.988  1.00 18.72 ? 28  LEU A CB  1 
ATOM   145  C CG  . LEU A 1 28  ? -1.547  -3.414  -6.369  1.00 18.39 ? 28  LEU A CG  1 
ATOM   146  C CD1 . LEU A 1 28  ? -0.987  -2.061  -6.739  1.00 29.58 ? 28  LEU A CD1 1 
ATOM   147  C CD2 . LEU A 1 28  ? -1.657  -3.572  -4.861  1.00 26.18 ? 28  LEU A CD2 1 
ATOM   148  N N   . GLU A 1 29  ? -5.529  -4.809  -8.419  1.00 21.06 ? 29  GLU A N   1 
ATOM   149  C CA  . GLU A 1 29  ? -6.951  -4.736  -8.742  1.00 19.73 ? 29  GLU A CA  1 
ATOM   150  C C   . GLU A 1 29  ? -7.670  -5.991  -8.227  1.00 22.34 ? 29  GLU A C   1 
ATOM   151  O O   . GLU A 1 29  ? -8.767  -5.904  -7.663  1.00 26.26 ? 29  GLU A O   1 
ATOM   152  C CB  . GLU A 1 29  ? -7.182  -4.607  -10.258 1.00 22.55 ? 29  GLU A CB  1 
ATOM   153  C CG  . GLU A 1 29  ? -6.770  -3.285  -10.863 1.00 23.21 ? 29  GLU A CG  1 
ATOM   154  C CD  . GLU A 1 29  ? -6.853  -3.193  -12.370 1.00 29.29 ? 29  GLU A CD  1 
ATOM   155  O OE1 . GLU A 1 29  ? -6.564  -4.204  -13.042 1.00 28.16 ? 29  GLU A OE1 1 
ATOM   156  O OE2 . GLU A 1 29  ? -7.195  -2.118  -12.889 1.00 32.43 ? 29  GLU A OE2 1 
ATOM   157  N N   . GLU A 1 30  ? -7.076  -7.168  -8.419  1.00 22.89 ? 30  GLU A N   1 
ATOM   158  C CA  . GLU A 1 30  ? -7.595  -8.425  -7.916  1.00 21.15 ? 30  GLU A CA  1 
ATOM   159  C C   . GLU A 1 30  ? -7.666  -8.502  -6.387  1.00 20.42 ? 30  GLU A C   1 
ATOM   160  O O   . GLU A 1 30  ? -8.733  -8.839  -5.856  1.00 23.65 ? 30  GLU A O   1 
ATOM   161  C CB  . GLU A 1 30  ? -6.750  -9.624  -8.407  1.00 24.30 ? 30  GLU A CB  1 
ATOM   162  C CG  . GLU A 1 30  ? -6.713  -9.734  -9.921  1.00 35.13 ? 30  GLU A CG  1 
ATOM   163  C CD  . GLU A 1 30  ? -5.543  -10.546 -10.449 1.00 49.77 ? 30  GLU A CD  1 
ATOM   164  O OE1 . GLU A 1 30  ? -4.785  -11.145 -9.648  1.00 50.34 ? 30  GLU A OE1 1 
ATOM   165  O OE2 . GLU A 1 30  ? -5.356  -10.581 -11.690 1.00 46.10 ? 30  GLU A OE2 1 
ATOM   166  N N   . TRP A 1 31  ? -6.572  -8.131  -5.717  1.00 22.72 ? 31  TRP A N   1 
ATOM   167  C CA  . TRP A 1 31  ? -6.602  -8.227  -4.265  1.00 20.64 ? 31  TRP A CA  1 
ATOM   168  C C   . TRP A 1 31  ? -7.618  -7.281  -3.634  1.00 21.31 ? 31  TRP A C   1 
ATOM   169  O O   . TRP A 1 31  ? -8.371  -7.718  -2.743  1.00 20.15 ? 31  TRP A O   1 
ATOM   170  C CB  . TRP A 1 31  ? -5.183  -7.964  -3.701  1.00 20.77 ? 31  TRP A CB  1 
ATOM   171  C CG  . TRP A 1 31  ? -5.221  -8.362  -2.245  1.00 21.54 ? 31  TRP A CG  1 
ATOM   172  C CD1 . TRP A 1 31  ? -5.037  -9.624  -1.761  1.00 22.03 ? 31  TRP A CD1 1 
ATOM   173  C CD2 . TRP A 1 31  ? -5.466  -7.516  -1.110  1.00 19.66 ? 31  TRP A CD2 1 
ATOM   174  N NE1 . TRP A 1 31  ? -5.172  -9.623  -0.395  1.00 20.54 ? 31  TRP A NE1 1 
ATOM   175  C CE2 . TRP A 1 31  ? -5.437  -8.337  0.012   1.00 16.59 ? 31  TRP A CE2 1 
ATOM   176  C CE3 . TRP A 1 31  ? -5.721  -6.149  -0.962  1.00 19.54 ? 31  TRP A CE3 1 
ATOM   177  C CZ2 . TRP A 1 31  ? -5.649  -7.849  1.316   1.00 20.88 ? 31  TRP A CZ2 1 
ATOM   178  C CZ3 . TRP A 1 31  ? -5.937  -5.664  0.327   1.00 23.71 ? 31  TRP A CZ3 1 
ATOM   179  C CH2 . TRP A 1 31  ? -5.908  -6.507  1.437   1.00 19.34 ? 31  TRP A CH2 1 
ATOM   180  N N   . LEU A 1 32  ? -7.647  -6.026  -4.069  1.00 20.17 ? 32  LEU A N   1 
ATOM   181  C CA  . LEU A 1 32  ? -8.559  -5.035  -3.491  1.00 16.59 ? 32  LEU A CA  1 
ATOM   182  C C   . LEU A 1 32  ? -10.005 -5.447  -3.741  1.00 20.80 ? 32  LEU A C   1 
ATOM   183  O O   . LEU A 1 32  ? -10.862 -5.244  -2.867  1.00 20.18 ? 32  LEU A O   1 
ATOM   184  C CB  . LEU A 1 32  ? -8.260  -3.639  -4.066  1.00 17.06 ? 32  LEU A CB  1 
ATOM   185  C CG  . LEU A 1 32  ? -6.936  -3.011  -3.616  1.00 17.29 ? 32  LEU A CG  1 
ATOM   186  C CD1 . LEU A 1 32  ? -6.617  -1.767  -4.448  1.00 19.04 ? 32  LEU A CD1 1 
ATOM   187  C CD2 . LEU A 1 32  ? -7.015  -2.639  -2.133  1.00 16.94 ? 32  LEU A CD2 1 
ATOM   188  N N   . THR A 1 33  ? -10.322 -6.015  -4.903  1.00 18.36 ? 33  THR A N   1 
ATOM   189  C CA  . THR A 1 33  ? -11.684 -6.489  -5.195  1.00 21.20 ? 33  THR A CA  1 
ATOM   190  C C   . THR A 1 33  ? -12.116 -7.606  -4.243  1.00 20.53 ? 33  THR A C   1 
ATOM   191  O O   . THR A 1 33  ? -13.252 -7.610  -3.757  1.00 22.94 ? 33  THR A O   1 
ATOM   192  C CB  . THR A 1 33  ? -11.746 -6.950  -6.664  1.00 21.16 ? 33  THR A CB  1 
ATOM   193  O OG1 . THR A 1 33  ? -11.458 -5.823  -7.521  1.00 22.29 ? 33  THR A OG1 1 
ATOM   194  C CG2 . THR A 1 33  ? -13.133 -7.485  -6.998  1.00 24.51 ? 33  THR A CG2 1 
ATOM   195  N N   . SER A 1 34  ? -11.198 -8.481  -3.867  1.00 19.86 ? 34  SER A N   1 
ATOM   196  C CA  . SER A 1 34  ? -11.520 -9.549  -2.924  1.00 23.74 ? 34  SER A CA  1 
ATOM   197  C C   . SER A 1 34  ? -11.585 -9.067  -1.479  1.00 22.94 ? 34  SER A C   1 
ATOM   198  O O   . SER A 1 34  ? -12.389 -9.577  -0.694  1.00 26.54 ? 34  SER A O   1 
ATOM   199  C CB  . SER A 1 34  ? -10.472 -10.677 -3.000  1.00 25.35 ? 34  SER A CB  1 
ATOM   200  O OG  . SER A 1 34  ? -9.289  -10.302 -2.302  1.00 33.43 ? 34  SER A OG  1 
ATOM   201  N N   . ALA A 1 35  ? -10.772 -8.080  -1.126  1.00 20.00 ? 35  ALA A N   1 
ATOM   202  C CA  . ALA A 1 35  ? -10.703 -7.648  0.271   1.00 18.10 ? 35  ALA A CA  1 
ATOM   203  C C   . ALA A 1 35  ? -11.720 -6.624  0.725   1.00 15.85 ? 35  ALA A C   1 
ATOM   204  O O   . ALA A 1 35  ? -12.002 -6.647  1.948   1.00 19.60 ? 35  ALA A O   1 
ATOM   205  C CB  . ALA A 1 35  ? -9.311  -7.038  0.549   1.00 17.99 ? 35  ALA A CB  1 
ATOM   206  N N   . LEU A 1 36  ? -12.104 -5.671  -0.130  1.00 18.44 ? 36  LEU A N   1 
ATOM   207  C CA  . LEU A 1 36  ? -12.989 -4.596  0.314   1.00 16.74 ? 36  LEU A CA  1 
ATOM   208  C C   . LEU A 1 36  ? -14.480 -4.919  0.168   1.00 18.71 ? 36  LEU A C   1 
ATOM   209  O O   . LEU A 1 36  ? -14.855 -5.446  -0.885  1.00 20.18 ? 36  LEU A O   1 
ATOM   210  C CB  . LEU A 1 36  ? -12.667 -3.306  -0.447  1.00 18.50 ? 36  LEU A CB  1 
ATOM   211  C CG  . LEU A 1 36  ? -11.337 -2.643  -0.084  1.00 23.89 ? 36  LEU A CG  1 
ATOM   212  C CD1 . LEU A 1 36  ? -10.988 -1.520  -1.059  1.00 29.92 ? 36  LEU A CD1 1 
ATOM   213  C CD2 . LEU A 1 36  ? -11.382 -2.073  1.318   1.00 29.61 ? 36  LEU A CD2 1 
ATOM   214  N N   . THR A 1 37  ? -15.252 -4.596  1.205   1.00 17.88 ? 37  THR A N   1 
ATOM   215  C CA  . THR A 1 37  ? -16.710 -4.839  1.098   1.00 21.22 ? 37  THR A CA  1 
ATOM   216  C C   . THR A 1 37  ? -17.436 -3.515  0.919   1.00 22.67 ? 37  THR A C   1 
ATOM   217  O O   . THR A 1 37  ? -18.537 -3.530  0.350   1.00 24.31 ? 37  THR A O   1 
ATOM   218  C CB  . THR A 1 37  ? -17.299 -5.576  2.301   1.00 21.99 ? 37  THR A CB  1 
ATOM   219  O OG1 . THR A 1 37  ? -16.929 -4.890  3.507   1.00 26.12 ? 37  THR A OG1 1 
ATOM   220  C CG2 . THR A 1 37  ? -16.785 -7.005  2.428   1.00 22.27 ? 37  THR A CG2 1 
ATOM   221  N N   . THR A 1 38  ? -16.823 -2.377  1.178   1.00 21.34 ? 38  THR A N   1 
ATOM   222  C CA  . THR A 1 38  ? -17.342 -1.041  0.851   1.00 19.28 ? 38  THR A CA  1 
ATOM   223  C C   . THR A 1 38  ? -16.831 -0.641  -0.536  1.00 22.13 ? 38  THR A C   1 
ATOM   224  O O   . THR A 1 38  ? -15.833 -1.182  -1.054  1.00 19.73 ? 38  THR A O   1 
ATOM   225  C CB  . THR A 1 38  ? -16.854 -0.022  1.890   1.00 20.13 ? 38  THR A CB  1 
ATOM   226  O OG1 . THR A 1 38  ? -15.467 -0.278  2.203   1.00 19.68 ? 38  THR A OG1 1 
ATOM   227  C CG2 . THR A 1 38  ? -17.613 -0.150  3.206   1.00 21.60 ? 38  THR A CG2 1 
ATOM   228  N N   . PRO A 1 39  ? -17.516 0.260   -1.229  1.00 17.47 ? 39  PRO A N   1 
ATOM   229  C CA  . PRO A 1 39  ? -17.202 0.658   -2.587  1.00 18.17 ? 39  PRO A CA  1 
ATOM   230  C C   . PRO A 1 39  ? -15.886 1.389   -2.773  1.00 18.26 ? 39  PRO A C   1 
ATOM   231  O O   . PRO A 1 39  ? -15.468 2.165   -1.872  1.00 19.12 ? 39  PRO A O   1 
ATOM   232  C CB  . PRO A 1 39  ? -18.352 1.623   -2.994  1.00 18.69 ? 39  PRO A CB  1 
ATOM   233  C CG  . PRO A 1 39  ? -18.898 2.056   -1.672  1.00 23.14 ? 39  PRO A CG  1 
ATOM   234  C CD  . PRO A 1 39  ? -18.752 0.886   -0.715  1.00 23.26 ? 39  PRO A CD  1 
ATOM   235  N N   . PHE A 1 40  ? -15.206 1.197   -3.904  1.00 16.43 ? 40  PHE A N   1 
ATOM   236  C CA  . PHE A 1 40  ? -13.970 1.907   -4.191  1.00 17.84 ? 40  PHE A CA  1 
ATOM   237  C C   . PHE A 1 40  ? -13.885 2.237   -5.686  1.00 16.39 ? 40  PHE A C   1 
ATOM   238  O O   . PHE A 1 40  ? -14.635 1.632   -6.482  1.00 19.11 ? 40  PHE A O   1 
ATOM   239  C CB  . PHE A 1 40  ? -12.733 1.095   -3.754  1.00 18.95 ? 40  PHE A CB  1 
ATOM   240  C CG  . PHE A 1 40  ? -12.485 -0.210  -4.462  1.00 18.83 ? 40  PHE A CG  1 
ATOM   241  C CD1 . PHE A 1 40  ? -11.714 -0.234  -5.616  1.00 20.92 ? 40  PHE A CD1 1 
ATOM   242  C CD2 . PHE A 1 40  ? -12.997 -1.400  -3.952  1.00 19.36 ? 40  PHE A CD2 1 
ATOM   243  C CE1 . PHE A 1 40  ? -11.472 -1.420  -6.291  1.00 20.67 ? 40  PHE A CE1 1 
ATOM   244  C CE2 . PHE A 1 40  ? -12.729 -2.592  -4.614  1.00 20.54 ? 40  PHE A CE2 1 
ATOM   245  C CZ  . PHE A 1 40  ? -11.983 -2.589  -5.764  1.00 19.52 ? 40  PHE A CZ  1 
ATOM   246  N N   . GLU A 1 41  ? -13.034 3.181   -6.039  1.00 17.32 ? 41  GLU A N   1 
ATOM   247  C CA  . GLU A 1 41  ? -12.783 3.552   -7.428  1.00 18.51 ? 41  GLU A CA  1 
ATOM   248  C C   . GLU A 1 41  ? -11.263 3.658   -7.603  1.00 20.81 ? 41  GLU A C   1 
ATOM   249  O O   . GLU A 1 41  ? -10.550 4.018   -6.656  1.00 19.37 ? 41  GLU A O   1 
ATOM   250  C CB  . GLU A 1 41  ? -13.512 4.811   -7.859  1.00 23.87 ? 41  GLU A CB  1 
ATOM   251  C CG  . GLU A 1 41  ? -13.258 6.060   -7.076  1.00 27.03 ? 41  GLU A CG  1 
ATOM   252  C CD  . GLU A 1 41  ? -14.149 7.251   -7.351  1.00 30.63 ? 41  GLU A CD  1 
ATOM   253  O OE1 . GLU A 1 41  ? -15.063 7.203   -8.196  1.00 28.95 ? 41  GLU A OE1 1 
ATOM   254  O OE2 . GLU A 1 41  ? -13.982 8.326   -6.728  1.00 42.13 ? 41  GLU A OE2 1 
ATOM   255  N N   . LEU A 1 42  ? -10.752 3.188   -8.726  1.00 19.42 ? 42  LEU A N   1 
ATOM   256  C CA  . LEU A 1 42  ? -9.351  3.133   -9.028  1.00 17.57 ? 42  LEU A CA  1 
ATOM   257  C C   . LEU A 1 42  ? -8.893  4.157   -10.054 1.00 21.16 ? 42  LEU A C   1 
ATOM   258  O O   . LEU A 1 42  ? -9.521  4.366   -11.118 1.00 23.52 ? 42  LEU A O   1 
ATOM   259  C CB  . LEU A 1 42  ? -9.023  1.718   -9.565  1.00 17.70 ? 42  LEU A CB  1 
ATOM   260  C CG  . LEU A 1 42  ? -9.332  0.548   -8.635  1.00 17.71 ? 42  LEU A CG  1 
ATOM   261  C CD1 . LEU A 1 42  ? -8.902  -0.792  -9.209  1.00 18.91 ? 42  LEU A CD1 1 
ATOM   262  C CD2 . LEU A 1 42  ? -8.650  0.750   -7.262  1.00 18.61 ? 42  LEU A CD2 1 
ATOM   263  N N   . GLU A 1 43  ? -7.731  4.717   -9.843  1.00 18.22 ? 43  GLU A N   1 
ATOM   264  C CA  . GLU A 1 43  ? -6.964  5.552   -10.740 1.00 19.11 ? 43  GLU A CA  1 
ATOM   265  C C   . GLU A 1 43  ? -5.623  4.851   -10.958 1.00 20.15 ? 43  GLU A C   1 
ATOM   266  O O   . GLU A 1 43  ? -4.829  4.769   -10.000 1.00 19.45 ? 43  GLU A O   1 
ATOM   267  C CB  . GLU A 1 43  ? -6.748  6.957   -10.226 1.00 21.08 ? 43  GLU A CB  1 
ATOM   268  C CG  . GLU A 1 43  ? -7.966  7.871   -10.333 1.00 27.36 ? 43  GLU A CG  1 
ATOM   269  C CD  . GLU A 1 43  ? -8.382  8.150   -11.764 1.00 29.80 ? 43  GLU A CD  1 
ATOM   270  O OE1 . GLU A 1 43  ? -7.527  8.310   -12.671 1.00 29.16 ? 43  GLU A OE1 1 
ATOM   271  O OE2 . GLU A 1 43  ? -9.597  8.165   -12.047 1.00 33.59 ? 43  GLU A OE2 1 
ATOM   272  N N   . THR A 1 44  ? -5.386  4.253   -12.109 1.00 19.28 ? 44  THR A N   1 
ATOM   273  C CA  . THR A 1 44  ? -4.209  3.447   -12.368 1.00 18.65 ? 44  THR A CA  1 
ATOM   274  C C   . THR A 1 44  ? -3.223  4.109   -13.302 1.00 22.60 ? 44  THR A C   1 
ATOM   275  O O   . THR A 1 44  ? -3.532  4.874   -14.213 1.00 23.62 ? 44  THR A O   1 
ATOM   276  C CB  . THR A 1 44  ? -4.596  2.047   -12.870 1.00 21.90 ? 44  THR A CB  1 
ATOM   277  O OG1 . THR A 1 44  ? -5.107  2.196   -14.215 1.00 23.85 ? 44  THR A OG1 1 
ATOM   278  C CG2 . THR A 1 44  ? -5.624  1.340   -11.999 1.00 20.70 ? 44  THR A CG2 1 
ATOM   279  N N   . ARG A 1 45  ? -1.949  3.963   -12.948 1.00 19.35 ? 45  ARG A N   1 
ATOM   280  C CA  . ARG A 1 45  ? -0.849  4.576   -13.694 1.00 19.05 ? 45  ARG A CA  1 
ATOM   281  C C   . ARG A 1 45  ? 0.298   3.596   -13.852 1.00 22.07 ? 45  ARG A C   1 
ATOM   282  O O   . ARG A 1 45  ? 0.731   3.014   -12.845 1.00 21.26 ? 45  ARG A O   1 
ATOM   283  C CB  . ARG A 1 45  ? -0.359  5.848   -13.014 1.00 18.99 ? 45  ARG A CB  1 
ATOM   284  C CG  . ARG A 1 45  ? -1.349  6.951   -12.695 1.00 19.51 ? 45  ARG A CG  1 
ATOM   285  C CD  . ARG A 1 45  ? -1.836  7.623   -14.002 1.00 21.74 ? 45  ARG A CD  1 
ATOM   286  N NE  . ARG A 1 45  ? -2.746  8.716   -13.685 1.00 24.81 ? 45  ARG A NE  1 
ATOM   287  C CZ  . ARG A 1 45  ? -4.065  8.601   -13.480 1.00 19.47 ? 45  ARG A CZ  1 
ATOM   288  N NH1 . ARG A 1 45  ? -4.663  7.416   -13.568 1.00 22.58 ? 45  ARG A NH1 1 
ATOM   289  N NH2 . ARG A 1 45  ? -4.725  9.699   -13.158 1.00 22.31 ? 45  ARG A NH2 1 
ATOM   290  N N   . LEU A 1 46  ? 0.837   3.393   -15.037 1.00 18.76 ? 46  LEU A N   1 
ATOM   291  C CA  . LEU A 1 46  ? 1.994   2.580   -15.332 1.00 19.38 ? 46  LEU A CA  1 
ATOM   292  C C   . LEU A 1 46  ? 3.099   3.512   -15.832 1.00 19.88 ? 46  LEU A C   1 
ATOM   293  O O   . LEU A 1 46  ? 2.896   4.185   -16.854 1.00 22.04 ? 46  LEU A O   1 
ATOM   294  C CB  . LEU A 1 46  ? 1.726   1.511   -16.393 1.00 22.47 ? 46  LEU A CB  1 
ATOM   295  C CG  . LEU A 1 46  ? 2.881   0.646   -16.879 1.00 26.39 ? 46  LEU A CG  1 
ATOM   296  C CD1 . LEU A 1 46  ? 3.444   -0.208  -15.745 1.00 27.37 ? 46  LEU A CD1 1 
ATOM   297  C CD2 . LEU A 1 46  ? 2.413   -0.265  -18.018 1.00 28.15 ? 46  LEU A CD2 1 
ATOM   298  N N   . ILE A 1 47  ? 4.183   3.686   -15.112 1.00 17.99 ? 47  ILE A N   1 
ATOM   299  C CA  . ILE A 1 47  ? 5.230   4.664   -15.423 1.00 18.36 ? 47  ILE A CA  1 
ATOM   300  C C   . ILE A 1 47  ? 6.611   4.066   -15.314 1.00 18.51 ? 47  ILE A C   1 
ATOM   301  O O   . ILE A 1 47  ? 6.886   3.078   -14.639 1.00 21.69 ? 47  ILE A O   1 
ATOM   302  C CB  . ILE A 1 47  ? 5.147   5.844   -14.417 1.00 20.05 ? 47  ILE A CB  1 
ATOM   303  C CG1 . ILE A 1 47  ? 5.197   5.430   -12.936 1.00 19.22 ? 47  ILE A CG1 1 
ATOM   304  C CG2 . ILE A 1 47  ? 3.875   6.668   -14.623 1.00 20.52 ? 47  ILE A CG2 1 
ATOM   305  C CD1 . ILE A 1 47  ? 5.336   6.588   -11.961 1.00 18.88 ? 47  ILE A CD1 1 
ATOM   306  N N   . PRO A 1 48  ? 7.610   4.700   -15.961 1.00 23.93 ? 48  PRO A N   1 
ATOM   307  C CA  . PRO A 1 48  ? 8.989   4.307   -15.871 1.00 24.89 ? 48  PRO A CA  1 
ATOM   308  C C   . PRO A 1 48  ? 9.646   4.565   -14.521 1.00 22.11 ? 48  PRO A C   1 
ATOM   309  O O   . PRO A 1 48  ? 9.230   5.507   -13.812 1.00 21.27 ? 48  PRO A O   1 
ATOM   310  C CB  . PRO A 1 48  ? 9.739   5.222   -16.889 1.00 25.08 ? 48  PRO A CB  1 
ATOM   311  C CG  . PRO A 1 48  ? 8.774   6.357   -17.081 1.00 28.93 ? 48  PRO A CG  1 
ATOM   312  C CD  . PRO A 1 48  ? 7.361   5.851   -16.849 1.00 24.73 ? 48  PRO A CD  1 
ATOM   313  N N   . ASP A 1 49  ? 10.747  3.855   -14.234 1.00 22.76 ? 49  ASP A N   1 
ATOM   314  C CA  . ASP A 1 49  ? 11.469  4.120   -12.986 1.00 23.42 ? 49  ASP A CA  1 
ATOM   315  C C   . ASP A 1 49  ? 12.397  5.323   -13.112 1.00 25.18 ? 49  ASP A C   1 
ATOM   316  O O   . ASP A 1 49  ? 13.605  5.146   -13.109 1.00 26.40 ? 49  ASP A O   1 
ATOM   317  C CB  . ASP A 1 49  ? 12.270  2.938   -12.450 1.00 23.94 ? 49  ASP A CB  1 
ATOM   318  C CG  . ASP A 1 49  ? 13.262  2.311   -13.393 1.00 33.85 ? 49  ASP A CG  1 
ATOM   319  O OD1 . ASP A 1 49  ? 13.220  2.645   -14.606 1.00 32.43 ? 49  ASP A OD1 1 
ATOM   320  O OD2 . ASP A 1 49  ? 14.093  1.501   -12.929 1.00 30.60 ? 49  ASP A OD2 1 
ATOM   321  N N   . GLU A 1 50  ? 11.833  6.521   -13.110 1.00 20.61 ? 50  GLU A N   1 
ATOM   322  C CA  . GLU A 1 50  ? 12.581  7.774   -13.166 1.00 24.07 ? 50  GLU A CA  1 
ATOM   323  C C   . GLU A 1 50  ? 12.009  8.639   -12.025 1.00 19.83 ? 50  GLU A C   1 
ATOM   324  O O   . GLU A 1 50  ? 10.803  8.831   -12.015 1.00 20.97 ? 50  GLU A O   1 
ATOM   325  C CB  . GLU A 1 50  ? 12.461  8.472   -14.507 1.00 25.01 ? 50  GLU A CB  1 
ATOM   326  C CG  . GLU A 1 50  ? 13.010  7.704   -15.710 1.00 25.52 ? 50  GLU A CG  1 
ATOM   327  C CD  . GLU A 1 50  ? 14.488  7.385   -15.622 1.00 31.26 ? 50  GLU A CD  1 
ATOM   328  O OE1 . GLU A 1 50  ? 15.241  8.005   -14.854 1.00 41.86 ? 50  GLU A OE1 1 
ATOM   329  O OE2 . GLU A 1 50  ? 14.947  6.448   -16.331 1.00 36.60 ? 50  GLU A OE2 1 
ATOM   330  N N   . GLN A 1 51  ? 12.856  9.056   -11.113 1.00 17.24 ? 51  GLN A N   1 
ATOM   331  C CA  . GLN A 1 51  ? 12.351  9.719   -9.908  1.00 17.91 ? 51  GLN A CA  1 
ATOM   332  C C   . GLN A 1 51  ? 11.441  10.877  -10.110 1.00 21.11 ? 51  GLN A C   1 
ATOM   333  O O   . GLN A 1 51  ? 10.403  11.001  -9.419  1.00 19.30 ? 51  GLN A O   1 
ATOM   334  C CB  . GLN A 1 51  ? 13.526  10.087  -8.983  1.00 20.21 ? 51  GLN A CB  1 
ATOM   335  C CG  . GLN A 1 51  ? 13.063  10.660  -7.656  1.00 19.17 ? 51  GLN A CG  1 
ATOM   336  C CD  . GLN A 1 51  ? 14.178  10.765  -6.622  1.00 22.25 ? 51  GLN A CD  1 
ATOM   337  O OE1 . GLN A 1 51  ? 15.231  10.131  -6.702  1.00 24.23 ? 51  GLN A OE1 1 
ATOM   338  N NE2 . GLN A 1 51  ? 13.914  11.572  -5.619  1.00 19.08 ? 51  GLN A NE2 1 
ATOM   339  N N   . ALA A 1 52  ? 11.689  11.811  -11.047 1.00 18.94 ? 52  ALA A N   1 
ATOM   340  C CA  . ALA A 1 52  ? 10.810  12.948  -11.214 1.00 19.29 ? 52  ALA A CA  1 
ATOM   341  C C   . ALA A 1 52  ? 9.435   12.564  -11.743 1.00 17.71 ? 52  ALA A C   1 
ATOM   342  O O   . ALA A 1 52  ? 8.463   13.246  -11.410 1.00 19.53 ? 52  ALA A O   1 
ATOM   343  C CB  . ALA A 1 52  ? 11.478  13.995  -12.130 1.00 22.96 ? 52  ALA A CB  1 
ATOM   344  N N   . ILE A 1 53  ? 9.330   11.516  -12.561 1.00 20.04 ? 53  ILE A N   1 
ATOM   345  C CA  . ILE A 1 53  ? 8.023   11.095  -13.052 1.00 19.22 ? 53  ILE A CA  1 
ATOM   346  C C   . ILE A 1 53  ? 7.229   10.381  -11.941 1.00 16.91 ? 53  ILE A C   1 
ATOM   347  O O   . ILE A 1 53  ? 6.035   10.633  -11.789 1.00 17.18 ? 53  ILE A O   1 
ATOM   348  C CB  . ILE A 1 53  ? 8.192   10.101  -14.220 1.00 21.48 ? 53  ILE A CB  1 
ATOM   349  C CG1 . ILE A 1 53  ? 8.976   10.792  -15.348 1.00 25.34 ? 53  ILE A CG1 1 
ATOM   350  C CG2 . ILE A 1 53  ? 6.843   9.619   -14.733 1.00 23.11 ? 53  ILE A CG2 1 
ATOM   351  C CD1 . ILE A 1 53  ? 9.351   9.843   -16.470 1.00 38.10 ? 53  ILE A CD1 1 
ATOM   352  N N   . ILE A 1 54  ? 7.946   9.655   -11.068 1.00 18.06 ? 54  ILE A N   1 
ATOM   353  C CA  . ILE A 1 54  ? 7.214   9.051   -9.916  1.00 18.13 ? 54  ILE A CA  1 
ATOM   354  C C   . ILE A 1 54  ? 6.720   10.172  -9.014  1.00 15.57 ? 54  ILE A C   1 
ATOM   355  O O   . ILE A 1 54  ? 5.544   10.166  -8.643  1.00 16.06 ? 54  ILE A O   1 
ATOM   356  C CB  . ILE A 1 54  ? 8.114   8.076   -9.160  1.00 15.55 ? 54  ILE A CB  1 
ATOM   357  C CG1 . ILE A 1 54  ? 8.565   6.928   -10.055 1.00 16.48 ? 54  ILE A CG1 1 
ATOM   358  C CG2 . ILE A 1 54  ? 7.318   7.534   -7.957  1.00 17.36 ? 54  ILE A CG2 1 
ATOM   359  C CD1 . ILE A 1 54  ? 9.726   6.122   -9.450  1.00 17.93 ? 54  ILE A CD1 1 
ATOM   360  N N   . GLU A 1 55  ? 7.531   11.164  -8.685  1.00 16.36 ? 55  GLU A N   1 
ATOM   361  C CA  . GLU A 1 55  ? 7.046   12.275  -7.860  1.00 15.37 ? 55  GLU A CA  1 
ATOM   362  C C   . GLU A 1 55  ? 5.857   12.974  -8.486  1.00 18.47 ? 55  GLU A C   1 
ATOM   363  O O   . GLU A 1 55  ? 4.846   13.305  -7.842  1.00 18.12 ? 55  GLU A O   1 
ATOM   364  C CB  . GLU A 1 55  ? 8.154   13.301  -7.583  1.00 18.48 ? 55  GLU A CB  1 
ATOM   365  C CG  . GLU A 1 55  ? 9.332   12.809  -6.780  1.00 17.09 ? 55  GLU A CG  1 
ATOM   366  C CD  . GLU A 1 55  ? 10.485  13.740  -6.541  1.00 22.35 ? 55  GLU A CD  1 
ATOM   367  O OE1 . GLU A 1 55  ? 10.300  14.969  -6.658  1.00 29.26 ? 55  GLU A OE1 1 
ATOM   368  O OE2 . GLU A 1 55  ? 11.601  13.316  -6.140  1.00 22.63 ? 55  GLU A OE2 1 
ATOM   369  N N   . GLN A 1 56  ? 5.944   13.264  -9.805  1.00 19.00 ? 56  GLN A N   1 
ATOM   370  C CA  . GLN A 1 56  ? 4.803   13.931  -10.442 1.00 21.61 ? 56  GLN A CA  1 
ATOM   371  C C   . GLN A 1 56  ? 3.512   13.123  -10.371 1.00 14.59 ? 56  GLN A C   1 
ATOM   372  O O   . GLN A 1 56  ? 2.413   13.659  -10.174 1.00 20.06 ? 56  GLN A O   1 
ATOM   373  C CB  . GLN A 1 56  ? 5.133   14.257  -11.908 1.00 23.27 ? 56  GLN A CB  1 
ATOM   374  C CG  . GLN A 1 56  ? 4.112   15.211  -12.536 1.00 30.88 ? 56  GLN A CG  1 
ATOM   375  C CD  . GLN A 1 56  ? 4.432   16.664  -12.206 1.00 38.13 ? 56  GLN A CD  1 
ATOM   376  O OE1 . GLN A 1 56  ? 5.564   17.014  -11.857 1.00 40.38 ? 56  GLN A OE1 1 
ATOM   377  N NE2 . GLN A 1 56  ? 3.445   17.538  -12.328 1.00 52.30 ? 56  GLN A NE2 1 
ATOM   378  N N   . THR A 1 57  ? 3.609   11.824  -10.589 1.00 17.25 ? 57  THR A N   1 
ATOM   379  C CA  . THR A 1 57  ? 2.474   10.914  -10.566 1.00 17.62 ? 57  THR A CA  1 
ATOM   380  C C   . THR A 1 57  ? 1.801   10.858  -9.193  1.00 16.00 ? 57  THR A C   1 
ATOM   381  O O   . THR A 1 57  ? 0.589   10.880  -9.035  1.00 16.72 ? 57  THR A O   1 
ATOM   382  C CB  . THR A 1 57  ? 2.932   9.529   -11.025 1.00 20.16 ? 57  THR A CB  1 
ATOM   383  O OG1 . THR A 1 57  ? 3.356   9.641   -12.410 1.00 20.38 ? 57  THR A OG1 1 
ATOM   384  C CG2 . THR A 1 57  ? 1.801   8.508   -10.975 1.00 18.88 ? 57  THR A CG2 1 
ATOM   385  N N   . LEU A 1 58  ? 2.660   10.792  -8.150  1.00 16.70 ? 58  LEU A N   1 
ATOM   386  C CA  . LEU A 1 58  ? 2.096   10.777  -6.781  1.00 17.78 ? 58  LEU A CA  1 
ATOM   387  C C   . LEU A 1 58  ? 1.406   12.092  -6.469  1.00 17.71 ? 58  LEU A C   1 
ATOM   388  O O   . LEU A 1 58  ? 0.298   12.081  -5.889  1.00 16.45 ? 58  LEU A O   1 
ATOM   389  C CB  . LEU A 1 58  ? 3.225   10.535  -5.775  1.00 17.48 ? 58  LEU A CB  1 
ATOM   390  C CG  . LEU A 1 58  ? 3.873   9.137   -5.828  1.00 15.14 ? 58  LEU A CG  1 
ATOM   391  C CD1 . LEU A 1 58  ? 4.974   9.087   -4.756  1.00 19.29 ? 58  LEU A CD1 1 
ATOM   392  C CD2 . LEU A 1 58  ? 2.836   8.038   -5.620  1.00 17.97 ? 58  LEU A CD2 1 
ATOM   393  N N   . CYS A 1 59  ? 1.976   13.235  -6.861  1.00 18.05 ? 59  CYS A N   1 
ATOM   394  C CA  . CYS A 1 59  ? 1.297   14.512  -6.636  1.00 18.68 ? 59  CYS A CA  1 
ATOM   395  C C   . CYS A 1 59  ? 0.013   14.611  -7.470  1.00 19.26 ? 59  CYS A C   1 
ATOM   396  O O   . CYS A 1 59  ? -0.984  15.105  -6.941  1.00 18.65 ? 59  CYS A O   1 
ATOM   397  C CB  . CYS A 1 59  ? 2.247   15.671  -6.957  1.00 20.03 ? 59  CYS A CB  1 
ATOM   398  S SG  . CYS A 1 59  ? 3.685   15.828  -5.883  1.00 19.09 ? 59  CYS A SG  1 
ATOM   399  N N   . GLU A 1 60  ? 0.016   14.108  -8.697  1.00 21.13 ? 60  GLU A N   1 
ATOM   400  C CA  . GLU A 1 60  ? -1.200  14.110  -9.522  1.00 21.00 ? 60  GLU A CA  1 
ATOM   401  C C   . GLU A 1 60  ? -2.312  13.367  -8.806  1.00 19.07 ? 60  GLU A C   1 
ATOM   402  O O   . GLU A 1 60  ? -3.467  13.796  -8.672  1.00 21.01 ? 60  GLU A O   1 
ATOM   403  C CB  . GLU A 1 60  ? -0.873  13.492  -10.894 1.00 21.09 ? 60  GLU A CB  1 
ATOM   404  C CG  . GLU A 1 60  ? -2.099  13.229  -11.768 1.00 22.20 ? 60  GLU A CG  1 
ATOM   405  C CD  . GLU A 1 60  ? -1.770  12.373  -12.976 1.00 29.58 ? 60  GLU A CD  1 
ATOM   406  O OE1 . GLU A 1 60  ? -0.585  12.371  -13.411 1.00 36.96 ? 60  GLU A OE1 1 
ATOM   407  O OE2 . GLU A 1 60  ? -2.652  11.662  -13.504 1.00 32.56 ? 60  GLU A OE2 1 
ATOM   408  N N   . LEU A 1 61  ? -1.998  12.127  -8.338  1.00 17.64 ? 61  LEU A N   1 
ATOM   409  C CA  . LEU A 1 61  ? -3.022  11.296  -7.729  1.00 17.57 ? 61  LEU A CA  1 
ATOM   410  C C   . LEU A 1 61  ? -3.563  11.885  -6.428  1.00 17.17 ? 61  LEU A C   1 
ATOM   411  O O   . LEU A 1 61  ? -4.766  11.786  -6.210  1.00 17.99 ? 61  LEU A O   1 
ATOM   412  C CB  . LEU A 1 61  ? -2.454  9.882   -7.470  1.00 18.15 ? 61  LEU A CB  1 
ATOM   413  C CG  . LEU A 1 61  ? -2.224  9.131   -8.788  1.00 20.25 ? 61  LEU A CG  1 
ATOM   414  C CD1 . LEU A 1 61  ? -1.487  7.826   -8.538  1.00 18.92 ? 61  LEU A CD1 1 
ATOM   415  C CD2 . LEU A 1 61  ? -3.556  8.891   -9.484  1.00 22.75 ? 61  LEU A CD2 1 
ATOM   416  N N   . VAL A 1 62  ? -2.682  12.426  -5.579  1.00 16.59 ? 62  VAL A N   1 
ATOM   417  C CA  . VAL A 1 62  ? -3.150  12.978  -4.304  1.00 16.71 ? 62  VAL A CA  1 
ATOM   418  C C   . VAL A 1 62  ? -3.817  14.350  -4.455  1.00 20.54 ? 62  VAL A C   1 
ATOM   419  O O   . VAL A 1 62  ? -4.889  14.583  -3.876  1.00 21.54 ? 62  VAL A O   1 
ATOM   420  C CB  . VAL A 1 62  ? -1.958  13.074  -3.319  1.00 17.79 ? 62  VAL A CB  1 
ATOM   421  C CG1 . VAL A 1 62  ? -2.350  13.828  -2.059  1.00 17.92 ? 62  VAL A CG1 1 
ATOM   422  C CG2 . VAL A 1 62  ? -1.450  11.676  -2.963  1.00 19.89 ? 62  VAL A CG2 1 
ATOM   423  N N   . ASP A 1 63  ? -3.170  15.252  -5.188  1.00 21.38 ? 63  ASP A N   1 
ATOM   424  C CA  . ASP A 1 63  ? -3.633  16.628  -5.292  1.00 22.75 ? 63  ASP A CA  1 
ATOM   425  C C   . ASP A 1 63  ? -4.719  16.893  -6.325  1.00 26.41 ? 63  ASP A C   1 
ATOM   426  O O   . ASP A 1 63  ? -5.686  17.590  -5.980  1.00 29.75 ? 63  ASP A O   1 
ATOM   427  C CB  . ASP A 1 63  ? -2.456  17.533  -5.648  1.00 22.49 ? 63  ASP A CB  1 
ATOM   428  C CG  . ASP A 1 63  ? -1.266  17.470  -4.743  1.00 24.98 ? 63  ASP A CG  1 
ATOM   429  O OD1 . ASP A 1 63  ? -1.271  16.898  -3.618  1.00 25.55 ? 63  ASP A OD1 1 
ATOM   430  O OD2 . ASP A 1 63  ? -0.213  18.018  -5.159  1.00 26.01 ? 63  ASP A OD2 1 
ATOM   431  N N   . GLU A 1 64  ? -4.573  16.376  -7.534  1.00 25.74 ? 64  GLU A N   1 
ATOM   432  C CA  . GLU A 1 64  ? -5.593  16.656  -8.559  1.00 25.44 ? 64  GLU A CA  1 
ATOM   433  C C   . GLU A 1 64  ? -6.681  15.625  -8.605  1.00 25.70 ? 64  GLU A C   1 
ATOM   434  O O   . GLU A 1 64  ? -7.845  15.954  -8.867  1.00 30.33 ? 64  GLU A O   1 
ATOM   435  C CB  . GLU A 1 64  ? -4.891  16.721  -9.930  1.00 30.93 ? 64  GLU A CB  1 
ATOM   436  C CG  . GLU A 1 64  ? -3.947  17.920  -9.996  1.00 45.10 ? 64  GLU A CG  1 
ATOM   437  C CD  . GLU A 1 64  ? -2.845  17.744  -11.019 1.00 54.55 ? 64  GLU A CD  1 
ATOM   438  O OE1 . GLU A 1 64  ? -3.132  17.387  -12.181 1.00 57.99 ? 64  GLU A OE1 1 
ATOM   439  O OE2 . GLU A 1 64  ? -1.666  17.957  -10.656 1.00 58.31 ? 64  GLU A OE2 1 
ATOM   440  N N   . MET A 1 65  ? -6.369  14.344  -8.345  1.00 21.25 ? 65  MET A N   1 
ATOM   441  C CA  . MET A 1 65  ? -7.380  13.311  -8.377  1.00 19.60 ? 65  MET A CA  1 
ATOM   442  C C   . MET A 1 65  ? -7.977  13.024  -6.988  1.00 19.21 ? 65  MET A C   1 
ATOM   443  O O   . MET A 1 65  ? -8.890  12.229  -6.916  1.00 24.55 ? 65  MET A O   1 
ATOM   444  C CB  . MET A 1 65  ? -6.916  12.003  -9.006  1.00 24.75 ? 65  MET A CB  1 
ATOM   445  C CG  . MET A 1 65  ? -6.217  12.157  -10.362 1.00 21.20 ? 65  MET A CG  1 
ATOM   446  S SD  . MET A 1 65  ? -7.269  12.943  -11.617 1.00 29.60 ? 65  MET A SD  1 
ATOM   447  C CE  . MET A 1 65  ? -8.389  11.576  -11.905 1.00 28.25 ? 65  MET A CE  1 
ATOM   448  N N   . SER A 1 66  ? -7.478  13.647  -5.926  1.00 21.58 ? 66  SER A N   1 
ATOM   449  C CA  . SER A 1 66  ? -8.035  13.460  -4.586  1.00 21.85 ? 66  SER A CA  1 
ATOM   450  C C   . SER A 1 66  ? -8.157  12.015  -4.104  1.00 21.37 ? 66  SER A C   1 
ATOM   451  O O   . SER A 1 66  ? -9.140  11.593  -3.479  1.00 22.71 ? 66  SER A O   1 
ATOM   452  C CB  . SER A 1 66  ? -9.421  14.142  -4.514  1.00 26.39 ? 66  SER A CB  1 
ATOM   453  O OG  . SER A 1 66  ? -9.350  15.505  -4.902  1.00 32.50 ? 66  SER A OG  1 
ATOM   454  N N   . CYS A 1 67  ? -7.117  11.208  -4.327  1.00 18.27 ? 67  CYS A N   1 
ATOM   455  C CA  . CYS A 1 67  ? -7.083  9.842   -3.835  1.00 18.05 ? 67  CYS A CA  1 
ATOM   456  C C   . CYS A 1 67  ? -6.888  9.855   -2.309  1.00 18.17 ? 67  CYS A C   1 
ATOM   457  O O   . CYS A 1 67  ? -6.087  10.640  -1.822  1.00 18.53 ? 67  CYS A O   1 
ATOM   458  C CB  . CYS A 1 67  ? -5.976  8.993   -4.471  1.00 15.87 ? 67  CYS A CB  1 
ATOM   459  S SG  . CYS A 1 67  ? -6.216  8.636   -6.272  1.00 18.30 ? 67  CYS A SG  1 
ATOM   460  N N   . HIS A 1 68  ? -7.588  8.951   -1.637  1.00 15.27 ? 68  HIS A N   1 
ATOM   461  C CA  . HIS A 1 68  ? -7.442  8.769   -0.185  1.00 15.64 ? 68  HIS A CA  1 
ATOM   462  C C   . HIS A 1 68  ? -6.283  7.828   0.162   1.00 15.47 ? 68  HIS A C   1 
ATOM   463  O O   . HIS A 1 68  ? -5.713  7.921   1.267   1.00 15.85 ? 68  HIS A O   1 
ATOM   464  C CB  . HIS A 1 68  ? -8.709  8.126   0.411   1.00 15.74 ? 68  HIS A CB  1 
ATOM   465  C CG  . HIS A 1 68  ? -9.962  8.899   0.089   1.00 16.61 ? 68  HIS A CG  1 
ATOM   466  N ND1 . HIS A 1 68  ? -10.892 8.468   -0.841  1.00 18.34 ? 68  HIS A ND1 1 
ATOM   467  C CD2 . HIS A 1 68  ? -10.412 10.088  0.594   1.00 18.84 ? 68  HIS A CD2 1 
ATOM   468  C CE1 . HIS A 1 68  ? -11.873 9.362   -0.881  1.00 21.19 ? 68  HIS A CE1 1 
ATOM   469  N NE2 . HIS A 1 68  ? -11.606 10.351  -0.049  1.00 20.22 ? 68  HIS A NE2 1 
ATOM   470  N N   . LEU A 1 69  ? -5.949  6.928   -0.734  1.00 16.19 ? 69  LEU A N   1 
ATOM   471  C CA  . LEU A 1 69  ? -4.928  5.909   -0.580  1.00 15.62 ? 69  LEU A CA  1 
ATOM   472  C C   . LEU A 1 69  ? -4.190  5.736   -1.894  1.00 15.76 ? 69  LEU A C   1 
ATOM   473  O O   . LEU A 1 69  ? -4.876  5.715   -2.932  1.00 16.04 ? 69  LEU A O   1 
ATOM   474  C CB  . LEU A 1 69  ? -5.584  4.581   -0.197  1.00 16.46 ? 69  LEU A CB  1 
ATOM   475  C CG  . LEU A 1 69  ? -4.702  3.327   -0.032  1.00 13.20 ? 69  LEU A CG  1 
ATOM   476  C CD1 . LEU A 1 69  ? -3.756  3.509   1.152   1.00 16.22 ? 69  LEU A CD1 1 
ATOM   477  C CD2 . LEU A 1 69  ? -5.579  2.094   0.179   1.00 14.52 ? 69  LEU A CD2 1 
ATOM   478  N N   . VAL A 1 70  ? -2.870  5.626   -1.858  1.00 14.62 ? 70  VAL A N   1 
ATOM   479  C CA  . VAL A 1 70  ? -2.094  5.344   -3.086  1.00 13.56 ? 70  VAL A CA  1 
ATOM   480  C C   . VAL A 1 70  ? -1.198  4.139   -2.778  1.00 12.62 ? 70  VAL A C   1 
ATOM   481  O O   . VAL A 1 70  ? -0.489  4.211   -1.732  1.00 15.31 ? 70  VAL A O   1 
ATOM   482  C CB  . VAL A 1 70  ? -1.217  6.531   -3.533  1.00 14.33 ? 70  VAL A CB  1 
ATOM   483  C CG1 . VAL A 1 70  ? -0.391  6.171   -4.787  1.00 15.15 ? 70  VAL A CG1 1 
ATOM   484  C CG2 . VAL A 1 70  ? -2.089  7.733   -3.918  1.00 18.40 ? 70  VAL A CG2 1 
ATOM   485  N N   . LEU A 1 71  ? -1.225  3.099   -3.558  1.00 14.85 ? 71  LEU A N   1 
ATOM   486  C CA  . LEU A 1 71  ? -0.362  1.941   -3.404  1.00 12.36 ? 71  LEU A CA  1 
ATOM   487  C C   . LEU A 1 71  ? 0.571   1.835   -4.604  1.00 12.86 ? 71  LEU A C   1 
ATOM   488  O O   . LEU A 1 71  ? 0.089   1.897   -5.761  1.00 15.34 ? 71  LEU A O   1 
ATOM   489  C CB  . LEU A 1 71  ? -1.206  0.654   -3.309  1.00 14.93 ? 71  LEU A CB  1 
ATOM   490  C CG  . LEU A 1 71  ? -2.300  0.671   -2.230  1.00 14.84 ? 71  LEU A CG  1 
ATOM   491  C CD1 . LEU A 1 71  ? -3.098  -0.613  -2.362  1.00 15.83 ? 71  LEU A CD1 1 
ATOM   492  C CD2 . LEU A 1 71  ? -1.669  0.746   -0.829  1.00 16.43 ? 71  LEU A CD2 1 
ATOM   493  N N   . THR A 1 72  ? 1.870   1.830   -4.394  1.00 14.77 ? 72  THR A N   1 
ATOM   494  C CA  . THR A 1 72  ? 2.850   1.723   -5.463  1.00 13.70 ? 72  THR A CA  1 
ATOM   495  C C   . THR A 1 72  ? 3.398   0.314   -5.501  1.00 16.12 ? 72  THR A C   1 
ATOM   496  O O   . THR A 1 72  ? 3.431   -0.395  -4.461  1.00 14.47 ? 72  THR A O   1 
ATOM   497  C CB  . THR A 1 72  ? 4.020   2.724   -5.379  1.00 15.36 ? 72  THR A CB  1 
ATOM   498  O OG1 . THR A 1 72  ? 4.879   2.387   -4.245  1.00 14.34 ? 72  THR A OG1 1 
ATOM   499  C CG2 . THR A 1 72  ? 3.583   4.150   -5.147  1.00 16.29 ? 72  THR A CG2 1 
ATOM   500  N N   . THR A 1 73  ? 3.869   -0.145  -6.669  1.00 14.56 ? 73  THR A N   1 
ATOM   501  C CA  . THR A 1 73  ? 4.495   -1.464  -6.757  1.00 16.89 ? 73  THR A CA  1 
ATOM   502  C C   . THR A 1 73  ? 5.779   -1.366  -7.598  1.00 18.44 ? 73  THR A C   1 
ATOM   503  O O   . THR A 1 73  ? 5.714   -0.824  -8.718  1.00 18.41 ? 73  THR A O   1 
ATOM   504  C CB  A THR A 1 73  ? 3.560   -2.580  -7.242  0.60 14.89 ? 73  THR A CB  1 
ATOM   505  C CB  B THR A 1 73  ? 3.621   -2.520  -7.455  0.40 20.19 ? 73  THR A CB  1 
ATOM   506  O OG1 A THR A 1 73  ? 4.273   -3.805  -7.500  0.60 16.56 ? 73  THR A OG1 1 
ATOM   507  O OG1 B THR A 1 73  ? 3.359   -2.090  -8.809  0.40 24.75 ? 73  THR A OG1 1 
ATOM   508  C CG2 A THR A 1 73  ? 2.768   -2.195  -8.493  0.60 15.91 ? 73  THR A CG2 1 
ATOM   509  C CG2 B THR A 1 73  ? 2.286   -2.764  -6.785  0.40 18.57 ? 73  THR A CG2 1 
ATOM   510  N N   . GLY A 1 74  ? 6.874   -1.878  -7.067  1.00 16.51 ? 74  GLY A N   1 
ATOM   511  C CA  . GLY A 1 74  ? 8.134   -1.860  -7.810  1.00 17.12 ? 74  GLY A CA  1 
ATOM   512  C C   . GLY A 1 74  ? 9.122   -0.774  -7.377  1.00 15.90 ? 74  GLY A C   1 
ATOM   513  O O   . GLY A 1 74  ? 8.731   0.278   -6.885  1.00 16.22 ? 74  GLY A O   1 
ATOM   514  N N   . GLY A 1 75  ? 10.406  -1.051  -7.666  1.00 15.23 ? 75  GLY A N   1 
ATOM   515  C CA  . GLY A 1 75  ? 11.471  -0.080  -7.497  1.00 19.19 ? 75  GLY A CA  1 
ATOM   516  C C   . GLY A 1 75  ? 11.876  0.287   -6.079  1.00 16.14 ? 75  GLY A C   1 
ATOM   517  O O   . GLY A 1 75  ? 12.251  1.436   -5.843  1.00 16.07 ? 75  GLY A O   1 
ATOM   518  N N   . THR A 1 76  ? 11.815  -0.683  -5.177  1.00 16.69 ? 76  THR A N   1 
ATOM   519  C CA  . THR A 1 76  ? 12.159  -0.384  -3.778  1.00 17.40 ? 76  THR A CA  1 
ATOM   520  C C   . THR A 1 76  ? 13.424  -1.040  -3.288  1.00 18.00 ? 76  THR A C   1 
ATOM   521  O O   . THR A 1 76  ? 13.692  -0.960  -2.082  1.00 18.44 ? 76  THR A O   1 
ATOM   522  C CB  . THR A 1 76  ? 11.028  -0.785  -2.810  1.00 18.25 ? 76  THR A CB  1 
ATOM   523  O OG1 . THR A 1 76  ? 10.895  -2.208  -2.813  1.00 19.23 ? 76  THR A OG1 1 
ATOM   524  C CG2 . THR A 1 76  ? 9.721   -0.091  -3.145  1.00 18.93 ? 76  THR A CG2 1 
ATOM   525  N N   . GLY A 1 77  ? 14.240  -1.695  -4.106  1.00 14.66 ? 77  GLY A N   1 
ATOM   526  C CA  . GLY A 1 77  ? 15.469  -2.328  -3.631  1.00 15.87 ? 77  GLY A CA  1 
ATOM   527  C C   . GLY A 1 77  ? 16.679  -1.401  -3.499  1.00 14.41 ? 77  GLY A C   1 
ATOM   528  O O   . GLY A 1 77  ? 16.572  -0.190  -3.637  1.00 17.58 ? 77  GLY A O   1 
ATOM   529  N N   . PRO A 1 78  ? 17.869  -2.000  -3.408  1.00 16.24 ? 78  PRO A N   1 
ATOM   530  C CA  . PRO A 1 78  ? 19.117  -1.304  -3.168  1.00 17.12 ? 78  PRO A CA  1 
ATOM   531  C C   . PRO A 1 78  ? 19.809  -0.785  -4.426  1.00 22.41 ? 78  PRO A C   1 
ATOM   532  O O   . PRO A 1 78  ? 20.666  0.082   -4.332  1.00 24.32 ? 78  PRO A O   1 
ATOM   533  C CB  . PRO A 1 78  ? 20.058  -2.390  -2.556  1.00 19.35 ? 78  PRO A CB  1 
ATOM   534  C CG  . PRO A 1 78  ? 19.525  -3.651  -3.177  1.00 18.21 ? 78  PRO A CG  1 
ATOM   535  C CD  . PRO A 1 78  ? 18.014  -3.459  -3.293  1.00 19.16 ? 78  PRO A CD  1 
ATOM   536  N N   . ALA A 1 79  ? 19.418  -1.316  -5.573  1.00 19.94 ? 79  ALA A N   1 
ATOM   537  C CA  . ALA A 1 79  ? 20.056  -0.955  -6.827  1.00 20.73 ? 79  ALA A CA  1 
ATOM   538  C C   . ALA A 1 79  ? 19.914  0.508   -7.141  1.00 26.01 ? 79  ALA A C   1 
ATOM   539  O O   . ALA A 1 79  ? 18.974  1.219   -6.745  1.00 26.75 ? 79  ALA A O   1 
ATOM   540  C CB  . ALA A 1 79  ? 19.526  -1.816  -7.963  1.00 19.33 ? 79  ALA A CB  1 
ATOM   541  N N   . ARG A 1 80  ? 20.864  0.992   -7.965  1.00 27.26 ? 80  ARG A N   1 
ATOM   542  C CA  . ARG A 1 80  ? 20.895  2.416   -8.264  1.00 29.12 ? 80  ARG A CA  1 
ATOM   543  C C   . ARG A 1 80  ? 19.602  2.971   -8.850  1.00 24.76 ? 80  ARG A C   1 
ATOM   544  O O   . ARG A 1 80  ? 19.209  4.072   -8.487  1.00 29.22 ? 80  ARG A O   1 
ATOM   545  C CB  . ARG A 1 80  ? 22.043  2.680   -9.248  1.00 34.78 ? 80  ARG A CB  1 
ATOM   546  N N   . ARG A 1 81  ? 18.950  2.206   -9.733  1.00 25.44 ? 81  ARG A N   1 
ATOM   547  C CA  . ARG A 1 81  ? 17.751  2.699   -10.383 1.00 27.98 ? 81  ARG A CA  1 
ATOM   548  C C   . ARG A 1 81  ? 16.494  2.670   -9.508  1.00 22.85 ? 81  ARG A C   1 
ATOM   549  O O   . ARG A 1 81  ? 15.539  3.349   -9.920  1.00 24.11 ? 81  ARG A O   1 
ATOM   550  C CB  . ARG A 1 81  ? 17.446  1.913   -11.657 1.00 30.50 ? 81  ARG A CB  1 
ATOM   551  C CG  . ARG A 1 81  ? 18.448  2.165   -12.781 1.00 37.70 ? 81  ARG A CG  1 
ATOM   552  C CD  . ARG A 1 81  ? 17.929  1.560   -14.080 1.00 36.97 ? 81  ARG A CD  1 
ATOM   553  N NE  . ARG A 1 81  ? 16.723  2.260   -14.517 1.00 33.04 ? 81  ARG A NE  1 
ATOM   554  C CZ  . ARG A 1 81  ? 16.744  3.434   -15.137 1.00 39.71 ? 81  ARG A CZ  1 
ATOM   555  N NH1 . ARG A 1 81  ? 17.930  3.946   -15.448 1.00 35.36 ? 81  ARG A NH1 1 
ATOM   556  N NH2 . ARG A 1 81  ? 15.610  4.058   -15.416 1.00 36.25 ? 81  ARG A NH2 1 
ATOM   557  N N   . ASP A 1 82  ? 16.526  1.944   -8.398  1.00 22.12 ? 82  ASP A N   1 
ATOM   558  C CA  . ASP A 1 82  ? 15.276  1.800   -7.608  1.00 24.06 ? 82  ASP A CA  1 
ATOM   559  C C   . ASP A 1 82  ? 15.087  3.046   -6.781  1.00 21.44 ? 82  ASP A C   1 
ATOM   560  O O   . ASP A 1 82  ? 15.770  3.248   -5.762  1.00 24.58 ? 82  ASP A O   1 
ATOM   561  C CB  . ASP A 1 82  ? 15.448  0.550   -6.749  1.00 19.30 ? 82  ASP A CB  1 
ATOM   562  C CG  . ASP A 1 82  ? 15.210  -0.729  -7.506  1.00 21.31 ? 82  ASP A CG  1 
ATOM   563  O OD1 . ASP A 1 82  ? 15.028  -0.693  -8.757  1.00 28.78 ? 82  ASP A OD1 1 
ATOM   564  O OD2 . ASP A 1 82  ? 15.173  -1.829  -6.943  1.00 32.66 ? 82  ASP A OD2 1 
ATOM   565  N N   . VAL A 1 83  ? 14.233  3.980   -7.188  1.00 18.65 ? 83  VAL A N   1 
ATOM   566  C CA  . VAL A 1 83  ? 14.026  5.245   -6.547  1.00 17.87 ? 83  VAL A CA  1 
ATOM   567  C C   . VAL A 1 83  ? 12.588  5.514   -6.131  1.00 17.74 ? 83  VAL A C   1 
ATOM   568  O O   . VAL A 1 83  ? 12.187  6.622   -5.748  1.00 16.97 ? 83  VAL A O   1 
ATOM   569  C CB  . VAL A 1 83  ? 14.509  6.398   -7.490  1.00 18.01 ? 83  VAL A CB  1 
ATOM   570  C CG1 . VAL A 1 83  ? 16.027  6.333   -7.678  1.00 22.70 ? 83  VAL A CG1 1 
ATOM   571  C CG2 . VAL A 1 83  ? 13.746  6.334   -8.784  1.00 20.58 ? 83  VAL A CG2 1 
ATOM   572  N N   . THR A 1 84  ? 11.751  4.436   -6.068  1.00 15.59 ? 84  THR A N   1 
ATOM   573  C CA  . THR A 1 84  ? 10.396  4.673   -5.558  1.00 17.60 ? 84  THR A CA  1 
ATOM   574  C C   . THR A 1 84  ? 10.269  5.203   -4.152  1.00 15.71 ? 84  THR A C   1 
ATOM   575  O O   . THR A 1 84  ? 9.531   6.174   -3.969  1.00 14.06 ? 84  THR A O   1 
ATOM   576  C CB  . THR A 1 84  ? 9.524   3.426   -5.711  1.00 14.45 ? 84  THR A CB  1 
ATOM   577  O OG1 . THR A 1 84  ? 9.529   3.068   -7.122  1.00 15.79 ? 84  THR A OG1 1 
ATOM   578  C CG2 . THR A 1 84  ? 8.070   3.741   -5.336  1.00 17.71 ? 84  THR A CG2 1 
ATOM   579  N N   . PRO A 1 85  ? 11.008  4.712   -3.162  1.00 16.42 ? 85  PRO A N   1 
ATOM   580  C CA  . PRO A 1 85  ? 10.963  5.273   -1.823  1.00 15.89 ? 85  PRO A CA  1 
ATOM   581  C C   . PRO A 1 85  ? 11.498  6.699   -1.752  1.00 15.60 ? 85  PRO A C   1 
ATOM   582  O O   . PRO A 1 85  ? 10.960  7.528   -1.035  1.00 15.63 ? 85  PRO A O   1 
ATOM   583  C CB  . PRO A 1 85  ? 11.844  4.313   -0.958  1.00 16.06 ? 85  PRO A CB  1 
ATOM   584  C CG  . PRO A 1 85  ? 11.864  3.055   -1.775  1.00 15.86 ? 85  PRO A CG  1 
ATOM   585  C CD  . PRO A 1 85  ? 11.917  3.566   -3.237  1.00 17.50 ? 85  PRO A CD  1 
ATOM   586  N N   . ASP A 1 86  ? 12.488  7.029   -2.612  1.00 18.24 ? 86  ASP A N   1 
ATOM   587  C CA  . ASP A 1 86  ? 13.040  8.396   -2.613  1.00 19.58 ? 86  ASP A CA  1 
ATOM   588  C C   . ASP A 1 86  ? 11.990  9.387   -3.130  1.00 17.60 ? 86  ASP A C   1 
ATOM   589  O O   . ASP A 1 86  ? 11.772  10.459  -2.573  1.00 17.76 ? 86  ASP A O   1 
ATOM   590  C CB  . ASP A 1 86  ? 14.325  8.495   -3.463  1.00 20.83 ? 86  ASP A CB  1 
ATOM   591  C CG  . ASP A 1 86  ? 15.267  7.391   -2.985  1.00 21.28 ? 86  ASP A CG  1 
ATOM   592  O OD1 . ASP A 1 86  ? 15.158  6.273   -3.493  1.00 23.34 ? 86  ASP A OD1 1 
ATOM   593  O OD2 . ASP A 1 86  ? 16.068  7.726   -2.067  1.00 29.38 ? 86  ASP A OD2 1 
ATOM   594  N N   . ALA A 1 87  ? 11.281  8.981   -4.197  1.00 16.54 ? 87  ALA A N   1 
ATOM   595  C CA  . ALA A 1 87  ? 10.226  9.848   -4.694  1.00 17.64 ? 87  ALA A CA  1 
ATOM   596  C C   . ALA A 1 87  ? 9.087   10.030  -3.677  1.00 18.66 ? 87  ALA A C   1 
ATOM   597  O O   . ALA A 1 87  ? 8.521   11.093  -3.539  1.00 17.27 ? 87  ALA A O   1 
ATOM   598  C CB  . ALA A 1 87  ? 9.632   9.260   -5.968  1.00 17.20 ? 87  ALA A CB  1 
ATOM   599  N N   . THR A 1 88  ? 8.773   8.928   -2.968  1.00 14.50 ? 88  THR A N   1 
ATOM   600  C CA  . THR A 1 88  ? 7.676   8.978   -2.003  1.00 15.27 ? 88  THR A CA  1 
ATOM   601  C C   . THR A 1 88  ? 8.004   9.847   -0.804  1.00 16.82 ? 88  THR A C   1 
ATOM   602  O O   . THR A 1 88  ? 7.152   10.608  -0.343  1.00 16.29 ? 88  THR A O   1 
ATOM   603  C CB  . THR A 1 88  ? 7.356   7.517   -1.587  1.00 14.39 ? 88  THR A CB  1 
ATOM   604  O OG1 . THR A 1 88  ? 7.021   6.721   -2.739  1.00 14.51 ? 88  THR A OG1 1 
ATOM   605  C CG2 . THR A 1 88  ? 6.184   7.447   -0.611  1.00 17.34 ? 88  THR A CG2 1 
ATOM   606  N N   . LEU A 1 89  ? 9.229   9.752   -0.272  1.00 16.21 ? 89  LEU A N   1 
ATOM   607  C CA  . LEU A 1 89  ? 9.669   10.659  0.776   1.00 17.19 ? 89  LEU A CA  1 
ATOM   608  C C   . LEU A 1 89  ? 9.750   12.111  0.276   1.00 19.64 ? 89  LEU A C   1 
ATOM   609  O O   . LEU A 1 89  ? 9.398   13.007  1.036   1.00 20.55 ? 89  LEU A O   1 
ATOM   610  C CB  . LEU A 1 89  ? 11.066  10.266  1.290   1.00 19.00 ? 89  LEU A CB  1 
ATOM   611  C CG  . LEU A 1 89  ? 11.106  8.965   2.114   1.00 20.82 ? 89  LEU A CG  1 
ATOM   612  C CD1 . LEU A 1 89  ? 12.558  8.535   2.311   1.00 22.57 ? 89  LEU A CD1 1 
ATOM   613  C CD2 . LEU A 1 89  ? 10.417  9.178   3.446   1.00 20.20 ? 89  LEU A CD2 1 
ATOM   614  N N   . ALA A 1 90  ? 10.143  12.322  -0.987  1.00 18.95 ? 90  ALA A N   1 
ATOM   615  C CA  . ALA A 1 90  ? 10.212  13.708  -1.481  1.00 18.58 ? 90  ALA A CA  1 
ATOM   616  C C   . ALA A 1 90  ? 8.857   14.379  -1.471  1.00 20.69 ? 90  ALA A C   1 
ATOM   617  O O   . ALA A 1 90  ? 8.813   15.627  -1.364  1.00 26.01 ? 90  ALA A O   1 
ATOM   618  C CB  . ALA A 1 90  ? 10.797  13.682  -2.893  1.00 19.96 ? 90  ALA A CB  1 
ATOM   619  N N   . VAL A 1 91  ? 7.758   13.680  -1.746  1.00 15.84 ? 91  VAL A N   1 
ATOM   620  C CA  . VAL A 1 91  ? 6.440   14.316  -1.792  1.00 17.44 ? 91  VAL A CA  1 
ATOM   621  C C   . VAL A 1 91  ? 5.667   14.283  -0.476  1.00 16.67 ? 91  VAL A C   1 
ATOM   622  O O   . VAL A 1 91  ? 4.523   14.717  -0.381  1.00 18.61 ? 91  VAL A O   1 
ATOM   623  C CB  . VAL A 1 91  ? 5.553   13.741  -2.920  1.00 16.50 ? 91  VAL A CB  1 
ATOM   624  C CG1 . VAL A 1 91  ? 6.323   13.752  -4.247  1.00 20.21 ? 91  VAL A CG1 1 
ATOM   625  C CG2 . VAL A 1 91  ? 5.119   12.289  -2.631  1.00 18.60 ? 91  VAL A CG2 1 
ATOM   626  N N   . ALA A 1 92  ? 6.281   13.690  0.548   1.00 16.89 ? 92  ALA A N   1 
ATOM   627  C CA  . ALA A 1 92  ? 5.573   13.528  1.825   1.00 15.53 ? 92  ALA A CA  1 
ATOM   628  C C   . ALA A 1 92  ? 5.527   14.757  2.704   1.00 17.76 ? 92  ALA A C   1 
ATOM   629  O O   . ALA A 1 92  ? 6.497   15.510  2.758   1.00 21.00 ? 92  ALA A O   1 
ATOM   630  C CB  . ALA A 1 92  ? 6.301   12.414  2.603   1.00 18.31 ? 92  ALA A CB  1 
ATOM   631  N N   . ASP A 1 93  ? 4.441   14.853  3.467   1.00 18.85 ? 93  ASP A N   1 
ATOM   632  C CA  . ASP A 1 93  ? 4.308   15.837  4.546   1.00 17.82 ? 93  ASP A CA  1 
ATOM   633  C C   . ASP A 1 93  ? 4.846   15.225  5.835   1.00 23.76 ? 93  ASP A C   1 
ATOM   634  O O   . ASP A 1 93  ? 5.476   15.886  6.662   1.00 28.51 ? 93  ASP A O   1 
ATOM   635  C CB  . ASP A 1 93  ? 2.849   16.240  4.670   1.00 23.67 ? 93  ASP A CB  1 
ATOM   636  C CG  . ASP A 1 93  ? 2.388   17.128  3.520   1.00 30.79 ? 93  ASP A CG  1 
ATOM   637  O OD1 . ASP A 1 93  ? 3.247   17.760  2.849   1.00 33.15 ? 93  ASP A OD1 1 
ATOM   638  O OD2 . ASP A 1 93  ? 1.156   17.239  3.293   1.00 31.09 ? 93  ASP A OD2 1 
ATOM   639  N N   . ARG A 1 94  ? 4.645   13.906  5.976   1.00 18.41 ? 94  ARG A N   1 
ATOM   640  C CA  . ARG A 1 94  ? 5.058   13.209  7.196   1.00 22.57 ? 94  ARG A CA  1 
ATOM   641  C C   . ARG A 1 94  ? 5.329   11.736  6.918   1.00 17.26 ? 94  ARG A C   1 
ATOM   642  O O   . ARG A 1 94  ? 4.640   11.133  6.103   1.00 17.20 ? 94  ARG A O   1 
ATOM   643  C CB  . ARG A 1 94  ? 3.897   13.411  8.184   1.00 27.18 ? 94  ARG A CB  1 
ATOM   644  C CG  . ARG A 1 94  ? 3.446   12.276  9.054   1.00 32.70 ? 94  ARG A CG  1 
ATOM   645  C CD  . ARG A 1 94  ? 2.255   12.589  9.930   1.00 38.71 ? 94  ARG A CD  1 
ATOM   646  N NE  . ARG A 1 94  ? 2.417   13.704  10.839  1.00 35.57 ? 94  ARG A NE  1 
ATOM   647  C CZ  . ARG A 1 94  ? 1.723   13.808  11.982  1.00 35.92 ? 94  ARG A CZ  1 
ATOM   648  N NH1 . ARG A 1 94  ? 0.865   12.846  12.336  1.00 27.18 ? 94  ARG A NH1 1 
ATOM   649  N NH2 . ARG A 1 94  ? 1.944   14.876  12.747  1.00 32.38 ? 94  ARG A NH2 1 
ATOM   650  N N   . GLU A 1 95  ? 6.281   11.134  7.612   1.00 18.46 ? 95  GLU A N   1 
ATOM   651  C CA  . GLU A 1 95  ? 6.577   9.721   7.483   1.00 15.78 ? 95  GLU A CA  1 
ATOM   652  C C   . GLU A 1 95  ? 5.835   8.901   8.551   1.00 17.82 ? 95  GLU A C   1 
ATOM   653  O O   . GLU A 1 95  ? 5.612   9.347   9.678   1.00 18.56 ? 95  GLU A O   1 
ATOM   654  C CB  A GLU A 1 95  ? 8.088   9.467   7.615   0.60 19.75 ? 95  GLU A CB  1 
ATOM   655  C CB  B GLU A 1 95  ? 8.072   9.445   7.626   0.40 18.33 ? 95  GLU A CB  1 
ATOM   656  C CG  A GLU A 1 95  ? 8.901   10.459  6.789   0.60 24.60 ? 95  GLU A CG  1 
ATOM   657  C CG  B GLU A 1 95  ? 8.510   8.056   7.207   0.40 17.12 ? 95  GLU A CG  1 
ATOM   658  C CD  A GLU A 1 95  ? 10.397  10.404  6.967   0.60 35.23 ? 95  GLU A CD  1 
ATOM   659  C CD  B GLU A 1 95  ? 10.016  7.878   7.282   0.40 23.84 ? 95  GLU A CD  1 
ATOM   660  O OE1 A GLU A 1 95  ? 10.936  9.349   7.351   0.60 42.14 ? 95  GLU A OE1 1 
ATOM   661  O OE1 B GLU A 1 95  ? 10.740  8.801   7.693   0.40 35.23 ? 95  GLU A OE1 1 
ATOM   662  O OE2 A GLU A 1 95  ? 11.054  11.434  6.697   0.60 39.46 ? 95  GLU A OE2 1 
ATOM   663  O OE2 B GLU A 1 95  ? 10.477  6.792   6.909   0.40 23.86 ? 95  GLU A OE2 1 
ATOM   664  N N   . MET A 1 96  ? 5.502   7.683   8.234   1.00 14.78 ? 96  MET A N   1 
ATOM   665  C CA  . MET A 1 96  ? 4.862   6.705   9.138   1.00 16.00 ? 96  MET A CA  1 
ATOM   666  C C   . MET A 1 96  ? 5.865   5.553   9.268   1.00 12.81 ? 96  MET A C   1 
ATOM   667  O O   . MET A 1 96  ? 5.800   4.608   8.478   1.00 13.31 ? 96  MET A O   1 
ATOM   668  C CB  . MET A 1 96  ? 3.553   6.169   8.494   1.00 16.43 ? 96  MET A CB  1 
ATOM   669  C CG  . MET A 1 96  ? 2.478   7.257   8.390   1.00 14.83 ? 96  MET A CG  1 
ATOM   670  S SD  . MET A 1 96  ? 1.854   7.772   9.983   1.00 16.84 ? 96  MET A SD  1 
ATOM   671  C CE  . MET A 1 96  ? 1.089   6.250   10.534  1.00 18.76 ? 96  MET A CE  1 
ATOM   672  N N   . PRO A 1 97  ? 6.819   5.635   10.190  1.00 13.80 ? 97  PRO A N   1 
ATOM   673  C CA  . PRO A 1 97  ? 7.915   4.660   10.240  1.00 12.33 ? 97  PRO A CA  1 
ATOM   674  C C   . PRO A 1 97  ? 7.499   3.214   10.423  1.00 10.75 ? 97  PRO A C   1 
ATOM   675  O O   . PRO A 1 97  ? 8.150   2.288   9.891   1.00 13.08 ? 97  PRO A O   1 
ATOM   676  C CB  . PRO A 1 97  ? 8.805   5.150   11.414  1.00 14.29 ? 97  PRO A CB  1 
ATOM   677  C CG  . PRO A 1 97  ? 7.791   5.863   12.281  1.00 16.94 ? 97  PRO A CG  1 
ATOM   678  C CD  . PRO A 1 97  ? 6.945   6.634   11.241  1.00 14.31 ? 97  PRO A CD  1 
ATOM   679  N N   . GLY A 1 98  ? 6.364   2.990   11.107  1.00 11.92 ? 98  GLY A N   1 
ATOM   680  C CA  . GLY A 1 98  ? 5.846   1.653   11.365  1.00 11.38 ? 98  GLY A CA  1 
ATOM   681  C C   . GLY A 1 98  ? 5.483   0.869   10.131  1.00 11.87 ? 98  GLY A C   1 
ATOM   682  O O   . GLY A 1 98  ? 5.539   -0.343  10.040  1.00 12.26 ? 98  GLY A O   1 
ATOM   683  N N   . PHE A 1 99  ? 5.023   1.624   9.070   1.00 12.24 ? 99  PHE A N   1 
ATOM   684  C CA  . PHE A 1 99  ? 4.683   0.911   7.840   1.00 10.99 ? 99  PHE A CA  1 
ATOM   685  C C   . PHE A 1 99  ? 5.888   0.312   7.133   1.00 12.15 ? 99  PHE A C   1 
ATOM   686  O O   . PHE A 1 99  ? 5.810   -0.880  6.800   1.00 12.24 ? 99  PHE A O   1 
ATOM   687  C CB  . PHE A 1 99  ? 3.896   1.851   6.872   1.00 13.52 ? 99  PHE A CB  1 
ATOM   688  C CG  . PHE A 1 99  ? 2.418   1.920   7.130   1.00 12.65 ? 99  PHE A CG  1 
ATOM   689  C CD1 . PHE A 1 99  ? 1.830   3.104   7.533   1.00 14.24 ? 99  PHE A CD1 1 
ATOM   690  C CD2 . PHE A 1 99  ? 1.606   0.839   6.888   1.00 13.45 ? 99  PHE A CD2 1 
ATOM   691  C CE1 . PHE A 1 99  ? 0.457   3.192   7.713   1.00 14.64 ? 99  PHE A CE1 1 
ATOM   692  C CE2 . PHE A 1 99  ? 0.209   0.883   7.081   1.00 13.91 ? 99  PHE A CE2 1 
ATOM   693  C CZ  . PHE A 1 99  ? -0.331  2.069   7.522   1.00 14.64 ? 99  PHE A CZ  1 
ATOM   694  N N   . GLY A 1 100 ? 6.982   1.042   6.957   1.00 11.59 ? 100 GLY A N   1 
ATOM   695  C CA  . GLY A 1 100 ? 8.180   0.455   6.368   1.00 12.81 ? 100 GLY A CA  1 
ATOM   696  C C   . GLY A 1 100 ? 8.690   -0.737  7.211   1.00 10.86 ? 100 GLY A C   1 
ATOM   697  O O   . GLY A 1 100 ? 9.097   -1.811  6.721   1.00 12.09 ? 100 GLY A O   1 
ATOM   698  N N   . GLU A 1 101 ? 8.789   -0.449  8.535   1.00 11.49 ? 101 GLU A N   1 
ATOM   699  C CA  . GLU A 1 101 ? 9.325   -1.478  9.438   1.00 11.31 ? 101 GLU A CA  1 
ATOM   700  C C   . GLU A 1 101 ? 8.553   -2.791  9.412   1.00 10.94 ? 101 GLU A C   1 
ATOM   701  O O   . GLU A 1 101 ? 9.080   -3.926  9.360   1.00 12.25 ? 101 GLU A O   1 
ATOM   702  C CB  . GLU A 1 101 ? 9.250   -0.918  10.873  1.00 11.36 ? 101 GLU A CB  1 
ATOM   703  C CG  . GLU A 1 101 ? 10.214  0.197   11.199  1.00 12.93 ? 101 GLU A CG  1 
ATOM   704  C CD  . GLU A 1 101 ? 9.851   0.940   12.497  1.00 13.31 ? 101 GLU A CD  1 
ATOM   705  O OE1 . GLU A 1 101 ? 8.976   0.469   13.261  1.00 14.18 ? 101 GLU A OE1 1 
ATOM   706  O OE2 . GLU A 1 101 ? 10.460  2.016   12.627  1.00 15.97 ? 101 GLU A OE2 1 
ATOM   707  N N   . GLN A 1 102 ? 7.207   -2.651  9.474   1.00 11.96 ? 102 GLN A N   1 
ATOM   708  C CA  . GLN A 1 102 ? 6.367   -3.841  9.530   1.00 10.88 ? 102 GLN A CA  1 
ATOM   709  C C   . GLN A 1 102 ? 6.180   -4.512  8.193   1.00 11.88 ? 102 GLN A C   1 
ATOM   710  O O   . GLN A 1 102 ? 6.029   -5.733  8.087   1.00 11.20 ? 102 GLN A O   1 
ATOM   711  C CB  . GLN A 1 102 ? 5.038   -3.555  10.236  1.00 11.89 ? 102 GLN A CB  1 
ATOM   712  C CG  . GLN A 1 102 ? 4.316   -4.820  10.626  1.00 12.44 ? 102 GLN A CG  1 
ATOM   713  C CD  . GLN A 1 102 ? 5.066   -5.684  11.610  1.00 13.11 ? 102 GLN A CD  1 
ATOM   714  O OE1 . GLN A 1 102 ? 6.162   -5.408  12.067  1.00 12.09 ? 102 GLN A OE1 1 
ATOM   715  N NE2 . GLN A 1 102 ? 4.465   -6.864  11.861  1.00 14.72 ? 102 GLN A NE2 1 
ATOM   716  N N   . MET A 1 103 ? 6.222   -3.755  7.079   1.00 11.40 ? 103 MET A N   1 
ATOM   717  C CA  . MET A 1 103 ? 6.207   -4.438  5.764   1.00 11.79 ? 103 MET A CA  1 
ATOM   718  C C   . MET A 1 103 ? 7.473   -5.322  5.659   1.00 10.81 ? 103 MET A C   1 
ATOM   719  O O   . MET A 1 103 ? 7.401   -6.446  5.158   1.00 12.74 ? 103 MET A O   1 
ATOM   720  C CB  . MET A 1 103 ? 6.122   -3.424  4.603   1.00 13.33 ? 103 MET A CB  1 
ATOM   721  C CG  . MET A 1 103 ? 4.742   -2.780  4.513   1.00 12.27 ? 103 MET A CG  1 
ATOM   722  S SD  . MET A 1 103 ? 4.435   -1.852  2.979   1.00 14.03 ? 103 MET A SD  1 
ATOM   723  C CE  . MET A 1 103 ? 5.514   -0.417  3.382   1.00 14.58 ? 103 MET A CE  1 
ATOM   724  N N   . ARG A 1 104 ? 8.622   -4.803  6.156   1.00 11.03 ? 104 ARG A N   1 
ATOM   725  C CA  . ARG A 1 104 ? 9.824   -5.639  6.145   1.00 10.66 ? 104 ARG A CA  1 
ATOM   726  C C   . ARG A 1 104 ? 9.689   -6.846  7.093   1.00 10.99 ? 104 ARG A C   1 
ATOM   727  O O   . ARG A 1 104 ? 10.057  -7.982  6.732   1.00 11.99 ? 104 ARG A O   1 
ATOM   728  C CB  . ARG A 1 104 ? 11.091  -4.837  6.434   1.00 12.25 ? 104 ARG A CB  1 
ATOM   729  C CG  . ARG A 1 104 ? 11.537  -4.010  5.203   1.00 12.10 ? 104 ARG A CG  1 
ATOM   730  C CD  . ARG A 1 104 ? 12.816  -3.200  5.499   1.00 12.05 ? 104 ARG A CD  1 
ATOM   731  N NE  . ARG A 1 104 ? 12.621  -2.003  6.299   1.00 12.21 ? 104 ARG A NE  1 
ATOM   732  C CZ  . ARG A 1 104 ? 12.121  -0.847  5.859   1.00 13.17 ? 104 ARG A CZ  1 
ATOM   733  N NH1 . ARG A 1 104 ? 11.824  -0.678  4.561   1.00 13.54 ? 104 ARG A NH1 1 
ATOM   734  N NH2 . ARG A 1 104 ? 11.908  0.155   6.693   1.00 14.35 ? 104 ARG A NH2 1 
ATOM   735  N N   . GLN A 1 105 ? 9.127   -6.669  8.314   1.00 11.72 ? 105 GLN A N   1 
ATOM   736  C CA  . GLN A 1 105 ? 8.965   -7.834  9.213   1.00 10.45 ? 105 GLN A CA  1 
ATOM   737  C C   . GLN A 1 105 ? 7.986   -8.856  8.617   1.00 12.01 ? 105 GLN A C   1 
ATOM   738  O O   . GLN A 1 105 ? 8.256   -10.067 8.801   1.00 13.72 ? 105 GLN A O   1 
ATOM   739  C CB  . GLN A 1 105 ? 8.553   -7.407  10.622  1.00 11.57 ? 105 GLN A CB  1 
ATOM   740  C CG  . GLN A 1 105 ? 9.588   -6.629  11.413  1.00 11.71 ? 105 GLN A CG  1 
ATOM   741  C CD  . GLN A 1 105 ? 10.860  -7.476  11.630  1.00 13.26 ? 105 GLN A CD  1 
ATOM   742  O OE1 . GLN A 1 105 ? 10.788  -8.651  12.027  1.00 15.41 ? 105 GLN A OE1 1 
ATOM   743  N NE2 . GLN A 1 105 ? 11.979  -6.863  11.265  1.00 11.95 ? 105 GLN A NE2 1 
ATOM   744  N N   . ILE A 1 106 ? 6.878   -8.426  8.033   1.00 12.43 ? 106 ILE A N   1 
ATOM   745  C CA  . ILE A 1 106 ? 5.974   -9.399  7.382   1.00 13.40 ? 106 ILE A CA  1 
ATOM   746  C C   . ILE A 1 106 ? 6.738   -10.150 6.297   1.00 14.58 ? 106 ILE A C   1 
ATOM   747  O O   . ILE A 1 106 ? 6.721   -11.412 6.228   1.00 14.93 ? 106 ILE A O   1 
ATOM   748  C CB  . ILE A 1 106 ? 4.723   -8.690  6.816   1.00 12.35 ? 106 ILE A CB  1 
ATOM   749  C CG1 . ILE A 1 106 ? 3.865   -8.144  7.964   1.00 12.36 ? 106 ILE A CG1 1 
ATOM   750  C CG2 . ILE A 1 106 ? 3.962   -9.633  5.871   1.00 15.74 ? 106 ILE A CG2 1 
ATOM   751  C CD1 . ILE A 1 106 ? 2.857   -7.076  7.520   1.00 15.15 ? 106 ILE A CD1 1 
ATOM   752  N N   . SER A 1 107 ? 7.425   -9.420  5.419   1.00 13.35 ? 107 SER A N   1 
ATOM   753  C CA  . SER A 1 107 ? 8.136   -10.047 4.291   1.00 13.32 ? 107 SER A CA  1 
ATOM   754  C C   . SER A 1 107 ? 9.285   -10.953 4.680   1.00 12.68 ? 107 SER A C   1 
ATOM   755  O O   . SER A 1 107 ? 9.551   -11.967 3.991   1.00 13.38 ? 107 SER A O   1 
ATOM   756  C CB  . SER A 1 107 ? 8.644   -8.915  3.355   1.00 13.89 ? 107 SER A CB  1 
ATOM   757  O OG  . SER A 1 107 ? 7.554   -8.184  2.825   1.00 18.98 ? 107 SER A OG  1 
ATOM   758  N N   . LEU A 1 108 ? 9.903   -10.749 5.843   1.00 13.68 ? 108 LEU A N   1 
ATOM   759  C CA  . LEU A 1 108 ? 10.960  -11.584 6.401   1.00 15.49 ? 108 LEU A CA  1 
ATOM   760  C C   . LEU A 1 108 ? 10.430  -12.962 6.790   1.00 21.30 ? 108 LEU A C   1 
ATOM   761  O O   . LEU A 1 108 ? 11.248  -13.883 6.909   1.00 23.85 ? 108 LEU A O   1 
ATOM   762  C CB  . LEU A 1 108 ? 11.558  -10.950 7.662   1.00 18.72 ? 108 LEU A CB  1 
ATOM   763  C CG  . LEU A 1 108 ? 12.633  -9.908  7.469   1.00 20.33 ? 108 LEU A CG  1 
ATOM   764  C CD1 . LEU A 1 108 ? 12.903  -9.213  8.787   1.00 19.23 ? 108 LEU A CD1 1 
ATOM   765  C CD2 . LEU A 1 108 ? 13.923  -10.540 6.940   1.00 20.69 ? 108 LEU A CD2 1 
ATOM   766  N N   . HIS A 1 109 ? 9.126   -13.109 6.978   1.00 17.11 ? 109 HIS A N   1 
ATOM   767  C CA  . HIS A 1 109 ? 8.607   -14.454 7.252   1.00 19.59 ? 109 HIS A CA  1 
ATOM   768  C C   . HIS A 1 109 ? 8.756   -15.301 6.007   1.00 20.22 ? 109 HIS A C   1 
ATOM   769  O O   . HIS A 1 109 ? 8.837   -16.552 6.150   1.00 26.35 ? 109 HIS A O   1 
ATOM   770  C CB  . HIS A 1 109 ? 7.117   -14.451 7.647   1.00 20.38 ? 109 HIS A CB  1 
ATOM   771  C CG  . HIS A 1 109 ? 7.033   -13.928 9.055   1.00 26.08 ? 109 HIS A CG  1 
ATOM   772  N ND1 . HIS A 1 109 ? 6.780   -14.769 10.130  1.00 35.18 ? 109 HIS A ND1 1 
ATOM   773  C CD2 . HIS A 1 109 ? 7.175   -12.687 9.564   1.00 29.67 ? 109 HIS A CD2 1 
ATOM   774  C CE1 . HIS A 1 109 ? 6.769   -14.041 11.233  1.00 28.21 ? 109 HIS A CE1 1 
ATOM   775  N NE2 . HIS A 1 109 ? 7.003   -12.773 10.925  1.00 38.12 ? 109 HIS A NE2 1 
ATOM   776  N N   . PHE A 1 110 ? 8.759   -14.736 4.819   1.00 17.39 ? 110 PHE A N   1 
ATOM   777  C CA  . PHE A 1 110 ? 8.907   -15.486 3.580   1.00 19.21 ? 110 PHE A CA  1 
ATOM   778  C C   . PHE A 1 110 ? 10.384  -15.629 3.241   1.00 22.54 ? 110 PHE A C   1 
ATOM   779  O O   . PHE A 1 110 ? 10.973  -16.735 3.267   1.00 25.85 ? 110 PHE A O   1 
ATOM   780  C CB  . PHE A 1 110 ? 8.025   -14.865 2.489   1.00 21.42 ? 110 PHE A CB  1 
ATOM   781  C CG  . PHE A 1 110 ? 6.619   -14.619 2.977   1.00 24.24 ? 110 PHE A CG  1 
ATOM   782  C CD1 . PHE A 1 110 ? 6.182   -13.383 3.409   1.00 26.37 ? 110 PHE A CD1 1 
ATOM   783  C CD2 . PHE A 1 110 ? 5.727   -15.674 3.061   1.00 28.33 ? 110 PHE A CD2 1 
ATOM   784  C CE1 . PHE A 1 110 ? 4.895   -13.184 3.873   1.00 24.36 ? 110 PHE A CE1 1 
ATOM   785  C CE2 . PHE A 1 110 ? 4.444   -15.488 3.544   1.00 28.63 ? 110 PHE A CE2 1 
ATOM   786  C CZ  . PHE A 1 110 ? 4.027   -14.245 3.983   1.00 26.55 ? 110 PHE A CZ  1 
ATOM   787  N N   . VAL A 1 111 ? 11.127  -14.544 3.077   1.00 18.84 ? 111 VAL A N   1 
ATOM   788  C CA  . VAL A 1 111 ? 12.532  -14.657 2.654   1.00 22.32 ? 111 VAL A CA  1 
ATOM   789  C C   . VAL A 1 111 ? 13.384  -13.677 3.418   1.00 21.34 ? 111 VAL A C   1 
ATOM   790  O O   . VAL A 1 111 ? 12.961  -12.544 3.661   1.00 20.16 ? 111 VAL A O   1 
ATOM   791  C CB  . VAL A 1 111 ? 12.731  -14.337 1.160   1.00 23.69 ? 111 VAL A CB  1 
ATOM   792  C CG1 . VAL A 1 111 ? 12.056  -15.371 0.268   1.00 24.17 ? 111 VAL A CG1 1 
ATOM   793  C CG2 . VAL A 1 111 ? 12.195  -12.982 0.741   1.00 24.60 ? 111 VAL A CG2 1 
ATOM   794  N N   . PRO A 1 112 ? 14.651  -13.941 3.695   1.00 19.50 ? 112 PRO A N   1 
ATOM   795  C CA  . PRO A 1 112 ? 15.508  -13.069 4.467   1.00 19.61 ? 112 PRO A CA  1 
ATOM   796  C C   . PRO A 1 112 ? 15.912  -11.803 3.731   1.00 17.07 ? 112 PRO A C   1 
ATOM   797  O O   . PRO A 1 112 ? 16.248  -10.789 4.356   1.00 18.50 ? 112 PRO A O   1 
ATOM   798  C CB  . PRO A 1 112 ? 16.736  -13.917 4.886   1.00 22.58 ? 112 PRO A CB  1 
ATOM   799  C CG  . PRO A 1 112 ? 16.643  -15.116 3.972   1.00 22.88 ? 112 PRO A CG  1 
ATOM   800  C CD  . PRO A 1 112 ? 15.230  -15.280 3.477   1.00 21.24 ? 112 PRO A CD  1 
ATOM   801  N N   . THR A 1 113 ? 15.878  -11.819 2.405   1.00 16.17 ? 113 THR A N   1 
ATOM   802  C CA  . THR A 1 113 ? 16.241  -10.707 1.559   1.00 15.22 ? 113 THR A CA  1 
ATOM   803  C C   . THR A 1 113 ? 15.255  -9.558  1.546   1.00 14.52 ? 113 THR A C   1 
ATOM   804  O O   . THR A 1 113 ? 15.509  -8.487  0.976   1.00 14.89 ? 113 THR A O   1 
ATOM   805  C CB  . THR A 1 113 ? 16.585  -11.148 0.126   1.00 15.27 ? 113 THR A CB  1 
ATOM   806  O OG1 . THR A 1 113 ? 15.523  -12.032 -0.311  1.00 18.41 ? 113 THR A OG1 1 
ATOM   807  C CG2 . THR A 1 113 ? 17.900  -11.927 0.102   1.00 18.60 ? 113 THR A CG2 1 
ATOM   808  N N   . ALA A 1 114 ? 14.127  -9.714  2.271   1.00 14.19 ? 114 ALA A N   1 
ATOM   809  C CA  . ALA A 1 114 ? 13.200  -8.597  2.489   1.00 12.61 ? 114 ALA A CA  1 
ATOM   810  C C   . ALA A 1 114 ? 13.849  -7.402  3.128   1.00 14.59 ? 114 ALA A C   1 
ATOM   811  O O   . ALA A 1 114 ? 13.336  -6.297  2.852   1.00 16.99 ? 114 ALA A O   1 
ATOM   812  C CB  . ALA A 1 114 ? 12.111  -9.115  3.467   1.00 19.59 ? 114 ALA A CB  1 
ATOM   813  N N   . ILE A 1 115 ? 14.935  -7.612  3.859   1.00 15.72 ? 115 ILE A N   1 
ATOM   814  C CA  . ILE A 1 115 ? 15.578  -6.441  4.454   1.00 20.96 ? 115 ILE A CA  1 
ATOM   815  C C   . ILE A 1 115 ? 16.287  -5.555  3.441   1.00 19.28 ? 115 ILE A C   1 
ATOM   816  O O   . ILE A 1 115 ? 16.737  -4.474  3.811   1.00 20.89 ? 115 ILE A O   1 
ATOM   817  C CB  . ILE A 1 115 ? 16.504  -6.818  5.600   1.00 22.53 ? 115 ILE A CB  1 
ATOM   818  C CG1 . ILE A 1 115 ? 17.649  -7.670  5.067   1.00 18.18 ? 115 ILE A CG1 1 
ATOM   819  C CG2 . ILE A 1 115 ? 15.737  -7.533  6.708   1.00 24.76 ? 115 ILE A CG2 1 
ATOM   820  C CD1 . ILE A 1 115 ? 18.780  -7.692  6.098   1.00 26.31 ? 115 ILE A CD1 1 
ATOM   821  N N   . LEU A 1 116 ? 16.401  -5.990  2.183   1.00 15.00 ? 116 LEU A N   1 
ATOM   822  C CA  . LEU A 1 116 ? 17.016  -5.137  1.165   1.00 14.77 ? 116 LEU A CA  1 
ATOM   823  C C   . LEU A 1 116 ? 16.046  -4.110  0.625   1.00 15.77 ? 116 LEU A C   1 
ATOM   824  O O   . LEU A 1 116 ? 16.367  -3.262  -0.231  1.00 15.92 ? 116 LEU A O   1 
ATOM   825  C CB  . LEU A 1 116 ? 17.620  -6.012  0.067   1.00 15.03 ? 116 LEU A CB  1 
ATOM   826  C CG  . LEU A 1 116 ? 18.664  -7.042  0.436   1.00 14.50 ? 116 LEU A CG  1 
ATOM   827  C CD1 . LEU A 1 116 ? 19.209  -7.764  -0.815  1.00 14.60 ? 116 LEU A CD1 1 
ATOM   828  C CD2 . LEU A 1 116 ? 19.844  -6.455  1.211   1.00 14.99 ? 116 LEU A CD2 1 
ATOM   829  N N   . SER A 1 117 ? 14.731  -4.215  0.949   1.00 16.24 ? 117 SER A N   1 
ATOM   830  C CA  . SER A 1 117 ? 13.757  -3.213  0.498   1.00 16.70 ? 117 SER A CA  1 
ATOM   831  C C   . SER A 1 117 ? 13.824  -1.947  1.307   1.00 15.57 ? 117 SER A C   1 
ATOM   832  O O   . SER A 1 117 ? 14.027  -1.903  2.536   1.00 17.58 ? 117 SER A O   1 
ATOM   833  C CB  A SER A 1 117 ? 12.292  -3.689  0.524   0.50 20.31 ? 117 SER A CB  1 
ATOM   834  C CB  B SER A 1 117 ? 12.395  -3.927  0.438   0.50 18.80 ? 117 SER A CB  1 
ATOM   835  O OG  A SER A 1 117 ? 11.384  -2.634  0.148   0.50 17.05 ? 117 SER A OG  1 
ATOM   836  O OG  B SER A 1 117 ? 12.444  -4.901  -0.622  0.50 22.23 ? 117 SER A OG  1 
ATOM   837  N N   . ARG A 1 118 ? 13.663  -0.800  0.657   1.00 16.33 ? 118 ARG A N   1 
ATOM   838  C CA  . ARG A 1 118 ? 13.699  0.519   1.253   1.00 13.98 ? 118 ARG A CA  1 
ATOM   839  C C   . ARG A 1 118 ? 12.301  1.178   1.293   1.00 13.11 ? 118 ARG A C   1 
ATOM   840  O O   . ARG A 1 118 ? 12.149  2.364   1.514   1.00 14.62 ? 118 ARG A O   1 
ATOM   841  C CB  . ARG A 1 118 ? 14.667  1.446   0.488   1.00 15.38 ? 118 ARG A CB  1 
ATOM   842  C CG  . ARG A 1 118 ? 16.102  0.981   0.482   1.00 18.32 ? 118 ARG A CG  1 
ATOM   843  C CD  . ARG A 1 118 ? 17.103  1.815   -0.316  1.00 18.02 ? 118 ARG A CD  1 
ATOM   844  N NE  . ARG A 1 118 ? 17.151  3.207   0.037   1.00 20.30 ? 118 ARG A NE  1 
ATOM   845  C CZ  . ARG A 1 118 ? 16.631  4.278   -0.550  1.00 18.96 ? 118 ARG A CZ  1 
ATOM   846  N NH1 . ARG A 1 118 ? 15.952  4.143   -1.674  1.00 20.72 ? 118 ARG A NH1 1 
ATOM   847  N NH2 . ARG A 1 118 ? 16.785  5.509   -0.085  1.00 21.90 ? 118 ARG A NH2 1 
ATOM   848  N N   . GLN A 1 119 ? 11.281  0.330   1.150   1.00 12.74 ? 119 GLN A N   1 
ATOM   849  C CA  . GLN A 1 119 ? 9.892   0.774   1.161   1.00 14.38 ? 119 GLN A CA  1 
ATOM   850  C C   . GLN A 1 119 ? 9.537   1.644   2.354   1.00 14.11 ? 119 GLN A C   1 
ATOM   851  O O   . GLN A 1 119 ? 9.993   1.427   3.523   1.00 13.84 ? 119 GLN A O   1 
ATOM   852  C CB  A GLN A 1 119 ? 8.955   -0.432  1.142   0.65 16.91 ? 119 GLN A CB  1 
ATOM   853  C CB  B GLN A 1 119 ? 8.964   -0.442  1.149   0.35 13.72 ? 119 GLN A CB  1 
ATOM   854  C CG  A GLN A 1 119 ? 8.769   -1.356  2.315   0.65 20.31 ? 119 GLN A CG  1 
ATOM   855  C CG  B GLN A 1 119 ? 9.240   -1.411  2.283   0.35 13.63 ? 119 GLN A CG  1 
ATOM   856  C CD  A GLN A 1 119 ? 9.599   -2.619  2.325   0.65 20.32 ? 119 GLN A CD  1 
ATOM   857  C CD  B GLN A 1 119 ? 8.646   -2.780  2.015   0.35 13.21 ? 119 GLN A CD  1 
ATOM   858  O OE1 A GLN A 1 119 ? 9.146   -3.754  2.498   0.65 23.15 ? 119 GLN A OE1 1 
ATOM   859  O OE1 B GLN A 1 119 ? 7.667   -2.975  1.284   0.35 12.12 ? 119 GLN A OE1 1 
ATOM   860  N NE2 A GLN A 1 119 ? 10.903  -2.428  2.275   0.65 18.64 ? 119 GLN A NE2 1 
ATOM   861  N NE2 B GLN A 1 119 ? 9.290   -3.760  2.666   0.35 10.67 ? 119 GLN A NE2 1 
ATOM   862  N N   . VAL A 1 120 ? 8.678   2.636   2.097   1.00 13.29 ? 120 VAL A N   1 
ATOM   863  C CA  . VAL A 1 120 ? 8.129   3.496   3.133   1.00 12.93 ? 120 VAL A CA  1 
ATOM   864  C C   . VAL A 1 120 ? 6.599   3.612   3.036   1.00 13.84 ? 120 VAL A C   1 
ATOM   865  O O   . VAL A 1 120 ? 5.982   3.229   2.025   1.00 13.35 ? 120 VAL A O   1 
ATOM   866  C CB  . VAL A 1 120 ? 8.733   4.928   3.099   1.00 13.77 ? 120 VAL A CB  1 
ATOM   867  C CG1 . VAL A 1 120 ? 10.244  4.936   3.243   1.00 16.96 ? 120 VAL A CG1 1 
ATOM   868  C CG2 . VAL A 1 120 ? 8.363   5.643   1.788   1.00 15.90 ? 120 VAL A CG2 1 
ATOM   869  N N   . GLY A 1 121 ? 6.014   4.126   4.111   1.00 12.12 ? 121 GLY A N   1 
ATOM   870  C CA  . GLY A 1 121 ? 4.611   4.575   4.157   1.00 12.89 ? 121 GLY A CA  1 
ATOM   871  C C   . GLY A 1 121 ? 4.700   6.039   4.594   1.00 13.83 ? 121 GLY A C   1 
ATOM   872  O O   . GLY A 1 121 ? 5.470   6.436   5.486   1.00 13.80 ? 121 GLY A O   1 
ATOM   873  N N   . VAL A 1 122 ? 3.964   6.932   3.896   1.00 12.87 ? 122 VAL A N   1 
ATOM   874  C CA  . VAL A 1 122 ? 3.981   8.371   4.240   1.00 13.91 ? 122 VAL A CA  1 
ATOM   875  C C   . VAL A 1 122 ? 2.545   8.915   4.132   1.00 13.98 ? 122 VAL A C   1 
ATOM   876  O O   . VAL A 1 122 ? 1.666   8.289   3.543   1.00 13.40 ? 122 VAL A O   1 
ATOM   877  C CB  . VAL A 1 122 ? 4.902   9.210   3.326   1.00 14.37 ? 122 VAL A CB  1 
ATOM   878  C CG1 . VAL A 1 122 ? 6.359   8.719   3.320   1.00 16.01 ? 122 VAL A CG1 1 
ATOM   879  C CG2 . VAL A 1 122 ? 4.365   9.278   1.888   1.00 15.37 ? 122 VAL A CG2 1 
ATOM   880  N N   . ILE A 1 123 ? 2.389   10.164  4.599   1.00 14.14 ? 123 ILE A N   1 
ATOM   881  C CA  . ILE A 1 123 ? 1.144   10.918  4.382   1.00 14.64 ? 123 ILE A CA  1 
ATOM   882  C C   . ILE A 1 123 ? 1.495   12.201  3.608   1.00 14.28 ? 123 ILE A C   1 
ATOM   883  O O   . ILE A 1 123 ? 2.494   12.869  3.828   1.00 15.78 ? 123 ILE A O   1 
ATOM   884  C CB  . ILE A 1 123 ? 0.495   11.275  5.715   1.00 13.32 ? 123 ILE A CB  1 
ATOM   885  C CG1 . ILE A 1 123 ? 0.020   10.008  6.463   1.00 19.24 ? 123 ILE A CG1 1 
ATOM   886  C CG2 . ILE A 1 123 ? -0.714  12.226  5.562   1.00 16.58 ? 123 ILE A CG2 1 
ATOM   887  C CD1 . ILE A 1 123 ? -0.133  10.244  7.945   1.00 19.77 ? 123 ILE A CD1 1 
ATOM   888  N N   . ARG A 1 124 ? 0.710   12.430  2.551   1.00 15.57 ? 124 ARG A N   1 
ATOM   889  C CA  . ARG A 1 124 ? 0.682   13.686  1.771   1.00 15.32 ? 124 ARG A CA  1 
ATOM   890  C C   . ARG A 1 124 ? -0.756  14.210  1.830   1.00 13.84 ? 124 ARG A C   1 
ATOM   891  O O   . ARG A 1 124 ? -1.684  13.516  1.441   1.00 16.48 ? 124 ARG A O   1 
ATOM   892  C CB  . ARG A 1 124 ? 1.193   13.524  0.344   1.00 17.38 ? 124 ARG A CB  1 
ATOM   893  C CG  . ARG A 1 124 ? 1.110   14.854  -0.433  1.00 16.85 ? 124 ARG A CG  1 
ATOM   894  C CD  . ARG A 1 124 ? 1.561   14.667  -1.880  1.00 20.58 ? 124 ARG A CD  1 
ATOM   895  N NE  . ARG A 1 124 ? 1.364   15.917  -2.684  1.00 17.96 ? 124 ARG A NE  1 
ATOM   896  C CZ  . ARG A 1 124 ? 2.329   16.825  -2.751  1.00 20.99 ? 124 ARG A CZ  1 
ATOM   897  N NH1 . ARG A 1 124 ? 3.497   16.713  -2.162  1.00 20.74 ? 124 ARG A NH1 1 
ATOM   898  N NH2 . ARG A 1 124 ? 2.074   17.962  -3.458  1.00 19.60 ? 124 ARG A NH2 1 
ATOM   899  N N   . LYS A 1 125 ? -0.850  15.432  2.377   1.00 17.93 ? 125 LYS A N   1 
ATOM   900  C CA  . LYS A 1 125 ? -2.175  16.040  2.611   1.00 22.12 ? 125 LYS A CA  1 
ATOM   901  C C   . LYS A 1 125 ? -2.951  15.111  3.541   1.00 19.89 ? 125 LYS A C   1 
ATOM   902  O O   . LYS A 1 125 ? -2.463  14.983  4.664   1.00 22.38 ? 125 LYS A O   1 
ATOM   903  C CB  . LYS A 1 125 ? -2.932  16.358  1.328   1.00 22.73 ? 125 LYS A CB  1 
ATOM   904  C CG  . LYS A 1 125 ? -2.289  17.509  0.560   1.00 28.89 ? 125 LYS A CG  1 
ATOM   905  C CD  . LYS A 1 125 ? -3.137  17.811  -0.678  1.00 37.71 ? 125 LYS A CD  1 
ATOM   906  C CE  . LYS A 1 125 ? -2.631  19.114  -1.294  1.00 36.45 ? 125 LYS A CE  1 
ATOM   907  N NZ  . LYS A 1 125 ? -1.137  19.109  -1.381  1.00 41.75 ? 125 LYS A NZ  1 
ATOM   908  N N   . GLN A 1 126 ? -4.073  14.515  3.194   1.00 18.73 ? 126 GLN A N   1 
ATOM   909  C CA  . GLN A 1 126 ? -4.756  13.547  4.042   1.00 19.74 ? 126 GLN A CA  1 
ATOM   910  C C   . GLN A 1 126 ? -4.684  12.137  3.442   1.00 17.45 ? 126 GLN A C   1 
ATOM   911  O O   . GLN A 1 126 ? -5.370  11.253  3.942   1.00 20.62 ? 126 GLN A O   1 
ATOM   912  C CB  . GLN A 1 126 ? -6.224  13.950  4.273   1.00 22.33 ? 126 GLN A CB  1 
ATOM   913  C CG  . GLN A 1 126 ? -6.332  15.285  5.027   1.00 26.47 ? 126 GLN A CG  1 
ATOM   914  C CD  . GLN A 1 126 ? -7.762  15.580  5.442   1.00 40.87 ? 126 GLN A CD  1 
ATOM   915  O OE1 . GLN A 1 126 ? -8.696  15.465  4.648   1.00 49.07 ? 126 GLN A OE1 1 
ATOM   916  N NE2 . GLN A 1 126 ? -7.920  15.963  6.706   1.00 42.44 ? 126 GLN A NE2 1 
ATOM   917  N N   . ALA A 1 127 ? -3.822  11.921  2.447   1.00 15.80 ? 127 ALA A N   1 
ATOM   918  C CA  . ALA A 1 127 ? -3.724  10.613  1.806   1.00 15.03 ? 127 ALA A CA  1 
ATOM   919  C C   . ALA A 1 127 ? -2.540  9.783   2.334   1.00 14.85 ? 127 ALA A C   1 
ATOM   920  O O   . ALA A 1 127 ? -1.491  10.339  2.611   1.00 16.77 ? 127 ALA A O   1 
ATOM   921  C CB  . ALA A 1 127 ? -3.518  10.836  0.300   1.00 16.78 ? 127 ALA A CB  1 
ATOM   922  N N   . LEU A 1 128 ? -2.796  8.491   2.454   1.00 13.95 ? 128 LEU A N   1 
ATOM   923  C CA  . LEU A 1 128 ? -1.743  7.537   2.820   1.00 14.32 ? 128 LEU A CA  1 
ATOM   924  C C   . LEU A 1 128 ? -1.124  6.919   1.574   1.00 14.82 ? 128 LEU A C   1 
ATOM   925  O O   . LEU A 1 128 ? -1.884  6.464   0.690   1.00 13.85 ? 128 LEU A O   1 
ATOM   926  C CB  . LEU A 1 128 ? -2.390  6.452   3.693   1.00 14.31 ? 128 LEU A CB  1 
ATOM   927  C CG  . LEU A 1 128 ? -1.441  5.322   4.140   1.00 13.78 ? 128 LEU A CG  1 
ATOM   928  C CD1 . LEU A 1 128 ? -0.382  5.805   5.132   1.00 17.29 ? 128 LEU A CD1 1 
ATOM   929  C CD2 . LEU A 1 128 ? -2.266  4.200   4.788   1.00 14.34 ? 128 LEU A CD2 1 
ATOM   930  N N   . ILE A 1 129 ? 0.202   6.925   1.446   1.00 12.57 ? 129 ILE A N   1 
ATOM   931  C CA  . ILE A 1 129 ? 0.936   6.363   0.327   1.00 14.00 ? 129 ILE A CA  1 
ATOM   932  C C   . ILE A 1 129 ? 1.807   5.212   0.854   1.00 11.71 ? 129 ILE A C   1 
ATOM   933  O O   . ILE A 1 129 ? 2.626   5.442   1.774   1.00 13.73 ? 129 ILE A O   1 
ATOM   934  C CB  . ILE A 1 129 ? 1.848   7.386   -0.401  1.00 13.39 ? 129 ILE A CB  1 
ATOM   935  C CG1 . ILE A 1 129 ? 1.068   8.639   -0.775  1.00 15.46 ? 129 ILE A CG1 1 
ATOM   936  C CG2 . ILE A 1 129 ? 2.510   6.745   -1.617  1.00 14.60 ? 129 ILE A CG2 1 
ATOM   937  C CD1 . ILE A 1 129 ? 1.876   9.795   -1.361  1.00 17.16 ? 129 ILE A CD1 1 
ATOM   938  N N   . LEU A 1 130 ? 1.617   4.017   0.344   1.00 12.97 ? 130 LEU A N   1 
ATOM   939  C CA  . LEU A 1 130 ? 2.382   2.841   0.761   1.00 12.56 ? 130 LEU A CA  1 
ATOM   940  C C   . LEU A 1 130 ? 3.184   2.251   -0.387  1.00 14.25 ? 130 LEU A C   1 
ATOM   941  O O   . LEU A 1 130 ? 2.592   2.025   -1.469  1.00 13.59 ? 130 LEU A O   1 
ATOM   942  C CB  . LEU A 1 130 ? 1.505   1.700   1.318   1.00 14.37 ? 130 LEU A CB  1 
ATOM   943  C CG  . LEU A 1 130 ? 0.611   2.151   2.469   1.00 13.44 ? 130 LEU A CG  1 
ATOM   944  C CD1 . LEU A 1 130 ? -0.244  0.946   2.866   1.00 16.68 ? 130 LEU A CD1 1 
ATOM   945  C CD2 . LEU A 1 130 ? 1.424   2.625   3.661   1.00 16.83 ? 130 LEU A CD2 1 
ATOM   946  N N   . ASN A 1 131 ? 4.461   1.943   -0.229  1.00 11.53 ? 131 ASN A N   1 
ATOM   947  C CA  . ASN A 1 131 ? 5.269   1.290   -1.246  1.00 10.89 ? 131 ASN A CA  1 
ATOM   948  C C   . ASN A 1 131 ? 5.245   -0.232  -1.084  1.00 14.81 ? 131 ASN A C   1 
ATOM   949  O O   . ASN A 1 131 ? 5.672   -0.737  -0.021  1.00 14.19 ? 131 ASN A O   1 
ATOM   950  C CB  . ASN A 1 131 ? 6.733   1.701   -1.202  1.00 12.47 ? 131 ASN A CB  1 
ATOM   951  C CG  . ASN A 1 131 ? 7.067   3.154   -1.372  1.00 12.38 ? 131 ASN A CG  1 
ATOM   952  O OD1 . ASN A 1 131 ? 6.295   3.881   -2.096  1.00 17.65 ? 131 ASN A OD1 1 
ATOM   953  N ND2 . ASN A 1 131 ? 8.110   3.625   -0.767  1.00 10.92 ? 131 ASN A ND2 1 
ATOM   954  N N   . LEU A 1 132 ? 4.798   -0.963  -2.100  1.00 15.05 ? 132 LEU A N   1 
ATOM   955  C CA  . LEU A 1 132 ? 4.780   -2.441  -2.063  1.00 16.13 ? 132 LEU A CA  1 
ATOM   956  C C   . LEU A 1 132 ? 5.795   -2.978  -3.070  1.00 20.51 ? 132 LEU A C   1 
ATOM   957  O O   . LEU A 1 132 ? 6.310   -2.260  -3.938  1.00 18.76 ? 132 LEU A O   1 
ATOM   958  C CB  . LEU A 1 132 ? 3.384   -2.953  -2.397  1.00 18.42 ? 132 LEU A CB  1 
ATOM   959  C CG  . LEU A 1 132 ? 2.217   -2.361  -1.613  1.00 16.79 ? 132 LEU A CG  1 
ATOM   960  C CD1 . LEU A 1 132 ? 0.857   -2.815  -2.159  1.00 15.96 ? 132 LEU A CD1 1 
ATOM   961  C CD2 . LEU A 1 132 ? 2.275   -2.735  -0.127  1.00 22.50 ? 132 LEU A CD2 1 
ATOM   962  N N   . PRO A 1 133 ? 6.138   -4.253  -2.927  1.00 22.14 ? 133 PRO A N   1 
ATOM   963  C CA  . PRO A 1 133 ? 7.044   -4.964  -3.800  1.00 24.52 ? 133 PRO A CA  1 
ATOM   964  C C   . PRO A 1 133 ? 6.549   -5.013  -5.244  1.00 20.35 ? 133 PRO A C   1 
ATOM   965  O O   . PRO A 1 133 ? 5.386   -4.792  -5.509  1.00 20.68 ? 133 PRO A O   1 
ATOM   966  C CB  . PRO A 1 133 ? 7.137   -6.410  -3.254  1.00 31.03 ? 133 PRO A CB  1 
ATOM   967  C CG  . PRO A 1 133 ? 6.490   -6.310  -1.903  1.00 32.55 ? 133 PRO A CG  1 
ATOM   968  C CD  . PRO A 1 133 ? 5.573   -5.119  -1.872  1.00 24.45 ? 133 PRO A CD  1 
ATOM   969  N N   . GLY A 1 134 ? 7.441   -5.419  -6.156  1.00 23.02 ? 134 GLY A N   1 
ATOM   970  C CA  . GLY A 1 134 ? 7.130   -5.522  -7.567  1.00 24.00 ? 134 GLY A CA  1 
ATOM   971  C C   . GLY A 1 134 ? 6.519   -6.853  -7.975  1.00 28.34 ? 134 GLY A C   1 
ATOM   972  O O   . GLY A 1 134 ? 5.831   -6.908  -8.992  1.00 31.89 ? 134 GLY A O   1 
ATOM   973  N N   . GLN A 1 135 ? 6.736   -7.924  -7.222  1.00 30.64 ? 135 GLN A N   1 
ATOM   974  C CA  . GLN A 1 135 ? 6.185   -9.231  -7.606  1.00 30.43 ? 135 GLN A CA  1 
ATOM   975  C C   . GLN A 1 135 ? 4.794   -9.443  -7.071  1.00 28.78 ? 135 GLN A C   1 
ATOM   976  O O   . GLN A 1 135 ? 4.457   -9.222  -5.897  1.00 25.22 ? 135 GLN A O   1 
ATOM   977  C CB  . GLN A 1 135 ? 7.128   -10.320 -7.101  1.00 36.86 ? 135 GLN A CB  1 
ATOM   978  N N   . PRO A 1 136 ? 3.879   -9.936  -7.891  1.00 25.80 ? 136 PRO A N   1 
ATOM   979  C CA  . PRO A 1 136 ? 2.505   -10.174 -7.500  1.00 24.92 ? 136 PRO A CA  1 
ATOM   980  C C   . PRO A 1 136 ? 2.330   -10.967 -6.226  1.00 22.39 ? 136 PRO A C   1 
ATOM   981  O O   . PRO A 1 136 ? 1.527   -10.605 -5.352  1.00 24.23 ? 136 PRO A O   1 
ATOM   982  C CB  . PRO A 1 136 ? 1.777   -10.801 -8.706  1.00 31.50 ? 136 PRO A CB  1 
ATOM   983  C CG  . PRO A 1 136 ? 2.783   -10.678 -9.807  1.00 38.69 ? 136 PRO A CG  1 
ATOM   984  C CD  . PRO A 1 136 ? 4.137   -10.261 -9.297  1.00 37.59 ? 136 PRO A CD  1 
ATOM   985  N N   . LYS A 1 137 ? 3.095   -12.054 -6.011  1.00 22.92 ? 137 LYS A N   1 
ATOM   986  C CA  . LYS A 1 137 ? 2.911   -12.857 -4.798  1.00 25.60 ? 137 LYS A CA  1 
ATOM   987  C C   . LYS A 1 137 ? 3.256   -12.061 -3.532  1.00 22.69 ? 137 LYS A C   1 
ATOM   988  O O   . LYS A 1 137 ? 2.609   -12.172 -2.482  1.00 24.03 ? 137 LYS A O   1 
ATOM   989  C CB  . LYS A 1 137 ? 3.791   -14.111 -4.898  1.00 30.47 ? 137 LYS A CB  1 
ATOM   990  C CG  . LYS A 1 137 ? 3.666   -15.054 -3.712  1.00 39.06 ? 137 LYS A CG  1 
ATOM   991  C CD  . LYS A 1 137 ? 4.768   -16.098 -3.684  1.00 47.76 ? 137 LYS A CD  1 
ATOM   992  C CE  . LYS A 1 137 ? 6.113   -15.547 -3.247  1.00 50.95 ? 137 LYS A CE  1 
ATOM   993  N NZ  . LYS A 1 137 ? 6.354   -15.661 -1.783  1.00 57.64 ? 137 LYS A NZ  1 
ATOM   994  N N   . SER A 1 138 ? 4.298   -11.265 -3.645  1.00 22.04 ? 138 SER A N   1 
ATOM   995  C CA  . SER A 1 138 ? 4.791   -10.429 -2.552  1.00 22.56 ? 138 SER A CA  1 
ATOM   996  C C   . SER A 1 138 ? 3.821   -9.320  -2.206  1.00 22.09 ? 138 SER A C   1 
ATOM   997  O O   . SER A 1 138 ? 3.669   -8.904  -1.049  1.00 22.08 ? 138 SER A O   1 
ATOM   998  C CB  . SER A 1 138 ? 6.189   -9.891  -2.900  1.00 31.99 ? 138 SER A CB  1 
ATOM   999  O OG  . SER A 1 138 ? 7.102   -10.992 -2.952  1.00 44.26 ? 138 SER A OG  1 
ATOM   1000 N N   . ILE A 1 139 ? 3.130   -8.770  -3.215  1.00 20.89 ? 139 ILE A N   1 
ATOM   1001 C CA  . ILE A 1 139 ? 2.114   -7.741  -3.021  1.00 21.30 ? 139 ILE A CA  1 
ATOM   1002 C C   . ILE A 1 139 ? 1.018   -8.296  -2.134  1.00 22.35 ? 139 ILE A C   1 
ATOM   1003 O O   . ILE A 1 139 ? 0.637   -7.732  -1.093  1.00 22.39 ? 139 ILE A O   1 
ATOM   1004 C CB  . ILE A 1 139 ? 1.563   -7.259  -4.374  1.00 22.92 ? 139 ILE A CB  1 
ATOM   1005 C CG1 . ILE A 1 139 ? 2.617   -6.464  -5.151  1.00 24.13 ? 139 ILE A CG1 1 
ATOM   1006 C CG2 . ILE A 1 139 ? 0.292   -6.441  -4.180  1.00 19.35 ? 139 ILE A CG2 1 
ATOM   1007 C CD1 . ILE A 1 139 ? 2.197   -6.335  -6.626  1.00 23.08 ? 139 ILE A CD1 1 
ATOM   1008 N N   . LYS A 1 140 ? 0.504   -9.477  -2.445  1.00 23.42 ? 140 LYS A N   1 
ATOM   1009 C CA  . LYS A 1 140 ? -0.532  -10.117 -1.653  1.00 23.18 ? 140 LYS A CA  1 
ATOM   1010 C C   . LYS A 1 140 ? -0.073  -10.554 -0.270  1.00 22.69 ? 140 LYS A C   1 
ATOM   1011 O O   . LYS A 1 140 ? -0.772  -10.312 0.730   1.00 24.39 ? 140 LYS A O   1 
ATOM   1012 C CB  A LYS A 1 140 ? -1.199  -11.208 -2.502  0.60 27.65 ? 140 LYS A CB  1 
ATOM   1013 C CB  B LYS A 1 140 ? -1.021  -11.376 -2.391  0.40 26.52 ? 140 LYS A CB  1 
ATOM   1014 C CG  A LYS A 1 140 ? -1.826  -10.572 -3.743  0.60 25.72 ? 140 LYS A CG  1 
ATOM   1015 C CG  B LYS A 1 140 ? -1.723  -12.401 -1.510  0.40 22.86 ? 140 LYS A CG  1 
ATOM   1016 C CD  A LYS A 1 140 ? -2.587  -11.531 -4.636  0.60 26.74 ? 140 LYS A CD  1 
ATOM   1017 C CD  B LYS A 1 140 ? -1.336  -13.824 -1.893  0.40 37.09 ? 140 LYS A CD  1 
ATOM   1018 C CE  A LYS A 1 140 ? -3.092  -10.831 -5.896  0.60 23.24 ? 140 LYS A CE  1 
ATOM   1019 C CE  B LYS A 1 140 ? 0.125   -14.125 -1.603  0.40 34.60 ? 140 LYS A CE  1 
ATOM   1020 N NZ  A LYS A 1 140 ? -3.904  -11.746 -6.741  0.60 25.23 ? 140 LYS A NZ  1 
ATOM   1021 N NZ  B LYS A 1 140 ? 0.478   -15.537 -1.891  0.40 40.39 ? 140 LYS A NZ  1 
ATOM   1022 N N   . GLU A 1 141 ? 1.139   -11.054 -0.114  1.00 20.43 ? 141 GLU A N   1 
ATOM   1023 C CA  . GLU A 1 141 ? 1.685   -11.483 1.172   1.00 22.40 ? 141 GLU A CA  1 
ATOM   1024 C C   . GLU A 1 141 ? 1.806   -10.316 2.140   1.00 18.10 ? 141 GLU A C   1 
ATOM   1025 O O   . GLU A 1 141 ? 1.540   -10.356 3.345   1.00 19.45 ? 141 GLU A O   1 
ATOM   1026 C CB  . GLU A 1 141 ? 3.054   -12.156 0.947   1.00 25.29 ? 141 GLU A CB  1 
ATOM   1027 C CG  . GLU A 1 141 ? 2.903   -13.607 0.529   1.00 32.72 ? 141 GLU A CG  1 
ATOM   1028 C CD  . GLU A 1 141 ? 4.122   -14.323 0.025   1.00 39.97 ? 141 GLU A CD  1 
ATOM   1029 O OE1 . GLU A 1 141 ? 5.178   -13.731 -0.274  1.00 27.19 ? 141 GLU A OE1 1 
ATOM   1030 O OE2 . GLU A 1 141 ? 4.022   -15.579 -0.096  1.00 41.08 ? 141 GLU A OE2 1 
ATOM   1031 N N   . THR A 1 142 ? 2.222   -9.166  1.599   1.00 15.90 ? 142 THR A N   1 
ATOM   1032 C CA  . THR A 1 142 ? 2.380   -7.961  2.395   1.00 15.66 ? 142 THR A CA  1 
ATOM   1033 C C   . THR A 1 142 ? 1.041   -7.428  2.920   1.00 15.74 ? 142 THR A C   1 
ATOM   1034 O O   . THR A 1 142 ? 0.911   -7.053  4.099   1.00 15.29 ? 142 THR A O   1 
ATOM   1035 C CB  . THR A 1 142 ? 3.089   -6.868  1.573   1.00 14.90 ? 142 THR A CB  1 
ATOM   1036 O OG1 . THR A 1 142 ? 4.389   -7.336  1.182   1.00 17.09 ? 142 THR A OG1 1 
ATOM   1037 C CG2 . THR A 1 142 ? 3.316   -5.672  2.475   1.00 18.29 ? 142 THR A CG2 1 
ATOM   1038 N N   . LEU A 1 143 ? 0.037   -7.387  2.044   1.00 16.47 ? 143 LEU A N   1 
ATOM   1039 C CA  . LEU A 1 143 ? -1.250  -6.829  2.400   1.00 15.17 ? 143 LEU A CA  1 
ATOM   1040 C C   . LEU A 1 143 ? -2.064  -7.665  3.383   1.00 16.87 ? 143 LEU A C   1 
ATOM   1041 O O   . LEU A 1 143 ? -2.706  -7.176  4.302   1.00 16.36 ? 143 LEU A O   1 
ATOM   1042 C CB  . LEU A 1 143 ? -2.085  -6.562  1.122   1.00 16.57 ? 143 LEU A CB  1 
ATOM   1043 C CG  . LEU A 1 143 ? -1.498  -5.469  0.209   1.00 16.82 ? 143 LEU A CG  1 
ATOM   1044 C CD1 . LEU A 1 143 ? -2.208  -5.433  -1.162  1.00 20.03 ? 143 LEU A CD1 1 
ATOM   1045 C CD2 . LEU A 1 143 ? -1.721  -4.096  0.827   1.00 22.06 ? 143 LEU A CD2 1 
ATOM   1046 N N   . GLU A 1 144 ? -1.993  -8.984  3.190   1.00 16.84 ? 144 GLU A N   1 
ATOM   1047 C CA  . GLU A 1 144 ? -2.776  -9.969  3.922   1.00 20.63 ? 144 GLU A CA  1 
ATOM   1048 C C   . GLU A 1 144 ? -2.049  -10.679 5.041   1.00 20.79 ? 144 GLU A C   1 
ATOM   1049 O O   . GLU A 1 144 ? -2.719  -11.196 5.951   1.00 23.68 ? 144 GLU A O   1 
ATOM   1050 C CB  . GLU A 1 144 ? -3.333  -10.975 2.882   1.00 22.84 ? 144 GLU A CB  1 
ATOM   1051 C CG  . GLU A 1 144 ? -4.552  -11.760 3.289   1.00 32.93 ? 144 GLU A CG  1 
ATOM   1052 C CD  . GLU A 1 144 ? -5.127  -12.639 2.183   1.00 30.74 ? 144 GLU A CD  1 
ATOM   1053 O OE1 . GLU A 1 144 ? -5.095  -12.271 0.987   1.00 26.63 ? 144 GLU A OE1 1 
ATOM   1054 O OE2 . GLU A 1 144 ? -5.624  -13.719 2.584   1.00 43.48 ? 144 GLU A OE2 1 
ATOM   1055 N N   . GLY A 1 145 ? -0.715  -10.782 5.071   1.00 17.77 ? 145 GLY A N   1 
ATOM   1056 C CA  . GLY A 1 145 ? -0.004  -11.387 6.171   1.00 18.99 ? 145 GLY A CA  1 
ATOM   1057 C C   . GLY A 1 145 ? 0.210   -12.902 6.139   1.00 20.04 ? 145 GLY A C   1 
ATOM   1058 O O   . GLY A 1 145 ? 0.141   -13.506 5.068   1.00 23.13 ? 145 GLY A O   1 
ATOM   1059 N N   . VAL A 1 146 ? 0.487   -13.375 7.359   1.00 19.32 ? 146 VAL A N   1 
ATOM   1060 C CA  . VAL A 1 146 ? 0.762   -14.829 7.476   1.00 27.00 ? 146 VAL A CA  1 
ATOM   1061 C C   . VAL A 1 146 ? -0.324  -15.508 8.325   1.00 25.60 ? 146 VAL A C   1 
ATOM   1062 O O   . VAL A 1 146 ? -0.592  -15.082 9.445   1.00 22.20 ? 146 VAL A O   1 
ATOM   1063 C CB  . VAL A 1 146 ? 2.110   -15.075 8.177   1.00 33.36 ? 146 VAL A CB  1 
ATOM   1064 C CG1 . VAL A 1 146 ? 2.494   -16.556 8.083   1.00 36.53 ? 146 VAL A CG1 1 
ATOM   1065 C CG2 . VAL A 1 146 ? 3.248   -14.230 7.591   1.00 36.71 ? 146 VAL A CG2 1 
ATOM   1066 N N   . LYS A 1 147 ? -0.925  -16.520 7.730   1.00 30.65 ? 147 LYS A N   1 
ATOM   1067 C CA  . LYS A 1 147 ? -1.945  -17.336 8.381   1.00 32.01 ? 147 LYS A CA  1 
ATOM   1068 C C   . LYS A 1 147 ? -1.465  -18.782 8.522   1.00 40.51 ? 147 LYS A C   1 
ATOM   1069 O O   . LYS A 1 147 ? -0.402  -19.149 8.004   1.00 36.96 ? 147 LYS A O   1 
ATOM   1070 C CB  . LYS A 1 147 ? -3.228  -17.287 7.571   1.00 30.86 ? 147 LYS A CB  1 
ATOM   1071 C CG  . LYS A 1 147 ? -3.913  -15.927 7.573   1.00 36.59 ? 147 LYS A CG  1 
ATOM   1072 C CD  . LYS A 1 147 ? -4.908  -15.879 6.422   1.00 38.73 ? 147 LYS A CD  1 
ATOM   1073 C CE  . LYS A 1 147 ? -5.643  -14.553 6.388   1.00 36.69 ? 147 LYS A CE  1 
ATOM   1074 N NZ  . LYS A 1 147 ? -6.672  -14.539 5.308   1.00 37.57 ? 147 LYS A NZ  1 
ATOM   1075 N N   . ASP A 1 148 ? -2.186  -19.570 9.324   1.00 35.17 ? 148 ASP A N   1 
ATOM   1076 C CA  . ASP A 1 148 ? -1.842  -20.995 9.473   1.00 37.09 ? 148 ASP A CA  1 
ATOM   1077 C C   . ASP A 1 148 ? -2.678  -21.860 8.544   1.00 39.63 ? 148 ASP A C   1 
ATOM   1078 O O   . ASP A 1 148 ? -3.485  -21.373 7.749   1.00 41.78 ? 148 ASP A O   1 
ATOM   1079 C CB  . ASP A 1 148 ? -1.987  -21.421 10.933  1.00 35.22 ? 148 ASP A CB  1 
ATOM   1080 C CG  . ASP A 1 148 ? -3.387  -21.394 11.486  1.00 29.88 ? 148 ASP A CG  1 
ATOM   1081 O OD1 . ASP A 1 148 ? -4.402  -21.354 10.759  1.00 34.52 ? 148 ASP A OD1 1 
ATOM   1082 O OD2 . ASP A 1 148 ? -3.510  -21.438 12.730  1.00 32.96 ? 148 ASP A OD2 1 
ATOM   1083 N N   . ALA A 1 149 ? -2.595  -23.183 8.676   1.00 48.00 ? 149 ALA A N   1 
ATOM   1084 C CA  . ALA A 1 149 ? -3.332  -24.128 7.853   1.00 47.77 ? 149 ALA A CA  1 
ATOM   1085 C C   . ALA A 1 149 ? -4.845  -24.020 7.973   1.00 50.03 ? 149 ALA A C   1 
ATOM   1086 O O   . ALA A 1 149 ? -5.574  -24.255 7.006   1.00 53.46 ? 149 ALA A O   1 
ATOM   1087 C CB  . ALA A 1 149 ? -2.908  -25.553 8.198   1.00 48.80 ? 149 ALA A CB  1 
ATOM   1088 N N   . GLU A 1 150 ? -5.345  -23.660 9.152   1.00 45.23 ? 150 GLU A N   1 
ATOM   1089 C CA  . GLU A 1 150 ? -6.773  -23.513 9.379   1.00 46.63 ? 150 GLU A CA  1 
ATOM   1090 C C   . GLU A 1 150 ? -7.255  -22.111 9.029   1.00 50.38 ? 150 GLU A C   1 
ATOM   1091 O O   . GLU A 1 150 ? -8.450  -21.816 9.115   1.00 49.94 ? 150 GLU A O   1 
ATOM   1092 C CB  . GLU A 1 150 ? -7.113  -23.897 10.819  1.00 50.45 ? 150 GLU A CB  1 
ATOM   1093 C CG  . GLU A 1 150 ? -6.668  -25.181 11.395  0.00 50.00 ? 150 GLU A CG  1 
ATOM   1094 C CD  . GLU A 1 150 ? -7.418  -26.265 10.647  0.00 50.00 ? 150 GLU A CD  1 
ATOM   1095 O OE1 . GLU A 1 150 ? -8.240  -25.923 9.771   0.00 50.00 ? 150 GLU A OE1 1 
ATOM   1096 O OE2 . GLU A 1 150 ? -7.184  -27.457 10.938  0.00 50.00 ? 150 GLU A OE2 1 
ATOM   1097 N N   . GLY A 1 151 ? -6.339  -21.211 8.675   1.00 47.94 ? 151 GLY A N   1 
ATOM   1098 C CA  . GLY A 1 151 ? -6.678  -19.864 8.266   1.00 46.45 ? 151 GLY A CA  1 
ATOM   1099 C C   . GLY A 1 151 ? -6.576  -18.806 9.347   1.00 38.62 ? 151 GLY A C   1 
ATOM   1100 O O   . GLY A 1 151 ? -6.951  -17.645 9.137   1.00 45.25 ? 151 GLY A O   1 
ATOM   1101 N N   . ASN A 1 152 ? -6.096  -19.166 10.528  1.00 35.89 ? 152 ASN A N   1 
ATOM   1102 C CA  . ASN A 1 152 ? -5.962  -18.249 11.650  1.00 30.15 ? 152 ASN A CA  1 
ATOM   1103 C C   . ASN A 1 152 ? -4.764  -17.324 11.430  1.00 34.64 ? 152 ASN A C   1 
ATOM   1104 O O   . ASN A 1 152 ? -3.761  -17.748 10.865  1.00 28.46 ? 152 ASN A O   1 
ATOM   1105 C CB  . ASN A 1 152 ? -5.787  -19.044 12.940  1.00 34.42 ? 152 ASN A CB  1 
ATOM   1106 C CG  . ASN A 1 152 ? -6.725  -20.219 13.115  1.00 34.86 ? 152 ASN A CG  1 
ATOM   1107 O OD1 . ASN A 1 152 ? -6.253  -21.335 13.336  1.00 36.79 ? 152 ASN A OD1 1 
ATOM   1108 N ND2 . ASN A 1 152 ? -8.043  -20.212 13.046  1.00 32.45 ? 152 ASN A ND2 1 
ATOM   1109 N N   . VAL A 1 153 ? -4.856  -16.059 11.815  1.00 28.01 ? 153 VAL A N   1 
ATOM   1110 C CA  . VAL A 1 153 ? -3.755  -15.113 11.673  1.00 23.79 ? 153 VAL A CA  1 
ATOM   1111 C C   . VAL A 1 153 ? -2.578  -15.410 12.583  1.00 23.46 ? 153 VAL A C   1 
ATOM   1112 O O   . VAL A 1 153 ? -2.759  -15.612 13.799  1.00 28.59 ? 153 VAL A O   1 
ATOM   1113 C CB  . VAL A 1 153 ? -4.266  -13.681 11.985  1.00 23.58 ? 153 VAL A CB  1 
ATOM   1114 C CG1 . VAL A 1 153 ? -3.096  -12.694 11.895  1.00 23.75 ? 153 VAL A CG1 1 
ATOM   1115 C CG2 . VAL A 1 153 ? -5.339  -13.292 10.995  1.00 25.97 ? 153 VAL A CG2 1 
ATOM   1116 N N   . VAL A 1 154 ? -1.375  -15.426 12.044  1.00 26.67 ? 154 VAL A N   1 
ATOM   1117 C CA  . VAL A 1 154 ? -0.117  -15.542 12.734  1.00 29.79 ? 154 VAL A CA  1 
ATOM   1118 C C   . VAL A 1 154 ? 0.502   -14.147 12.869  1.00 30.92 ? 154 VAL A C   1 
ATOM   1119 O O   . VAL A 1 154 ? 0.910   -13.706 13.943  1.00 31.78 ? 154 VAL A O   1 
ATOM   1120 C CB  . VAL A 1 154 ? 0.858   -16.520 12.099  1.00 36.49 ? 154 VAL A CB  1 
ATOM   1121 C CG1 . VAL A 1 154 ? 2.216   -16.534 12.755  1.00 36.03 ? 154 VAL A CG1 1 
ATOM   1122 C CG2 . VAL A 1 154 ? 0.244   -17.906 12.062  1.00 40.50 ? 154 VAL A CG2 1 
ATOM   1123 N N   . VAL A 1 155 ? 0.594   -13.428 11.746  1.00 23.42 ? 155 VAL A N   1 
ATOM   1124 C CA  . VAL A 1 155 ? 1.103   -12.062 11.714  1.00 21.81 ? 155 VAL A CA  1 
ATOM   1125 C C   . VAL A 1 155 ? 0.112   -11.331 10.774  1.00 17.03 ? 155 VAL A C   1 
ATOM   1126 O O   . VAL A 1 155 ? -0.127  -11.719 9.646   1.00 17.86 ? 155 VAL A O   1 
ATOM   1127 C CB  . VAL A 1 155 ? 2.530   -11.797 11.227  1.00 24.57 ? 155 VAL A CB  1 
ATOM   1128 C CG1 . VAL A 1 155 ? 2.909   -10.314 11.330  1.00 24.71 ? 155 VAL A CG1 1 
ATOM   1129 C CG2 . VAL A 1 155 ? 3.564   -12.583 12.027  1.00 27.24 ? 155 VAL A CG2 1 
ATOM   1130 N N   . HIS A 1 156 ? -0.470  -10.261 11.322  1.00 17.33 ? 156 HIS A N   1 
ATOM   1131 C CA  . HIS A 1 156 ? -1.456  -9.490  10.538  1.00 15.29 ? 156 HIS A CA  1 
ATOM   1132 C C   . HIS A 1 156 ? -0.832  -8.808  9.323   1.00 16.95 ? 156 HIS A C   1 
ATOM   1133 O O   . HIS A 1 156 ? 0.295   -8.270  9.343   1.00 16.96 ? 156 HIS A O   1 
ATOM   1134 C CB  . HIS A 1 156 ? -2.105  -8.399  11.410  1.00 18.70 ? 156 HIS A CB  1 
ATOM   1135 C CG  . HIS A 1 156 ? -3.013  -9.003  12.461  1.00 19.93 ? 156 HIS A CG  1 
ATOM   1136 N ND1 . HIS A 1 156 ? -4.356  -9.154  12.221  1.00 24.94 ? 156 HIS A ND1 1 
ATOM   1137 C CD2 . HIS A 1 156 ? -2.736  -9.489  13.692  1.00 24.55 ? 156 HIS A CD2 1 
ATOM   1138 C CE1 . HIS A 1 156 ? -4.889  -9.721  13.295  1.00 27.30 ? 156 HIS A CE1 1 
ATOM   1139 N NE2 . HIS A 1 156 ? -3.946  -9.933  14.190  1.00 26.34 ? 156 HIS A NE2 1 
ATOM   1140 N N   . GLY A 1 157 ? -1.541  -8.792  8.208   1.00 17.10 ? 157 GLY A N   1 
ATOM   1141 C CA  . GLY A 1 157 ? -1.129  -8.032  7.026   1.00 16.25 ? 157 GLY A CA  1 
ATOM   1142 C C   . GLY A 1 157 ? -1.144  -6.545  7.331   1.00 14.90 ? 157 GLY A C   1 
ATOM   1143 O O   . GLY A 1 157 ? -1.891  -6.041  8.167   1.00 15.09 ? 157 GLY A O   1 
ATOM   1144 N N   . ILE A 1 158 ? -0.446  -5.804  6.429   1.00 13.10 ? 158 ILE A N   1 
ATOM   1145 C CA  . ILE A 1 158 ? -0.351  -4.357  6.608   1.00 15.71 ? 158 ILE A CA  1 
ATOM   1146 C C   . ILE A 1 158 ? -1.698  -3.714  6.364   1.00 14.97 ? 158 ILE A C   1 
ATOM   1147 O O   . ILE A 1 158 ? -2.045  -2.696  6.958   1.00 15.80 ? 158 ILE A O   1 
ATOM   1148 C CB  . ILE A 1 158 ? 0.795   -3.864  5.694   1.00 17.45 ? 158 ILE A CB  1 
ATOM   1149 C CG1 . ILE A 1 158 ? 1.553   -2.668  6.291   1.00 22.28 ? 158 ILE A CG1 1 
ATOM   1150 C CG2 . ILE A 1 158 ? 0.327   -3.514  4.286   1.00 17.15 ? 158 ILE A CG2 1 
ATOM   1151 C CD1 . ILE A 1 158 ? 2.510   -3.057  7.405   1.00 20.88 ? 158 ILE A CD1 1 
ATOM   1152 N N   . PHE A 1 159 ? -2.583  -4.376  5.578   1.00 15.36 ? 159 PHE A N   1 
ATOM   1153 C CA  . PHE A 1 159 ? -3.901  -3.778  5.309   1.00 14.17 ? 159 PHE A CA  1 
ATOM   1154 C C   . PHE A 1 159 ? -4.809  -3.835  6.515   1.00 17.48 ? 159 PHE A C   1 
ATOM   1155 O O   . PHE A 1 159 ? -5.792  -3.073  6.560   1.00 17.95 ? 159 PHE A O   1 
ATOM   1156 C CB  . PHE A 1 159 ? -4.567  -4.388  4.057   1.00 14.93 ? 159 PHE A CB  1 
ATOM   1157 C CG  . PHE A 1 159 ? -5.525  -3.447  3.354   1.00 15.31 ? 159 PHE A CG  1 
ATOM   1158 C CD1 . PHE A 1 159 ? -5.030  -2.519  2.471   1.00 16.81 ? 159 PHE A CD1 1 
ATOM   1159 C CD2 . PHE A 1 159 ? -6.884  -3.434  3.625   1.00 16.68 ? 159 PHE A CD2 1 
ATOM   1160 C CE1 . PHE A 1 159 ? -5.862  -1.638  1.783   1.00 17.53 ? 159 PHE A CE1 1 
ATOM   1161 C CE2 . PHE A 1 159 ? -7.722  -2.525  2.987   1.00 17.99 ? 159 PHE A CE2 1 
ATOM   1162 C CZ  . PHE A 1 159 ? -7.213  -1.612  2.053   1.00 16.62 ? 159 PHE A CZ  1 
ATOM   1163 N N   . ALA A 1 160 ? -4.508  -4.651  7.548   1.00 15.33 ? 160 ALA A N   1 
ATOM   1164 C CA  . ALA A 1 160 ? -5.396  -4.689  8.715   1.00 15.14 ? 160 ALA A CA  1 
ATOM   1165 C C   . ALA A 1 160 ? -5.494  -3.334  9.417   1.00 16.14 ? 160 ALA A C   1 
ATOM   1166 O O   . ALA A 1 160 ? -6.502  -3.127  10.109  1.00 16.80 ? 160 ALA A O   1 
ATOM   1167 C CB  . ALA A 1 160 ? -4.892  -5.747  9.721   1.00 19.01 ? 160 ALA A CB  1 
ATOM   1168 N N   . SER A 1 161 ? -4.500  -2.451  9.260   1.00 15.44 ? 161 SER A N   1 
ATOM   1169 C CA  . SER A 1 161 ? -4.515  -1.149  9.917   1.00 15.43 ? 161 SER A CA  1 
ATOM   1170 C C   . SER A 1 161 ? -4.902  -0.025  8.963   1.00 14.45 ? 161 SER A C   1 
ATOM   1171 O O   . SER A 1 161 ? -5.053  1.109   9.448   1.00 15.24 ? 161 SER A O   1 
ATOM   1172 C CB  . SER A 1 161 ? -3.107  -0.843  10.478  1.00 18.37 ? 161 SER A CB  1 
ATOM   1173 O OG  . SER A 1 161 ? -2.794  -1.866  11.443  1.00 20.97 ? 161 SER A OG  1 
ATOM   1174 N N   . VAL A 1 162 ? -5.072  -0.345  7.667   1.00 14.20 ? 162 VAL A N   1 
ATOM   1175 C CA  . VAL A 1 162 ? -5.380  0.760   6.702   1.00 12.98 ? 162 VAL A CA  1 
ATOM   1176 C C   . VAL A 1 162 ? -6.750  1.380   6.833   1.00 13.77 ? 162 VAL A C   1 
ATOM   1177 O O   . VAL A 1 162 ? -6.807  2.627   6.872   1.00 14.31 ? 162 VAL A O   1 
ATOM   1178 C CB  . VAL A 1 162 ? -5.015  0.260   5.299   1.00 12.49 ? 162 VAL A CB  1 
ATOM   1179 C CG1 . VAL A 1 162 ? -5.501  1.246   4.222   1.00 15.65 ? 162 VAL A CG1 1 
ATOM   1180 C CG2 . VAL A 1 162 ? -3.500  0.183   5.132   1.00 14.88 ? 162 VAL A CG2 1 
ATOM   1181 N N   . PRO A 1 163 ? -7.796  0.627   7.023   1.00 14.19 ? 163 PRO A N   1 
ATOM   1182 C CA  . PRO A 1 163 ? -9.127  1.245   7.215   1.00 14.87 ? 163 PRO A CA  1 
ATOM   1183 C C   . PRO A 1 163 ? -9.141  2.212   8.381   1.00 15.66 ? 163 PRO A C   1 
ATOM   1184 O O   . PRO A 1 163 ? -9.580  3.383   8.262   1.00 15.95 ? 163 PRO A O   1 
ATOM   1185 C CB  . PRO A 1 163 ? -10.094 0.075   7.400   1.00 15.32 ? 163 PRO A CB  1 
ATOM   1186 C CG  . PRO A 1 163 ? -9.422  -1.009  6.548   1.00 15.54 ? 163 PRO A CG  1 
ATOM   1187 C CD  . PRO A 1 163 ? -7.923  -0.821  6.876   1.00 14.17 ? 163 PRO A CD  1 
ATOM   1188 N N   . TYR A 1 164 ? -8.625  1.830   9.581   1.00 14.73 ? 164 TYR A N   1 
ATOM   1189 C CA  . TYR A 1 164 ? -8.576  2.791   10.681  1.00 13.78 ? 164 TYR A CA  1 
ATOM   1190 C C   . TYR A 1 164 ? -7.671  3.989   10.392  1.00 15.19 ? 164 TYR A C   1 
ATOM   1191 O O   . TYR A 1 164 ? -8.014  5.117   10.766  1.00 15.26 ? 164 TYR A O   1 
ATOM   1192 C CB  . TYR A 1 164 ? -8.120  2.079   11.973  1.00 16.97 ? 164 TYR A CB  1 
ATOM   1193 C CG  . TYR A 1 164 ? -8.141  2.886   13.242  1.00 17.06 ? 164 TYR A CG  1 
ATOM   1194 C CD1 . TYR A 1 164 ? -9.227  3.698   13.599  1.00 18.95 ? 164 TYR A CD1 1 
ATOM   1195 C CD2 . TYR A 1 164 ? -7.049  2.796   14.105  1.00 18.24 ? 164 TYR A CD2 1 
ATOM   1196 C CE1 . TYR A 1 164 ? -9.165  4.410   14.808  1.00 18.21 ? 164 TYR A CE1 1 
ATOM   1197 C CE2 . TYR A 1 164 ? -7.003  3.508   15.288  1.00 19.64 ? 164 TYR A CE2 1 
ATOM   1198 C CZ  . TYR A 1 164 ? -8.086  4.297   15.626  1.00 19.69 ? 164 TYR A CZ  1 
ATOM   1199 O OH  . TYR A 1 164 ? -8.038  5.006   16.819  1.00 29.03 ? 164 TYR A OH  1 
ATOM   1200 N N   . CYS A 1 165 ? -6.532  3.798   9.707   1.00 13.30 ? 165 CYS A N   1 
ATOM   1201 C CA  . CYS A 1 165 ? -5.674  4.945   9.394   1.00 15.35 ? 165 CYS A CA  1 
ATOM   1202 C C   . CYS A 1 165 ? -6.416  5.967   8.511   1.00 15.36 ? 165 CYS A C   1 
ATOM   1203 O O   . CYS A 1 165 ? -6.349  7.170   8.764   1.00 16.18 ? 165 CYS A O   1 
ATOM   1204 C CB  . CYS A 1 165 ? -4.384  4.451   8.702   1.00 16.60 ? 165 CYS A CB  1 
ATOM   1205 S SG  . CYS A 1 165 ? -3.114  5.745   8.584   1.00 14.73 ? 165 CYS A SG  1 
ATOM   1206 N N   . ILE A 1 166 ? -7.147  5.462   7.521   1.00 14.38 ? 166 ILE A N   1 
ATOM   1207 C CA  . ILE A 1 166 ? -7.923  6.375   6.618   1.00 15.06 ? 166 ILE A CA  1 
ATOM   1208 C C   . ILE A 1 166 ? -8.974  7.111   7.435   1.00 17.99 ? 166 ILE A C   1 
ATOM   1209 O O   . ILE A 1 166 ? -9.160  8.322   7.233   1.00 17.66 ? 166 ILE A O   1 
ATOM   1210 C CB  . ILE A 1 166 ? -8.503  5.543   5.482   1.00 14.83 ? 166 ILE A CB  1 
ATOM   1211 C CG1 . ILE A 1 166 ? -7.396  5.087   4.502   1.00 16.25 ? 166 ILE A CG1 1 
ATOM   1212 C CG2 . ILE A 1 166 ? -9.561  6.396   4.746   1.00 15.86 ? 166 ILE A CG2 1 
ATOM   1213 C CD1 . ILE A 1 166 ? -7.879  3.988   3.578   1.00 18.83 ? 166 ILE A CD1 1 
ATOM   1214 N N   . GLN A 1 167 ? -9.643  6.440   8.357   1.00 16.54 ? 167 GLN A N   1 
ATOM   1215 C CA  . GLN A 1 167 ? -10.612 7.082   9.249   1.00 15.82 ? 167 GLN A CA  1 
ATOM   1216 C C   . GLN A 1 167 ? -10.000 8.172   10.094  1.00 16.86 ? 167 GLN A C   1 
ATOM   1217 O O   . GLN A 1 167 ? -10.504 9.321   10.168  1.00 18.66 ? 167 GLN A O   1 
ATOM   1218 C CB  . GLN A 1 167 ? -11.231 5.965   10.104  1.00 17.50 ? 167 GLN A CB  1 
ATOM   1219 C CG  . GLN A 1 167 ? -12.415 6.404   10.938  1.00 21.80 ? 167 GLN A CG  1 
ATOM   1220 C CD  . GLN A 1 167 ? -13.073 5.246   11.656  1.00 26.87 ? 167 GLN A CD  1 
ATOM   1221 O OE1 . GLN A 1 167 ? -12.680 4.068   11.507  1.00 24.09 ? 167 GLN A OE1 1 
ATOM   1222 N NE2 . GLN A 1 167 ? -14.084 5.538   12.356  1.00 32.66 ? 167 GLN A NE2 1 
ATOM   1223 N N   . LEU A 1 168 ? -8.772  7.942   10.632  1.00 16.05 ? 168 LEU A N   1 
ATOM   1224 C CA  . LEU A 1 168 ? -8.103  8.958   11.439  1.00 16.87 ? 168 LEU A CA  1 
ATOM   1225 C C   . LEU A 1 168 ? -7.697  10.129  10.579  1.00 15.52 ? 168 LEU A C   1 
ATOM   1226 O O   . LEU A 1 168 ? -7.489  11.236  11.099  1.00 17.33 ? 168 LEU A O   1 
ATOM   1227 C CB  . LEU A 1 168 ? -6.878  8.348   12.174  1.00 17.27 ? 168 LEU A CB  1 
ATOM   1228 C CG  . LEU A 1 168 ? -7.177  7.311   13.247  1.00 16.50 ? 168 LEU A CG  1 
ATOM   1229 C CD1 . LEU A 1 168 ? -5.887  6.694   13.804  1.00 19.45 ? 168 LEU A CD1 1 
ATOM   1230 C CD2 . LEU A 1 168 ? -7.915  7.963   14.422  1.00 18.78 ? 168 LEU A CD2 1 
ATOM   1231 N N   . LEU A 1 169 ? -7.503  9.957   9.271   1.00 16.75 ? 169 LEU A N   1 
ATOM   1232 C CA  . LEU A 1 169 ? -7.133  10.989  8.309   1.00 15.52 ? 169 LEU A CA  1 
ATOM   1233 C C   . LEU A 1 169 ? -8.353  11.715  7.713   1.00 18.25 ? 169 LEU A C   1 
ATOM   1234 O O   . LEU A 1 169 ? -8.286  12.408  6.694   1.00 21.07 ? 169 LEU A O   1 
ATOM   1235 C CB  . LEU A 1 169 ? -6.278  10.356  7.202   1.00 16.84 ? 169 LEU A CB  1 
ATOM   1236 C CG  . LEU A 1 169 ? -4.882  9.945   7.704   1.00 17.62 ? 169 LEU A CG  1 
ATOM   1237 C CD1 . LEU A 1 169 ? -4.106  9.206   6.636   1.00 18.68 ? 169 LEU A CD1 1 
ATOM   1238 C CD2 . LEU A 1 169 ? -4.080  11.175  8.156   1.00 17.80 ? 169 LEU A CD2 1 
ATOM   1239 N N   . GLU A 1 170 ? -9.508  11.467  8.310   1.00 16.44 ? 170 GLU A N   1 
ATOM   1240 C CA  . GLU A 1 170 ? -10.780 12.085  7.943   1.00 17.66 ? 170 GLU A CA  1 
ATOM   1241 C C   . GLU A 1 170 ? -11.271 11.651  6.584   1.00 21.65 ? 170 GLU A C   1 
ATOM   1242 O O   . GLU A 1 170 ? -11.982 12.374  5.872   1.00 24.65 ? 170 GLU A O   1 
ATOM   1243 C CB  . GLU A 1 170 ? -10.700 13.606  8.076   1.00 21.48 ? 170 GLU A CB  1 
ATOM   1244 C CG  . GLU A 1 170 ? -10.410 14.105  9.484   1.00 22.95 ? 170 GLU A CG  1 
ATOM   1245 C CD  . GLU A 1 170 ? -10.342 15.623  9.559   1.00 35.84 ? 170 GLU A CD  1 
ATOM   1246 O OE1 . GLU A 1 170 ? -11.339 16.300  9.237   1.00 42.07 ? 170 GLU A OE1 1 
ATOM   1247 O OE2 . GLU A 1 170 ? -9.290  16.140  9.996   1.00 45.63 ? 170 GLU A OE2 1 
ATOM   1248 N N   . GLY A 1 171 ? -11.010 10.417  6.176   1.00 16.56 ? 171 GLY A N   1 
ATOM   1249 C CA  . GLY A 1 171 ? -11.437 9.830   4.913   1.00 17.96 ? 171 GLY A CA  1 
ATOM   1250 C C   . GLY A 1 171 ? -12.691 8.994   5.169   1.00 17.11 ? 171 GLY A C   1 
ATOM   1251 O O   . GLY A 1 171 ? -13.287 8.926   6.264   1.00 17.97 ? 171 GLY A O   1 
ATOM   1252 N N   . PRO A 1 172 ? -13.127 8.290   4.141   1.00 17.24 ? 172 PRO A N   1 
ATOM   1253 C CA  . PRO A 1 172 ? -14.314 7.465   4.185   1.00 17.25 ? 172 PRO A CA  1 
ATOM   1254 C C   . PRO A 1 172 ? -14.195 6.266   5.110   1.00 18.10 ? 172 PRO A C   1 
ATOM   1255 O O   . PRO A 1 172 ? -13.072 5.870   5.477   1.00 18.75 ? 172 PRO A O   1 
ATOM   1256 C CB  . PRO A 1 172 ? -14.594 6.980   2.749   1.00 20.96 ? 172 PRO A CB  1 
ATOM   1257 C CG  . PRO A 1 172 ? -13.326 7.299   2.041   1.00 27.53 ? 172 PRO A CG  1 
ATOM   1258 C CD  . PRO A 1 172 ? -12.499 8.294   2.808   1.00 20.21 ? 172 PRO A CD  1 
ATOM   1259 N N   . TYR A 1 173 ? -15.335 5.713   5.481   1.00 19.04 ? 173 TYR A N   1 
ATOM   1260 C CA  . TYR A 1 173 ? -15.411 4.545   6.344   1.00 17.54 ? 173 TYR A CA  1 
ATOM   1261 C C   . TYR A 1 173 ? -15.233 3.285   5.503   1.00 18.49 ? 173 TYR A C   1 
ATOM   1262 O O   . TYR A 1 173 ? -16.079 2.953   4.659   1.00 19.23 ? 173 TYR A O   1 
ATOM   1263 C CB  . TYR A 1 173 ? -16.724 4.505   7.115   1.00 19.79 ? 173 TYR A CB  1 
ATOM   1264 C CG  . TYR A 1 173 ? -16.711 3.545   8.285   1.00 19.95 ? 173 TYR A CG  1 
ATOM   1265 C CD1 . TYR A 1 173 ? -16.173 3.941   9.508   1.00 20.47 ? 173 TYR A CD1 1 
ATOM   1266 C CD2 . TYR A 1 173 ? -17.233 2.282   8.159   1.00 21.32 ? 173 TYR A CD2 1 
ATOM   1267 C CE1 . TYR A 1 173 ? -16.169 3.074   10.583  1.00 23.04 ? 173 TYR A CE1 1 
ATOM   1268 C CE2 . TYR A 1 173 ? -17.236 1.400   9.228   1.00 23.47 ? 173 TYR A CE2 1 
ATOM   1269 C CZ  . TYR A 1 173 ? -16.699 1.811   10.428  1.00 25.76 ? 173 TYR A CZ  1 
ATOM   1270 O OH  . TYR A 1 173 ? -16.700 0.943   11.499  1.00 34.19 ? 173 TYR A OH  1 
ATOM   1271 N N   . VAL A 1 174 ? -14.109 2.591   5.705   1.00 16.37 ? 174 VAL A N   1 
ATOM   1272 C CA  . VAL A 1 174 ? -13.798 1.441   4.843   1.00 18.22 ? 174 VAL A CA  1 
ATOM   1273 C C   . VAL A 1 174 ? -13.968 0.153   5.632   1.00 15.41 ? 174 VAL A C   1 
ATOM   1274 O O   . VAL A 1 174 ? -13.530 0.075   6.797   1.00 18.68 ? 174 VAL A O   1 
ATOM   1275 C CB  . VAL A 1 174 ? -12.305 1.559   4.446   1.00 16.36 ? 174 VAL A CB  1 
ATOM   1276 C CG1 . VAL A 1 174 ? -11.793 0.395   3.596   1.00 17.53 ? 174 VAL A CG1 1 
ATOM   1277 C CG2 . VAL A 1 174 ? -12.007 2.881   3.743   1.00 21.95 ? 174 VAL A CG2 1 
ATOM   1278 N N   . GLU A 1 175 ? -14.510 -0.885  5.007   1.00 16.52 ? 175 GLU A N   1 
ATOM   1279 C CA  . GLU A 1 175 ? -14.691 -2.180  5.650   1.00 17.54 ? 175 GLU A CA  1 
ATOM   1280 C C   . GLU A 1 175 ? -14.139 -3.279  4.764   1.00 19.06 ? 175 GLU A C   1 
ATOM   1281 O O   . GLU A 1 175 ? -14.110 -3.195  3.518   1.00 18.44 ? 175 GLU A O   1 
ATOM   1282 C CB  . GLU A 1 175 ? -16.177 -2.440  5.946   1.00 21.89 ? 175 GLU A CB  1 
ATOM   1283 C CG  . GLU A 1 175 ? -16.864 -1.487  6.899   1.00 29.38 ? 175 GLU A CG  1 
ATOM   1284 C CD  . GLU A 1 175 ? -18.368 -1.690  6.953   1.00 38.62 ? 175 GLU A CD  1 
ATOM   1285 O OE1 . GLU A 1 175 ? -18.911 -2.517  6.200   1.00 51.50 ? 175 GLU A OE1 1 
ATOM   1286 O OE2 . GLU A 1 175 ? -19.036 -1.011  7.759   1.00 45.68 ? 175 GLU A OE2 1 
ATOM   1287 N N   . THR A 1 176 ? -13.656 -4.374  5.393   1.00 17.70 ? 176 THR A N   1 
ATOM   1288 C CA  . THR A 1 176 ? -13.051 -5.467  4.654   1.00 18.96 ? 176 THR A CA  1 
ATOM   1289 C C   . THR A 1 176 ? -13.724 -6.800  4.947   1.00 22.99 ? 176 THR A C   1 
ATOM   1290 O O   . THR A 1 176 ? -14.383 -6.929  5.972   1.00 23.30 ? 176 THR A O   1 
ATOM   1291 C CB  . THR A 1 176 ? -11.530 -5.562  4.936   1.00 20.07 ? 176 THR A CB  1 
ATOM   1292 O OG1 . THR A 1 176 ? -11.379 -5.719  6.367   1.00 23.41 ? 176 THR A OG1 1 
ATOM   1293 C CG2 . THR A 1 176 ? -10.791 -4.330  4.449   1.00 19.63 ? 176 THR A CG2 1 
ATOM   1294 N N   . ALA A 1 177 ? -13.516 -7.750  4.055   1.00 19.04 ? 177 ALA A N   1 
ATOM   1295 C CA  . ALA A 1 177 ? -14.060 -9.104  4.242   1.00 22.23 ? 177 ALA A CA  1 
ATOM   1296 C C   . ALA A 1 177 ? -13.143 -9.823  5.212   1.00 23.33 ? 177 ALA A C   1 
ATOM   1297 O O   . ALA A 1 177 ? -12.008 -10.157 4.862   1.00 21.30 ? 177 ALA A O   1 
ATOM   1298 C CB  . ALA A 1 177 ? -14.001 -9.835  2.901   1.00 20.73 ? 177 ALA A CB  1 
ATOM   1299 N N   . PRO A 1 178 ? -13.638 -10.178 6.390   1.00 23.18 ? 178 PRO A N   1 
ATOM   1300 C CA  . PRO A 1 178 ? -12.868 -10.880 7.390   1.00 29.40 ? 178 PRO A CA  1 
ATOM   1301 C C   . PRO A 1 178 ? -12.208 -12.149 6.889   1.00 23.96 ? 178 PRO A C   1 
ATOM   1302 O O   . PRO A 1 178 ? -11.099 -12.444 7.332   1.00 26.32 ? 178 PRO A O   1 
ATOM   1303 C CB  . PRO A 1 178 ? -13.824 -11.167 8.575   1.00 30.27 ? 178 PRO A CB  1 
ATOM   1304 C CG  . PRO A 1 178 ? -14.967 -10.235 8.299   1.00 30.31 ? 178 PRO A CG  1 
ATOM   1305 C CD  . PRO A 1 178 ? -15.009 -9.895  6.826   1.00 26.28 ? 178 PRO A CD  1 
ATOM   1306 N N   . GLU A 1 179 ? -12.742 -12.865 5.913   1.00 27.07 ? 179 GLU A N   1 
ATOM   1307 C CA  . GLU A 1 179 ? -12.106 -14.045 5.344   1.00 34.61 ? 179 GLU A CA  1 
ATOM   1308 C C   . GLU A 1 179 ? -10.805 -13.734 4.614   1.00 32.68 ? 179 GLU A C   1 
ATOM   1309 O O   . GLU A 1 179 ? -9.922  -14.592 4.489   1.00 35.93 ? 179 GLU A O   1 
ATOM   1310 C CB  . GLU A 1 179 ? -13.092 -14.737 4.391   1.00 38.00 ? 179 GLU A CB  1 
ATOM   1311 C CG  . GLU A 1 179 ? -14.482 -14.969 4.943   1.00 48.74 ? 179 GLU A CG  1 
ATOM   1312 C CD  . GLU A 1 179 ? -15.506 -13.881 4.719   1.00 50.81 ? 179 GLU A CD  1 
ATOM   1313 O OE1 . GLU A 1 179 ? -16.723 -14.195 4.764   1.00 51.87 ? 179 GLU A OE1 1 
ATOM   1314 O OE2 . GLU A 1 179 ? -15.138 -12.705 4.537   1.00 37.84 ? 179 GLU A OE2 1 
ATOM   1315 N N   . VAL A 1 180 ? -10.579 -12.487 4.218   1.00 25.00 ? 180 VAL A N   1 
ATOM   1316 C CA  . VAL A 1 180 ? -9.367  -12.062 3.522   1.00 22.33 ? 180 VAL A CA  1 
ATOM   1317 C C   . VAL A 1 180 ? -8.493  -11.276 4.495   1.00 24.28 ? 180 VAL A C   1 
ATOM   1318 O O   . VAL A 1 180 ? -7.353  -11.666 4.751   1.00 23.70 ? 180 VAL A O   1 
ATOM   1319 C CB  . VAL A 1 180 ? -9.670  -11.214 2.277   1.00 21.80 ? 180 VAL A CB  1 
ATOM   1320 C CG1 . VAL A 1 180 ? -8.374  -10.683 1.664   1.00 24.54 ? 180 VAL A CG1 1 
ATOM   1321 C CG2 . VAL A 1 180 ? -10.477 -11.989 1.245   1.00 20.97 ? 180 VAL A CG2 1 
ATOM   1322 N N   . VAL A 1 181 ? -9.039  -10.215 5.096   1.00 21.09 ? 181 VAL A N   1 
ATOM   1323 C CA  . VAL A 1 181 ? -8.302  -9.495  6.147   1.00 20.41 ? 181 VAL A CA  1 
ATOM   1324 C C   . VAL A 1 181 ? -9.289  -8.779  7.045   1.00 20.93 ? 181 VAL A C   1 
ATOM   1325 O O   . VAL A 1 181 ? -10.200 -8.093  6.576   1.00 22.23 ? 181 VAL A O   1 
ATOM   1326 C CB  . VAL A 1 181 ? -7.287  -8.515  5.509   1.00 22.82 ? 181 VAL A CB  1 
ATOM   1327 C CG1 . VAL A 1 181 ? -7.993  -7.460  4.665   1.00 25.30 ? 181 VAL A CG1 1 
ATOM   1328 C CG2 . VAL A 1 181 ? -6.373  -7.871  6.527   1.00 23.38 ? 181 VAL A CG2 1 
ATOM   1329 N N   . ALA A 1 182 ? -9.097  -8.917  8.355   1.00 27.37 ? 182 ALA A N   1 
ATOM   1330 C CA  . ALA A 1 182 ? -10.027 -8.228  9.282   1.00 27.36 ? 182 ALA A CA  1 
ATOM   1331 C C   . ALA A 1 182 ? -9.517  -6.836  9.554   1.00 24.23 ? 182 ALA A C   1 
ATOM   1332 O O   . ALA A 1 182 ? -8.336  -6.584  9.824   1.00 29.58 ? 182 ALA A O   1 
ATOM   1333 C CB  . ALA A 1 182 ? -10.222 -9.105  10.510  1.00 34.14 ? 182 ALA A CB  1 
ATOM   1334 N N   . ALA A 1 183 ? -10.396 -5.836  9.549   1.00 20.84 ? 183 ALA A N   1 
ATOM   1335 C CA  . ALA A 1 183 ? -10.075 -4.439  9.706   1.00 21.34 ? 183 ALA A CA  1 
ATOM   1336 C C   . ALA A 1 183 ? -10.113 -4.052  11.176  1.00 24.11 ? 183 ALA A C   1 
ATOM   1337 O O   . ALA A 1 183 ? -11.211 -3.940  11.746  1.00 27.31 ? 183 ALA A O   1 
ATOM   1338 C CB  . ALA A 1 183 ? -11.092 -3.603  8.934   1.00 25.82 ? 183 ALA A CB  1 
ATOM   1339 N N   . PHE A 1 184 ? -8.965  -3.901  11.819  1.00 17.53 ? 184 PHE A N   1 
ATOM   1340 C CA  . PHE A 1 184 ? -8.958  -3.617  13.250  1.00 17.87 ? 184 PHE A CA  1 
ATOM   1341 C C   . PHE A 1 184 ? -9.309  -2.193  13.590  1.00 19.09 ? 184 PHE A C   1 
ATOM   1342 O O   . PHE A 1 184 ? -8.760  -1.232  13.007  1.00 18.74 ? 184 PHE A O   1 
ATOM   1343 C CB  A PHE A 1 184 ? -7.600  -3.899  13.912  0.65 19.00 ? 184 PHE A CB  1 
ATOM   1344 C CB  B PHE A 1 184 ? -7.577  -4.046  13.782  0.35 20.11 ? 184 PHE A CB  1 
ATOM   1345 C CG  A PHE A 1 184 ? -7.512  -5.302  14.460  0.65 16.45 ? 184 PHE A CG  1 
ATOM   1346 C CG  B PHE A 1 184 ? -7.563  -4.103  15.283  0.35 21.32 ? 184 PHE A CG  1 
ATOM   1347 C CD1 A PHE A 1 184 ? -7.375  -6.359  13.585  0.65 21.37 ? 184 PHE A CD1 1 
ATOM   1348 C CD1 B PHE A 1 184 ? -7.862  -5.247  16.003  0.35 21.08 ? 184 PHE A CD1 1 
ATOM   1349 C CD2 A PHE A 1 184 ? -7.549  -5.536  15.823  0.65 22.06 ? 184 PHE A CD2 1 
ATOM   1350 C CD2 B PHE A 1 184 ? -7.254  -2.986  15.993  0.35 19.79 ? 184 PHE A CD2 1 
ATOM   1351 C CE1 A PHE A 1 184 ? -7.282  -7.653  14.055  0.65 19.49 ? 184 PHE A CE1 1 
ATOM   1352 C CE1 B PHE A 1 184 ? -7.849  -5.273  17.389  0.35 24.71 ? 184 PHE A CE1 1 
ATOM   1353 C CE2 A PHE A 1 184 ? -7.450  -6.828  16.299  0.65 19.96 ? 184 PHE A CE2 1 
ATOM   1354 C CE2 B PHE A 1 184 ? -7.255  -3.080  17.372  0.35 23.39 ? 184 PHE A CE2 1 
ATOM   1355 C CZ  A PHE A 1 184 ? -7.327  -7.887  15.421  0.65 22.63 ? 184 PHE A CZ  1 
ATOM   1356 C CZ  B PHE A 1 184 ? -7.540  -4.146  18.124  0.35 21.94 ? 184 PHE A CZ  1 
ATOM   1357 N N   . ARG A 1 185 ? -10.205 -1.973  14.557  1.00 18.99 ? 185 ARG A N   1 
ATOM   1358 C CA  . ARG A 1 185 ? -10.539 -0.660  15.050  1.00 22.34 ? 185 ARG A CA  1 
ATOM   1359 C C   . ARG A 1 185 ? -10.911 -0.742  16.546  1.00 22.81 ? 185 ARG A C   1 
ATOM   1360 O O   . ARG A 1 185 ? -11.558 -1.709  16.916  1.00 25.69 ? 185 ARG A O   1 
ATOM   1361 C CB  . ARG A 1 185 ? -11.819 -0.118  14.407  1.00 25.16 ? 185 ARG A CB  1 
ATOM   1362 C CG  . ARG A 1 185 ? -11.738 0.429   12.997  1.00 25.85 ? 185 ARG A CG  1 
ATOM   1363 C CD  . ARG A 1 185 ? -13.195 0.693   12.526  1.00 24.91 ? 185 ARG A CD  1 
ATOM   1364 N NE  . ARG A 1 185 ? -13.098 1.451   11.282  1.00 21.83 ? 185 ARG A NE  1 
ATOM   1365 C CZ  . ARG A 1 185 ? -13.215 0.966   10.044  1.00 18.36 ? 185 ARG A CZ  1 
ATOM   1366 N NH1 . ARG A 1 185 ? -13.061 1.854   9.066   1.00 19.73 ? 185 ARG A NH1 1 
ATOM   1367 N NH2 . ARG A 1 185 ? -13.461 -0.302  9.807   1.00 21.60 ? 185 ARG A NH2 1 
ATOM   1368 N N   . PRO A 1 186 ? -10.580 0.307   17.241  1.00 21.05 ? 186 PRO A N   1 
ATOM   1369 C CA  . PRO A 1 186 ? -10.909 0.361   18.677  1.00 24.59 ? 186 PRO A CA  1 
ATOM   1370 C C   . PRO A 1 186 ? -12.377 0.698   18.799  1.00 26.87 ? 186 PRO A C   1 
ATOM   1371 O O   . PRO A 1 186 ? -13.048 1.197   17.887  1.00 26.87 ? 186 PRO A O   1 
ATOM   1372 C CB  . PRO A 1 186 ? -9.969  1.414   19.256  1.00 25.68 ? 186 PRO A CB  1 
ATOM   1373 C CG  . PRO A 1 186 ? -9.738  2.321   18.068  1.00 30.12 ? 186 PRO A CG  1 
ATOM   1374 C CD  . PRO A 1 186 ? -9.808  1.464   16.810  1.00 28.75 ? 186 PRO A CD  1 
ATOM   1375 N N   . LYS A 1 187 ? -12.923 0.523   19.999  1.00 27.79 ? 187 LYS A N   1 
ATOM   1376 C CA  . LYS A 1 187 ? -14.310 0.804   20.336  1.00 32.88 ? 187 LYS A CA  1 
ATOM   1377 C C   . LYS A 1 187 ? -14.750 2.196   19.925  1.00 29.79 ? 187 LYS A C   1 
ATOM   1378 O O   . LYS A 1 187 ? -15.781 2.355   19.272  1.00 31.76 ? 187 LYS A O   1 
ATOM   1379 C CB  . LYS A 1 187 ? -14.483 0.618   21.849  1.00 28.55 ? 187 LYS A CB  1 
ATOM   1380 N N   . SER A 1 188 ? -13.899 3.197   20.133  1.00 32.89 ? 188 SER A N   1 
ATOM   1381 C CA  . SER A 1 188 ? -14.110 4.575   19.757  1.00 40.62 ? 188 SER A CA  1 
ATOM   1382 C C   . SER A 1 188 ? -14.348 4.803   18.267  1.00 43.71 ? 188 SER A C   1 
ATOM   1383 O O   . SER A 1 188 ? -14.983 5.798   17.893  1.00 46.86 ? 188 SER A O   1 
ATOM   1384 C CB  . SER A 1 188 ? -12.845 5.361   20.140  1.00 32.14 ? 188 SER A CB  1 
ATOM   1385 N N   . ALA A 1 189 ? -13.839 3.927   17.406  1.00 30.82 ? 189 ALA A N   1 
ATOM   1386 C CA  . ALA A 1 189 ? -13.986 4.100   15.971  1.00 30.23 ? 189 ALA A CA  1 
ATOM   1387 C C   . ALA A 1 189 ? -14.983 3.188   15.297  1.00 25.24 ? 189 ALA A C   1 
ATOM   1388 O O   . ALA A 1 189 ? -15.264 3.366   14.099  1.00 27.20 ? 189 ALA A O   1 
ATOM   1389 C CB  . ALA A 1 189 ? -12.590 3.849   15.361  1.00 30.18 ? 189 ALA A CB  1 
ATOM   1390 N N   . ARG A 1 190 ? -15.536 2.194   15.989  1.00 24.94 ? 190 ARG A N   1 
ATOM   1391 C CA  . ARG A 1 190 ? -16.477 1.264   15.369  1.00 23.65 ? 190 ARG A CA  1 
ATOM   1392 C C   . ARG A 1 190 ? -17.890 1.811   15.185  1.00 28.01 ? 190 ARG A C   1 
ATOM   1393 O O   . ARG A 1 190 ? -18.479 2.324   16.137  1.00 35.84 ? 190 ARG A O   1 
ATOM   1394 C CB  . ARG A 1 190 ? -16.598 0.057   16.312  1.00 34.03 ? 190 ARG A CB  1 
ATOM   1395 C CG  . ARG A 1 190 ? -16.847 -1.283  15.638  1.00 50.07 ? 190 ARG A CG  1 
ATOM   1396 C CD  . ARG A 1 190 ? -16.785 -2.394  16.690  1.00 50.71 ? 190 ARG A CD  1 
ATOM   1397 N NE  . ARG A 1 190 ? -15.528 -2.346  17.424  1.00 48.95 ? 190 ARG A NE  1 
ATOM   1398 C CZ  . ARG A 1 190 ? -15.411 -2.393  18.747  1.00 48.80 ? 190 ARG A CZ  1 
ATOM   1399 N NH1 . ARG A 1 190 ? -16.463 -2.483  19.549  1.00 53.45 ? 190 ARG A NH1 1 
ATOM   1400 N NH2 . ARG A 1 190 ? -14.194 -2.340  19.269  1.00 48.54 ? 190 ARG A NH2 1 
ATOM   1401 N N   . ARG A 1 191 ? -18.486 1.666   14.008  1.00 32.39 ? 191 ARG A N   1 
ATOM   1402 C CA  . ARG A 1 191 ? -19.856 2.113   13.777  1.00 28.89 ? 191 ARG A CA  1 
ATOM   1403 C C   . ARG A 1 191 ? -20.859 0.982   14.004  1.00 32.43 ? 191 ARG A C   1 
ATOM   1404 O O   . ARG A 1 191 ? -20.462 -0.206  14.015  1.00 44.51 ? 191 ARG A O   1 
ATOM   1405 C CB  . ARG A 1 191 ? -20.029 2.612   12.339  1.00 28.57 ? 191 ARG A CB  1 
ATOM   1406 C CG  . ARG A 1 191 ? -19.483 4.033   12.199  1.00 25.26 ? 191 ARG A CG  1 
ATOM   1407 C CD  . ARG A 1 191 ? -19.520 4.396   10.724  1.00 22.15 ? 191 ARG A CD  1 
ATOM   1408 N NE  . ARG A 1 191 ? -18.938 5.716   10.518  1.00 23.55 ? 191 ARG A NE  1 
ATOM   1409 C CZ  . ARG A 1 191 ? -18.997 6.366   9.361   1.00 22.13 ? 191 ARG A CZ  1 
ATOM   1410 N NH1 . ARG A 1 191 ? -19.625 5.826   8.321   1.00 21.08 ? 191 ARG A NH1 1 
ATOM   1411 N NH2 . ARG A 1 191 ? -18.439 7.556   9.255   1.00 21.99 ? 191 ARG A NH2 1 
HETATM 1412 S S   . SO4 B 2 .   ? 11.151  -4.135  -5.861  1.00 35.58 ? 201 SO4 A S   1 
HETATM 1413 O O1  . SO4 B 2 .   ? 10.681  -4.214  -7.295  1.00 40.40 ? 201 SO4 A O1  1 
HETATM 1414 O O2  . SO4 B 2 .   ? 10.758  -5.451  -5.258  1.00 44.59 ? 201 SO4 A O2  1 
HETATM 1415 O O3  . SO4 B 2 .   ? 10.454  -3.029  -5.155  1.00 30.99 ? 201 SO4 A O3  1 
HETATM 1416 O O4  . SO4 B 2 .   ? 12.626  -3.932  -5.871  1.00 34.88 ? 201 SO4 A O4  1 
HETATM 1417 S S   . SO4 C 2 .   ? -18.526 7.969   5.406   1.00 18.25 ? 202 SO4 A S   1 
HETATM 1418 O O1  . SO4 C 2 .   ? -18.722 9.169   4.599   1.00 18.90 ? 202 SO4 A O1  1 
HETATM 1419 O O2  . SO4 C 2 .   ? -19.755 7.256   5.832   1.00 22.52 ? 202 SO4 A O2  1 
HETATM 1420 O O3  . SO4 C 2 .   ? -17.748 8.305   6.655   1.00 23.47 ? 202 SO4 A O3  1 
HETATM 1421 O O4  . SO4 C 2 .   ? -17.732 6.970   4.568   1.00 22.95 ? 202 SO4 A O4  1 
HETATM 1422 S S   . SO4 D 2 .   ? -19.810 8.468   -5.743  0.33 21.36 ? 203 SO4 A S   1 
HETATM 1423 O O1  . SO4 D 2 .   ? -19.668 9.612   -6.731  0.33 25.02 ? 203 SO4 A O1  1 
HETATM 1424 O O2  . SO4 D 2 .   ? -20.927 7.573   -6.163  0.33 20.05 ? 203 SO4 A O2  1 
HETATM 1425 O O3  . SO4 D 2 .   ? -20.135 9.066   -4.402  0.33 20.12 ? 203 SO4 A O3  1 
HETATM 1426 O O4  . SO4 D 2 .   ? -18.503 7.748   -5.664  0.33 21.26 ? 203 SO4 A O4  1 
HETATM 1427 O O   . HOH E 3 .   ? 6.729   0.422   -4.651  1.00 15.62 ? 204 HOH A O   1 
HETATM 1428 O O   . HOH E 3 .   ? 7.734   3.932   6.578   1.00 14.48 ? 205 HOH A O   1 
HETATM 1429 O O   . HOH E 3 .   ? -8.152  -0.885  10.318  1.00 16.36 ? 206 HOH A O   1 
HETATM 1430 O O   . HOH E 3 .   ? 6.740   -5.712  1.563   1.00 18.13 ? 207 HOH A O   1 
HETATM 1431 O O   . HOH E 3 .   ? 6.262   -8.407  13.855  1.00 20.16 ? 208 HOH A O   1 
HETATM 1432 O O   . HOH E 3 .   ? -12.142 3.963   7.175   1.00 17.37 ? 209 HOH A O   1 
HETATM 1433 O O   . HOH E 3 .   ? 1.471   -7.055  11.603  1.00 18.15 ? 210 HOH A O   1 
HETATM 1434 O O   . HOH E 3 .   ? 24.894  2.263   -6.159  1.00 25.84 ? 211 HOH A O   1 
HETATM 1435 O O   . HOH E 3 .   ? 19.576  -11.638 5.886   1.00 19.84 ? 212 HOH A O   1 
HETATM 1436 O O   . HOH E 3 .   ? 0.602   15.041  8.061   1.00 33.70 ? 213 HOH A O   1 
HETATM 1437 O O   . HOH E 3 .   ? -5.939  14.406  0.836   1.00 23.23 ? 214 HOH A O   1 
HETATM 1438 O O   . HOH E 3 .   ? 10.373  -6.264  2.259   1.00 19.32 ? 215 HOH A O   1 
HETATM 1439 O O   . HOH E 3 .   ? 14.881  1.959   -3.265  1.00 21.31 ? 216 HOH A O   1 
HETATM 1440 O O   . HOH E 3 .   ? 18.316  7.172   1.895   1.00 29.50 ? 217 HOH A O   1 
HETATM 1441 O O   . HOH E 3 .   ? 11.541  2.783   5.550   1.00 23.29 ? 218 HOH A O   1 
HETATM 1442 O O   . HOH E 3 .   ? 15.988  5.568   -11.600 1.00 25.95 ? 219 HOH A O   1 
HETATM 1443 O O   . HOH E 3 .   ? 17.287  -10.817 7.170   1.00 20.17 ? 220 HOH A O   1 
HETATM 1444 O O   . HOH E 3 .   ? -14.147 1.352   0.585   1.00 20.82 ? 221 HOH A O   1 
HETATM 1445 O O   . HOH E 3 .   ? 13.936  11.583  -1.024  1.00 24.78 ? 222 HOH A O   1 
HETATM 1446 O O   . HOH E 3 .   ? 16.113  9.700   -13.174 1.00 32.06 ? 223 HOH A O   1 
HETATM 1447 O O   . HOH E 3 .   ? 13.660  4.045   3.128   1.00 29.13 ? 224 HOH A O   1 
HETATM 1448 O O   . HOH E 3 .   ? -15.175 3.540   1.963   1.00 20.75 ? 225 HOH A O   1 
HETATM 1449 O O   . HOH E 3 .   ? -15.107 -5.562  -3.850  1.00 38.06 ? 226 HOH A O   1 
HETATM 1450 O O   . HOH E 3 .   ? 22.380  2.321   -4.773  1.00 28.84 ? 227 HOH A O   1 
HETATM 1451 O O   . HOH E 3 .   ? -0.472  16.572  5.727   1.00 30.10 ? 228 HOH A O   1 
HETATM 1452 O O   . HOH E 3 .   ? 15.708  8.309   -11.000 1.00 26.62 ? 229 HOH A O   1 
HETATM 1453 O O   . HOH E 3 .   ? 8.765   -10.141 13.141  1.00 28.03 ? 230 HOH A O   1 
HETATM 1454 O O   . HOH E 3 .   ? -8.463  11.924  13.571  1.00 29.23 ? 231 HOH A O   1 
HETATM 1455 O O   . HOH E 3 .   ? 8.756   15.924  -10.699 1.00 32.56 ? 232 HOH A O   1 
HETATM 1456 O O   . HOH E 3 .   ? 13.794  11.738  -13.146 1.00 29.36 ? 233 HOH A O   1 
HETATM 1457 O O   . HOH E 3 .   ? 14.846  -14.313 9.228   1.00 24.17 ? 234 HOH A O   1 
HETATM 1458 O O   . HOH E 3 .   ? 13.329  15.129  -5.149  1.00 35.71 ? 235 HOH A O   1 
HETATM 1459 O O   . HOH E 3 .   ? 5.198   -6.282  -13.669 1.00 37.55 ? 236 HOH A O   1 
HETATM 1460 O O   . HOH E 3 .   ? -0.676  -9.860  -11.882 1.00 31.15 ? 237 HOH A O   1 
HETATM 1461 O O   . HOH E 3 .   ? -13.323 -6.558  8.672   1.00 27.96 ? 238 HOH A O   1 
HETATM 1462 O O   . HOH E 3 .   ? -6.654  8.820   3.814   1.00 21.07 ? 239 HOH A O   1 
HETATM 1463 O O   . HOH E 3 .   ? -0.706  5.106   -17.018 1.00 36.64 ? 240 HOH A O   1 
HETATM 1464 O O   . HOH E 3 .   ? 4.096   20.195  -3.562  1.00 37.40 ? 241 HOH A O   1 
HETATM 1465 O O   . HOH E 3 .   ? 1.636   13.634  -13.581 1.00 39.84 ? 242 HOH A O   1 
HETATM 1466 O O   . HOH E 3 .   ? 9.078   -6.415  0.151   1.00 36.13 ? 243 HOH A O   1 
HETATM 1467 O O   . HOH E 3 .   ? 16.566  -1.710  3.621   1.00 15.73 ? 244 HOH A O   1 
HETATM 1468 O O   . HOH E 3 .   ? -19.134 3.687   -5.821  1.00 21.42 ? 245 HOH A O   1 
HETATM 1469 O O   . HOH E 3 .   ? 17.128  -3.685  -6.581  1.00 30.51 ? 246 HOH A O   1 
HETATM 1470 O O   . HOH E 3 .   ? -17.482 6.321   -7.907  1.00 22.22 ? 247 HOH A O   1 
HETATM 1471 O O   . HOH E 3 .   ? -6.057  13.345  -1.747  1.00 24.48 ? 248 HOH A O   1 
HETATM 1472 O O   . HOH E 3 .   ? 12.928  4.890   5.542   1.00 44.60 ? 249 HOH A O   1 
HETATM 1473 O O   . HOH E 3 .   ? -10.327 2.439   -13.049 1.00 30.43 ? 250 HOH A O   1 
HETATM 1474 O O   . HOH E 3 .   ? 18.514  6.791   -2.034  1.00 31.98 ? 251 HOH A O   1 
HETATM 1475 O O   . HOH E 3 .   ? -14.544 -4.081  8.374   1.00 31.03 ? 252 HOH A O   1 
HETATM 1476 O O   . HOH E 3 .   ? 0.695   21.230  -2.894  1.00 45.56 ? 253 HOH A O   1 
HETATM 1477 O O   . HOH E 3 .   ? 23.045  -1.065  -8.844  1.00 24.80 ? 254 HOH A O   1 
HETATM 1478 O O   . HOH E 3 .   ? -5.519  -11.507 6.851   1.00 32.36 ? 255 HOH A O   1 
HETATM 1479 O O   . HOH E 3 .   ? -12.493 -24.022 7.837   1.00 42.55 ? 256 HOH A O   1 
HETATM 1480 O O   . HOH E 3 .   ? -6.317  -9.389  10.187  1.00 32.80 ? 257 HOH A O   1 
HETATM 1481 O O   . HOH E 3 .   ? -4.318  -9.911  8.697   1.00 28.08 ? 258 HOH A O   1 
HETATM 1482 O O   . HOH E 3 .   ? 11.773  -4.052  10.512  1.00 12.68 ? 259 HOH A O   1 
HETATM 1483 O O   . HOH E 3 .   ? -11.233 -0.652  22.015  1.00 35.32 ? 260 HOH A O   1 
HETATM 1484 O O   . HOH E 3 .   ? 19.767  -0.391  -11.105 1.00 38.70 ? 261 HOH A O   1 
HETATM 1485 O O   . HOH E 3 .   ? -16.864 -1.266  -9.351  1.00 33.41 ? 262 HOH A O   1 
HETATM 1486 O O   . HOH E 3 .   ? 15.561  12.361  -3.259  1.00 36.06 ? 263 HOH A O   1 
HETATM 1487 O O   . HOH E 3 .   ? -15.291 7.791   7.977   1.00 26.61 ? 264 HOH A O   1 
HETATM 1488 O O   . HOH E 3 .   ? -16.007 -1.251  -5.481  1.00 24.75 ? 265 HOH A O   1 
HETATM 1489 O O   . HOH E 3 .   ? -10.587 -1.610  -15.721 1.00 35.41 ? 266 HOH A O   1 
HETATM 1490 O O   . HOH E 3 .   ? 13.670  -14.703 6.664   1.00 25.65 ? 267 HOH A O   1 
HETATM 1491 O O   . HOH E 3 .   ? -13.468 -4.004  -8.573  1.00 24.62 ? 268 HOH A O   1 
HETATM 1492 O O   . HOH E 3 .   ? -14.380 -1.253  -8.106  1.00 23.32 ? 269 HOH A O   1 
HETATM 1493 O O   . HOH E 3 .   ? -16.043 -3.073  -3.199  1.00 23.07 ? 270 HOH A O   1 
HETATM 1494 O O   . HOH E 3 .   ? -7.306  -11.298 9.074   1.00 34.12 ? 271 HOH A O   1 
HETATM 1495 O O   . HOH E 3 .   ? -7.573  12.078  1.529   1.00 33.59 ? 272 HOH A O   1 
HETATM 1496 O O   . HOH E 3 .   ? 0.951   10.022  -14.223 1.00 36.53 ? 273 HOH A O   1 
HETATM 1497 O O   . HOH E 3 .   ? -10.660 -10.491 -6.855  1.00 46.07 ? 274 HOH A O   1 
HETATM 1498 O O   . HOH E 3 .   ? -8.736  10.940  3.807   1.00 28.97 ? 275 HOH A O   1 
HETATM 1499 O O   . HOH E 3 .   ? 12.224  6.098   11.492  1.00 41.28 ? 276 HOH A O   1 
HETATM 1500 O O   . HOH E 3 .   ? 13.545  -10.453 -1.355  1.00 23.95 ? 277 HOH A O   1 
HETATM 1501 O O   . HOH E 3 .   ? -20.633 4.603   0.406   1.00 41.27 ? 278 HOH A O   1 
HETATM 1502 O O   . HOH E 3 .   ? 12.046  3.216   -8.995  1.00 23.03 ? 279 HOH A O   1 
HETATM 1503 O O   . HOH E 3 .   ? 13.156  0.920   -10.340 1.00 32.51 ? 280 HOH A O   1 
HETATM 1504 O O   . HOH E 3 .   ? -9.222  -3.950  -14.481 1.00 28.29 ? 281 HOH A O   1 
HETATM 1505 O O   . HOH E 3 .   ? 6.572   -11.776 0.409   1.00 32.36 ? 282 HOH A O   1 
HETATM 1506 O O   . HOH E 3 .   ? -7.081  5.029   -14.338 1.00 29.92 ? 283 HOH A O   1 
HETATM 1507 O O   . HOH E 3 .   ? 9.199   -11.649 1.015   1.00 27.12 ? 284 HOH A O   1 
HETATM 1508 O O   . HOH E 3 .   ? 15.688  9.655   -0.205  1.00 33.02 ? 285 HOH A O   1 
HETATM 1509 O O   . HOH E 3 .   ? 12.819  14.669  -8.857  1.00 36.86 ? 286 HOH A O   1 
HETATM 1510 O O   . HOH E 3 .   ? -9.178  13.159  -0.856  1.00 31.99 ? 287 HOH A O   1 
HETATM 1511 O O   . HOH E 3 .   ? -18.693 -2.309  21.299  1.00 39.25 ? 288 HOH A O   1 
HETATM 1512 O O   . HOH E 3 .   ? -1.873  0.161   -17.289 1.00 38.08 ? 289 HOH A O   1 
HETATM 1513 O O   . HOH E 3 .   ? -20.780 2.310   1.789   1.00 39.94 ? 290 HOH A O   1 
HETATM 1514 O O   . HOH E 3 .   ? 25.527  0.054   -8.073  1.00 34.42 ? 291 HOH A O   1 
HETATM 1515 O O   . HOH E 3 .   ? 1.547   18.579  0.412   1.00 34.40 ? 292 HOH A O   1 
HETATM 1516 O O   . HOH E 3 .   ? -1.939  -11.231 -9.859  1.00 41.91 ? 293 HOH A O   1 
HETATM 1517 O O   . HOH E 3 .   ? 3.678   10.802  -16.709 1.00 40.56 ? 294 HOH A O   1 
HETATM 1518 O O   . HOH E 3 .   ? -15.029 -8.490  -1.100  1.00 34.66 ? 295 HOH A O   1 
HETATM 1519 O O   . HOH E 3 .   ? -10.400 6.415   17.395  1.00 36.68 ? 296 HOH A O   1 
HETATM 1520 O O   . HOH E 3 .   ? 11.054  -10.099 -0.360  1.00 37.30 ? 297 HOH A O   1 
HETATM 1521 O O   . HOH E 3 .   ? 13.280  -17.288 5.417   1.00 47.76 ? 298 HOH A O   1 
HETATM 1522 O O   . HOH E 3 .   ? -13.602 -12.047 -1.052  1.00 40.11 ? 299 HOH A O   1 
HETATM 1523 O O   . HOH E 3 .   ? 8.367   15.338  8.244   1.00 41.44 ? 300 HOH A O   1 
HETATM 1524 O O   . HOH E 3 .   ? -20.187 1.318   6.073   1.00 32.61 ? 301 HOH A O   1 
HETATM 1525 O O   . HOH E 3 .   ? 0.823   17.002  -12.904 1.00 40.58 ? 302 HOH A O   1 
HETATM 1526 O O   . HOH E 3 .   ? 3.191   6.804   -18.279 1.00 34.01 ? 303 HOH A O   1 
HETATM 1527 O O   . HOH E 3 .   ? 15.290  -5.659  -5.942  1.00 41.55 ? 304 HOH A O   1 
HETATM 1528 O O   . HOH E 3 .   ? 9.894   13.043  4.265   1.00 40.45 ? 305 HOH A O   1 
HETATM 1529 O O   . HOH E 3 .   ? -5.377  5.396   -16.565 1.00 41.75 ? 306 HOH A O   1 
HETATM 1530 O O   . HOH E 3 .   ? 6.705   -3.065  -11.214 1.00 42.54 ? 307 HOH A O   1 
HETATM 1531 O O   . HOH E 3 .   ? 10.681  2.783   8.727   1.00 27.56 ? 308 HOH A O   1 
HETATM 1532 O O   . HOH E 3 .   ? 0.181   19.606  -7.111  1.00 39.04 ? 309 HOH A O   1 
HETATM 1533 O O   . HOH E 3 .   ? 16.607  -1.894  -10.451 1.00 38.78 ? 310 HOH A O   1 
HETATM 1534 O O   . HOH E 3 .   ? -13.854 -2.798  11.493  1.00 34.32 ? 311 HOH A O   1 
HETATM 1535 O O   . HOH E 3 .   ? 0.004   19.669  3.372   1.00 45.11 ? 312 HOH A O   1 
HETATM 1536 O O   . HOH E 3 .   ? 12.152  3.429   11.549  1.00 49.49 ? 313 HOH A O   1 
HETATM 1537 O O   . HOH E 3 .   ? 17.868  -4.297  -9.601  1.00 41.27 ? 314 HOH A O   1 
HETATM 1538 O O   . HOH E 3 .   ? 5.181   8.520   -17.769 1.00 40.22 ? 315 HOH A O   1 
HETATM 1539 O O   . HOH E 3 .   ? 10.244  4.500   7.132   1.00 28.82 ? 316 HOH A O   1 
HETATM 1540 O O   . HOH E 3 .   ? 13.752  -3.705  -8.437  1.00 39.26 ? 317 HOH A O   1 
HETATM 1541 O O   . HOH E 3 .   ? -24.353 -0.358  -4.260  1.00 32.41 ? 318 HOH A O   1 
HETATM 1542 O O   . HOH E 3 .   ? -2.716  -12.736 8.759   1.00 37.52 ? 319 HOH A O   1 
HETATM 1543 O O   . HOH E 3 .   ? -9.914  -21.790 13.604  1.00 42.20 ? 320 HOH A O   1 
HETATM 1544 O O   . HOH E 3 .   ? -0.896  -2.030  -16.102 1.00 32.88 ? 321 HOH A O   1 
HETATM 1545 O O   . HOH E 3 .   ? -8.752  -6.462  -15.324 1.00 45.93 ? 322 HOH A O   1 
HETATM 1546 O O   . HOH E 3 .   ? 4.674   -13.628 -7.831  1.00 42.62 ? 323 HOH A O   1 
HETATM 1547 O O   . HOH E 3 .   ? 11.035  -3.226  -9.471  1.00 37.57 ? 324 HOH A O   1 
HETATM 1548 O O   . HOH E 3 .   ? 15.665  -13.913 -2.493  1.00 33.30 ? 325 HOH A O   1 
HETATM 1549 O O   . HOH E 3 .   ? 5.403   -9.554  2.232   1.00 30.56 ? 326 HOH A O   1 
HETATM 1550 O O   . HOH E 3 .   ? -16.737 10.576  3.609   1.00 36.37 ? 327 HOH A O   1 
HETATM 1551 O O   . HOH E 3 .   ? -21.314 3.185   -4.054  0.33 18.74 ? 328 HOH A O   1 
HETATM 1552 O O   . HOH E 3 .   ? -22.075 0.943   -3.058  0.33 24.09 ? 329 HOH A O   1 
HETATM 1553 O O   . HOH E 3 .   ? 11.776  -2.812  13.123  0.33 14.73 ? 330 HOH A O   1 
HETATM 1554 O O   . HOH E 3 .   ? 9.436   -10.793 15.712  0.33 31.78 ? 331 HOH A O   1 
# 
